data_7SEK
#
_entry.id   7SEK
#
loop_
_entity.id
_entity.type
_entity.pdbx_description
1 polymer 'COBW domain-containing protein 1,Methionine aminopeptidase 1 fusion'
2 non-polymer 'ZINC ION'
#
_entity_poly.entity_id   1
_entity_poly.type   'polypeptide(L)'
_entity_poly.pdbx_seq_one_letter_code
;AEEEYAEDCPELVPIETKNQEMAAVETRVCETDGCSSEAKLQCPTCIKLGIQGSYFCSQECFKGSWATHKLLHKKAKDEK
;
_entity_poly.pdbx_strand_id   A
#
# COMPACT_ATOMS: atom_id res chain seq x y z
N ALA A 1 -7.52 28.33 -15.31
CA ALA A 1 -7.52 27.16 -14.43
C ALA A 1 -6.80 27.46 -13.12
N GLU A 2 -6.99 26.59 -12.14
CA GLU A 2 -6.35 26.76 -10.84
C GLU A 2 -5.13 25.87 -10.71
N GLU A 3 -5.36 24.57 -10.54
CA GLU A 3 -4.26 23.61 -10.41
C GLU A 3 -4.77 22.18 -10.56
N GLU A 4 -3.85 21.23 -10.62
CA GLU A 4 -4.20 19.83 -10.78
C GLU A 4 -3.69 19.00 -9.60
N TYR A 5 -3.96 17.70 -9.63
CA TYR A 5 -3.53 16.80 -8.56
C TYR A 5 -2.00 16.78 -8.46
N ALA A 6 -1.51 16.49 -7.26
CA ALA A 6 -0.07 16.42 -7.02
C ALA A 6 0.35 15.04 -6.52
N GLU A 7 -0.31 14.01 -7.04
CA GLU A 7 0.00 12.64 -6.64
C GLU A 7 1.22 12.11 -7.39
N ASP A 8 1.94 11.19 -6.75
CA ASP A 8 3.13 10.60 -7.36
C ASP A 8 3.35 9.18 -6.86
N CYS A 9 3.95 8.34 -7.70
CA CYS A 9 4.21 6.96 -7.35
C CYS A 9 5.71 6.69 -7.28
N PRO A 10 6.34 7.15 -6.18
CA PRO A 10 7.78 6.97 -5.96
C PRO A 10 8.15 5.51 -5.69
N GLU A 11 9.45 5.24 -5.66
CA GLU A 11 9.93 3.89 -5.41
C GLU A 11 9.42 3.36 -4.07
N LEU A 12 8.72 2.24 -4.11
CA LEU A 12 8.17 1.63 -2.90
C LEU A 12 9.28 1.34 -1.89
N VAL A 13 8.87 0.85 -0.72
CA VAL A 13 9.83 0.53 0.34
C VAL A 13 9.58 -0.86 0.90
N PRO A 14 10.65 -1.48 1.43
CA PRO A 14 10.58 -2.83 2.01
C PRO A 14 9.78 -2.86 3.31
N ILE A 15 9.03 -3.94 3.51
CA ILE A 15 8.22 -4.09 4.72
C ILE A 15 9.10 -4.38 5.93
N GLU A 16 9.09 -3.47 6.89
CA GLU A 16 9.88 -3.63 8.10
C GLU A 16 9.56 -4.95 8.80
N THR A 17 10.43 -5.93 8.63
CA THR A 17 10.22 -7.24 9.23
C THR A 17 10.74 -7.27 10.67
N LYS A 18 10.59 -8.42 11.32
CA LYS A 18 11.04 -8.57 12.71
C LYS A 18 11.55 -9.99 12.95
N ASN A 19 12.05 -10.23 14.17
CA ASN A 19 12.56 -11.54 14.53
C ASN A 19 11.45 -12.57 14.59
N GLN A 20 11.81 -13.80 14.93
CA GLN A 20 10.83 -14.89 15.01
C GLN A 20 10.09 -14.84 16.34
N GLU A 21 9.43 -13.71 16.60
CA GLU A 21 8.68 -13.53 17.84
C GLU A 21 7.48 -14.49 17.88
N MET A 22 7.04 -14.83 19.09
CA MET A 22 5.91 -15.73 19.27
C MET A 22 4.62 -15.09 18.76
N ALA A 23 4.50 -13.78 18.96
CA ALA A 23 3.31 -13.05 18.52
C ALA A 23 3.54 -12.42 17.15
N ALA A 24 3.99 -13.23 16.19
CA ALA A 24 4.25 -12.75 14.85
C ALA A 24 2.99 -12.79 14.00
N VAL A 25 3.05 -12.17 12.83
CA VAL A 25 1.90 -12.13 11.91
C VAL A 25 2.29 -12.62 10.52
N GLU A 26 1.83 -13.81 10.17
CA GLU A 26 2.13 -14.38 8.86
C GLU A 26 1.11 -13.95 7.82
N THR A 27 1.15 -14.59 6.66
CA THR A 27 0.21 -14.27 5.58
C THR A 27 0.45 -12.86 5.04
N ARG A 28 0.96 -12.78 3.82
CA ARG A 28 1.23 -11.48 3.19
C ARG A 28 0.98 -11.54 1.69
N VAL A 29 -0.16 -11.02 1.27
CA VAL A 29 -0.52 -11.02 -0.15
C VAL A 29 -0.59 -9.59 -0.69
N CYS A 30 -0.36 -9.46 -1.99
CA CYS A 30 -0.40 -8.14 -2.61
C CYS A 30 -1.74 -7.49 -2.26
N GLU A 31 -1.66 -6.19 -1.97
CA GLU A 31 -2.85 -5.43 -1.61
C GLU A 31 -3.88 -5.45 -2.74
N THR A 32 -3.40 -5.45 -3.97
CA THR A 32 -4.27 -5.47 -5.14
C THR A 32 -5.22 -6.67 -5.10
N ASP A 33 -6.48 -6.44 -5.41
CA ASP A 33 -7.48 -7.50 -5.41
C ASP A 33 -7.19 -8.52 -6.51
N GLY A 34 -6.69 -8.04 -7.64
CA GLY A 34 -6.38 -8.92 -8.74
C GLY A 34 -4.93 -9.38 -8.74
N CYS A 35 -4.37 -9.54 -7.54
CA CYS A 35 -2.99 -9.98 -7.40
C CYS A 35 -2.82 -10.82 -6.14
N SER A 36 -2.60 -12.12 -6.33
CA SER A 36 -2.42 -13.04 -5.21
C SER A 36 -0.95 -13.43 -5.06
N SER A 37 -0.07 -12.44 -5.16
CA SER A 37 1.36 -12.67 -5.04
C SER A 37 1.84 -12.35 -3.62
N GLU A 38 3.10 -12.72 -3.34
CA GLU A 38 3.68 -12.46 -2.03
C GLU A 38 3.99 -10.99 -1.84
N ALA A 39 3.49 -10.41 -0.75
CA ALA A 39 3.72 -9.00 -0.45
C ALA A 39 5.02 -8.80 0.32
N LYS A 40 5.95 -8.08 -0.29
CA LYS A 40 7.25 -7.82 0.35
C LYS A 40 7.46 -6.32 0.56
N LEU A 41 6.88 -5.52 -0.33
CA LEU A 41 7.00 -4.07 -0.24
C LEU A 41 5.77 -3.46 0.43
N GLN A 42 5.86 -2.18 0.75
CA GLN A 42 4.75 -1.48 1.39
C GLN A 42 4.53 -0.10 0.76
N CYS A 43 3.39 0.50 1.04
CA CYS A 43 3.08 1.81 0.50
C CYS A 43 3.58 2.87 1.49
N PRO A 44 4.41 3.78 0.96
CA PRO A 44 4.98 4.88 1.76
C PRO A 44 3.93 5.91 2.16
N THR A 45 3.17 6.38 1.18
CA THR A 45 2.12 7.38 1.43
C THR A 45 1.09 6.85 2.42
N CYS A 46 0.98 5.54 2.50
CA CYS A 46 0.02 4.90 3.41
C CYS A 46 0.46 5.06 4.85
N ILE A 47 1.74 4.82 5.11
CA ILE A 47 2.28 4.94 6.46
C ILE A 47 2.03 6.32 7.04
N LYS A 48 2.06 7.33 6.19
CA LYS A 48 1.81 8.70 6.61
C LYS A 48 0.32 8.97 6.78
N LEU A 49 -0.45 8.61 5.78
CA LEU A 49 -1.90 8.80 5.82
C LEU A 49 -2.51 8.11 7.04
N GLY A 50 -2.14 6.85 7.24
CA GLY A 50 -2.65 6.10 8.38
C GLY A 50 -3.52 4.94 7.95
N ILE A 51 -3.06 4.19 6.96
CA ILE A 51 -3.81 3.04 6.45
C ILE A 51 -3.11 1.73 6.80
N GLN A 52 -3.89 0.70 7.10
CA GLN A 52 -3.34 -0.60 7.46
C GLN A 52 -2.90 -1.36 6.19
N GLY A 53 -2.25 -2.49 6.40
CA GLY A 53 -1.79 -3.29 5.27
C GLY A 53 -0.97 -2.47 4.28
N SER A 54 -1.48 -2.39 3.05
CA SER A 54 -0.78 -1.64 2.00
C SER A 54 0.56 -2.27 1.68
N TYR A 55 0.55 -3.56 1.34
CA TYR A 55 1.77 -4.28 1.02
C TYR A 55 1.74 -4.78 -0.42
N PHE A 56 2.75 -4.39 -1.19
CA PHE A 56 2.83 -4.81 -2.59
C PHE A 56 3.79 -5.99 -2.75
N CYS A 57 3.75 -6.61 -3.93
CA CYS A 57 4.61 -7.76 -4.21
C CYS A 57 5.84 -7.33 -5.01
N SER A 58 5.69 -6.30 -5.83
CA SER A 58 6.79 -5.79 -6.64
C SER A 58 6.46 -4.41 -7.20
N GLN A 59 7.49 -3.67 -7.58
CA GLN A 59 7.31 -2.33 -8.13
C GLN A 59 6.55 -2.39 -9.45
N GLU A 60 6.97 -3.27 -10.34
CA GLU A 60 6.32 -3.41 -11.64
C GLU A 60 4.81 -3.55 -11.48
N CYS A 61 4.39 -4.20 -10.40
CA CYS A 61 2.97 -4.41 -10.14
C CYS A 61 2.38 -3.18 -9.42
N PHE A 62 3.19 -2.55 -8.59
CA PHE A 62 2.74 -1.37 -7.84
C PHE A 62 2.43 -0.22 -8.79
N LYS A 63 3.31 0.00 -9.77
CA LYS A 63 3.13 1.07 -10.74
C LYS A 63 1.75 1.00 -11.36
N GLY A 64 1.27 -0.21 -11.62
CA GLY A 64 -0.04 -0.40 -12.22
C GLY A 64 -1.17 -0.24 -11.22
N SER A 65 -1.14 -1.06 -10.17
CA SER A 65 -2.16 -1.01 -9.13
C SER A 65 -2.33 0.40 -8.60
N TRP A 66 -1.24 1.16 -8.60
CA TRP A 66 -1.26 2.54 -8.11
C TRP A 66 -2.41 3.32 -8.74
N ALA A 67 -2.72 3.01 -9.99
CA ALA A 67 -3.81 3.68 -10.69
C ALA A 67 -5.09 3.68 -9.86
N THR A 68 -5.30 2.60 -9.11
CA THR A 68 -6.48 2.47 -8.27
C THR A 68 -6.14 2.70 -6.81
N HIS A 69 -4.99 2.19 -6.39
CA HIS A 69 -4.55 2.35 -5.00
C HIS A 69 -4.64 3.80 -4.56
N LYS A 70 -4.14 4.71 -5.40
CA LYS A 70 -4.17 6.14 -5.09
C LYS A 70 -5.59 6.58 -4.71
N LEU A 71 -6.58 5.96 -5.32
CA LEU A 71 -7.98 6.29 -5.05
C LEU A 71 -8.34 5.95 -3.60
N LEU A 72 -7.77 4.87 -3.10
CA LEU A 72 -8.03 4.43 -1.73
C LEU A 72 -7.61 5.50 -0.73
N HIS A 73 -6.48 6.15 -1.00
CA HIS A 73 -5.96 7.19 -0.13
C HIS A 73 -7.04 8.23 0.17
N LYS A 74 -7.87 8.53 -0.84
CA LYS A 74 -8.93 9.50 -0.70
C LYS A 74 -10.26 8.81 -0.44
N LYS A 75 -10.36 8.12 0.69
CA LYS A 75 -11.59 7.42 1.05
C LYS A 75 -12.75 8.40 1.22
N ALA A 76 -13.95 7.86 1.42
CA ALA A 76 -15.13 8.68 1.60
C ALA A 76 -15.47 8.87 3.07
N LYS A 77 -14.92 9.92 3.67
CA LYS A 77 -15.17 10.21 5.09
C LYS A 77 -16.55 10.82 5.29
N ASP A 78 -17.12 10.59 6.47
CA ASP A 78 -18.44 11.11 6.79
C ASP A 78 -18.44 11.75 8.17
N GLU A 79 -19.47 12.56 8.45
CA GLU A 79 -19.59 13.22 9.73
C GLU A 79 -20.91 12.87 10.42
N LYS A 80 -20.82 12.14 11.52
CA LYS A 80 -22.01 11.73 12.27
C LYS A 80 -22.04 12.39 13.64
N ALA A 1 8.94 22.98 -7.75
CA ALA A 1 7.91 22.00 -8.08
C ALA A 1 6.82 21.98 -7.01
N GLU A 2 5.58 21.70 -7.43
CA GLU A 2 4.46 21.65 -6.51
C GLU A 2 3.29 20.87 -7.12
N GLU A 3 2.83 19.86 -6.39
CA GLU A 3 1.72 19.04 -6.85
C GLU A 3 0.46 19.31 -6.03
N GLU A 4 -0.53 19.93 -6.67
CA GLU A 4 -1.79 20.25 -6.00
C GLU A 4 -2.94 19.47 -6.61
N TYR A 5 -3.51 18.56 -5.84
CA TYR A 5 -4.62 17.74 -6.30
C TYR A 5 -4.26 17.00 -7.59
N ALA A 6 -3.09 16.35 -7.59
CA ALA A 6 -2.63 15.62 -8.75
C ALA A 6 -2.27 14.17 -8.38
N GLU A 7 -3.29 13.33 -8.26
CA GLU A 7 -3.07 11.94 -7.91
C GLU A 7 -2.06 11.29 -8.83
N ASP A 8 -0.95 10.84 -8.26
CA ASP A 8 0.11 10.19 -9.04
C ASP A 8 0.57 8.90 -8.36
N CYS A 9 1.28 8.07 -9.12
CA CYS A 9 1.78 6.80 -8.60
C CYS A 9 3.30 6.80 -8.53
N PRO A 10 3.85 7.48 -7.51
CA PRO A 10 5.29 7.58 -7.31
C PRO A 10 5.90 6.26 -6.87
N GLU A 11 7.23 6.22 -6.81
CA GLU A 11 7.94 5.00 -6.42
C GLU A 11 7.41 4.48 -5.07
N LEU A 12 7.84 3.29 -4.71
CA LEU A 12 7.42 2.67 -3.45
C LEU A 12 8.60 2.50 -2.49
N VAL A 13 8.29 2.32 -1.21
CA VAL A 13 9.32 2.14 -0.19
C VAL A 13 9.24 0.76 0.43
N PRO A 14 10.39 0.25 0.91
CA PRO A 14 10.47 -1.07 1.55
C PRO A 14 9.77 -1.09 2.91
N ILE A 15 9.23 -2.25 3.26
CA ILE A 15 8.54 -2.41 4.55
C ILE A 15 9.54 -2.48 5.70
N GLU A 16 9.40 -1.55 6.64
CA GLU A 16 10.28 -1.50 7.80
C GLU A 16 10.09 -2.73 8.69
N THR A 17 11.20 -3.39 9.01
CA THR A 17 11.15 -4.59 9.84
C THR A 17 10.90 -4.23 11.30
N LYS A 18 10.03 -4.99 11.95
CA LYS A 18 9.69 -4.77 13.35
C LYS A 18 9.86 -6.04 14.17
N ASN A 19 9.72 -5.91 15.48
CA ASN A 19 9.86 -7.05 16.38
C ASN A 19 8.66 -8.00 16.25
N GLN A 20 8.90 -9.17 15.67
CA GLN A 20 7.84 -10.16 15.48
C GLN A 20 7.44 -10.78 16.81
N GLU A 21 6.14 -11.04 16.96
CA GLU A 21 5.62 -11.63 18.18
C GLU A 21 4.42 -12.54 17.89
N MET A 22 4.48 -13.77 18.39
CA MET A 22 3.41 -14.73 18.18
C MET A 22 3.11 -14.90 16.69
N ALA A 23 4.17 -14.95 15.88
CA ALA A 23 4.02 -15.11 14.44
C ALA A 23 4.78 -16.33 13.95
N ALA A 24 4.05 -17.44 13.75
CA ALA A 24 4.66 -18.67 13.27
C ALA A 24 4.95 -18.60 11.77
N VAL A 25 3.92 -18.26 10.99
CA VAL A 25 4.07 -18.15 9.55
C VAL A 25 3.63 -16.78 9.05
N GLU A 26 4.60 -15.89 8.88
CA GLU A 26 4.31 -14.54 8.41
C GLU A 26 4.68 -14.39 6.93
N THR A 27 3.74 -14.72 6.06
CA THR A 27 3.96 -14.63 4.62
C THR A 27 3.07 -13.57 3.99
N ARG A 28 3.49 -12.31 4.10
CA ARG A 28 2.72 -11.19 3.55
C ARG A 28 2.38 -11.45 2.08
N VAL A 29 1.36 -10.76 1.59
CA VAL A 29 0.94 -10.91 0.20
C VAL A 29 0.58 -9.56 -0.41
N CYS A 30 0.70 -9.46 -1.73
CA CYS A 30 0.39 -8.22 -2.42
C CYS A 30 -1.03 -7.82 -2.05
N GLU A 31 -1.18 -6.54 -1.71
CA GLU A 31 -2.48 -5.99 -1.33
C GLU A 31 -3.52 -6.26 -2.41
N THR A 32 -3.09 -6.21 -3.66
CA THR A 32 -3.98 -6.45 -4.78
C THR A 32 -4.69 -7.80 -4.65
N ASP A 33 -5.94 -7.84 -5.10
CA ASP A 33 -6.73 -9.07 -5.04
C ASP A 33 -6.26 -10.08 -6.07
N GLY A 34 -5.83 -9.58 -7.23
CA GLY A 34 -5.36 -10.46 -8.28
C GLY A 34 -3.85 -10.65 -8.25
N CYS A 35 -3.29 -10.64 -7.05
CA CYS A 35 -1.85 -10.80 -6.88
C CYS A 35 -1.53 -11.35 -5.49
N SER A 36 -1.14 -12.62 -5.44
CA SER A 36 -0.80 -13.27 -4.17
C SER A 36 0.70 -13.49 -4.05
N SER A 37 1.48 -12.49 -4.48
CA SER A 37 2.93 -12.57 -4.44
C SER A 37 3.46 -11.98 -3.14
N GLU A 38 4.71 -12.28 -2.82
CA GLU A 38 5.34 -11.78 -1.60
C GLU A 38 5.35 -10.25 -1.59
N ALA A 39 4.83 -9.68 -0.51
CA ALA A 39 4.78 -8.22 -0.38
C ALA A 39 6.00 -7.70 0.39
N LYS A 40 6.86 -6.97 -0.31
CA LYS A 40 8.06 -6.41 0.31
C LYS A 40 7.97 -4.90 0.41
N LEU A 41 7.29 -4.29 -0.56
CA LEU A 41 7.14 -2.84 -0.59
C LEU A 41 5.84 -2.43 0.12
N GLN A 42 5.67 -1.12 0.29
CA GLN A 42 4.48 -0.60 0.95
C GLN A 42 4.01 0.70 0.28
N CYS A 43 2.79 1.10 0.57
CA CYS A 43 2.24 2.32 0.00
C CYS A 43 2.56 3.48 0.94
N PRO A 44 3.20 4.51 0.38
CA PRO A 44 3.60 5.71 1.12
C PRO A 44 2.39 6.56 1.52
N THR A 45 1.53 6.85 0.55
CA THR A 45 0.34 7.65 0.79
C THR A 45 -0.57 7.00 1.83
N CYS A 46 -0.46 5.68 1.95
CA CYS A 46 -1.26 4.92 2.89
C CYS A 46 -0.80 5.18 4.33
N ILE A 47 0.51 5.22 4.52
CA ILE A 47 1.08 5.46 5.84
C ILE A 47 0.66 6.82 6.39
N LYS A 48 0.52 7.80 5.49
CA LYS A 48 0.13 9.14 5.87
C LYS A 48 -1.38 9.21 6.12
N LEU A 49 -2.15 8.69 5.18
CA LEU A 49 -3.61 8.70 5.29
C LEU A 49 -4.06 7.96 6.55
N GLY A 50 -3.39 6.84 6.84
CA GLY A 50 -3.74 6.07 8.03
C GLY A 50 -4.37 4.73 7.67
N ILE A 51 -3.93 4.14 6.57
CA ILE A 51 -4.46 2.85 6.12
C ILE A 51 -3.41 1.76 6.28
N GLN A 52 -3.57 0.93 7.32
CA GLN A 52 -2.64 -0.15 7.58
C GLN A 52 -3.02 -1.39 6.77
N GLY A 53 -2.06 -1.89 5.99
CA GLY A 53 -2.31 -3.07 5.18
C GLY A 53 -2.09 -2.81 3.70
N SER A 54 -1.11 -1.97 3.40
CA SER A 54 -0.79 -1.63 2.01
C SER A 54 0.63 -2.07 1.65
N TYR A 55 0.79 -3.36 1.35
CA TYR A 55 2.09 -3.90 0.99
C TYR A 55 2.09 -4.45 -0.43
N PHE A 56 3.04 -3.99 -1.24
CA PHE A 56 3.14 -4.43 -2.63
C PHE A 56 4.29 -5.43 -2.80
N CYS A 57 4.32 -6.09 -3.94
CA CYS A 57 5.36 -7.08 -4.22
C CYS A 57 6.44 -6.47 -5.11
N SER A 58 6.06 -5.51 -5.94
CA SER A 58 7.00 -4.85 -6.84
C SER A 58 6.37 -3.61 -7.46
N GLN A 59 7.22 -2.71 -7.97
CA GLN A 59 6.76 -1.48 -8.59
C GLN A 59 5.98 -1.77 -9.87
N GLU A 60 6.54 -2.64 -10.71
CA GLU A 60 5.91 -3.00 -11.96
C GLU A 60 4.46 -3.43 -11.74
N CYS A 61 4.20 -4.02 -10.58
CA CYS A 61 2.86 -4.48 -10.25
C CYS A 61 2.06 -3.37 -9.56
N PHE A 62 2.76 -2.55 -8.78
CA PHE A 62 2.13 -1.45 -8.06
C PHE A 62 1.49 -0.46 -9.04
N LYS A 63 2.22 -0.10 -10.09
CA LYS A 63 1.73 0.83 -11.09
C LYS A 63 0.39 0.38 -11.63
N GLY A 64 0.26 -0.91 -11.90
CA GLY A 64 -0.98 -1.45 -12.42
C GLY A 64 -2.10 -1.45 -11.38
N SER A 65 -1.85 -2.13 -10.27
CA SER A 65 -2.84 -2.20 -9.19
C SER A 65 -3.29 -0.82 -8.76
N TRP A 66 -2.39 0.16 -8.89
CA TRP A 66 -2.70 1.53 -8.52
C TRP A 66 -4.03 1.98 -9.10
N ALA A 67 -4.35 1.48 -10.30
CA ALA A 67 -5.60 1.82 -10.96
C ALA A 67 -6.79 1.63 -10.02
N THR A 68 -6.70 0.62 -9.18
CA THR A 68 -7.78 0.32 -8.23
C THR A 68 -7.39 0.74 -6.82
N HIS A 69 -6.14 0.49 -6.45
CA HIS A 69 -5.65 0.84 -5.12
C HIS A 69 -5.99 2.29 -4.79
N LYS A 70 -5.75 3.19 -5.73
CA LYS A 70 -6.02 4.60 -5.54
C LYS A 70 -7.44 4.82 -5.06
N LEU A 71 -8.36 3.99 -5.53
CA LEU A 71 -9.77 4.08 -5.14
C LEU A 71 -9.93 3.90 -3.64
N LEU A 72 -9.11 3.03 -3.06
CA LEU A 72 -9.16 2.77 -1.62
C LEU A 72 -8.89 4.04 -0.84
N HIS A 73 -7.93 4.83 -1.29
CA HIS A 73 -7.58 6.08 -0.62
C HIS A 73 -8.81 6.94 -0.41
N LYS A 74 -9.66 7.04 -1.43
CA LYS A 74 -10.88 7.83 -1.35
C LYS A 74 -11.78 7.33 -0.23
N LYS A 75 -12.02 6.02 -0.21
CA LYS A 75 -12.87 5.41 0.80
C LYS A 75 -12.23 5.53 2.18
N ALA A 76 -12.74 6.45 2.99
CA ALA A 76 -12.22 6.65 4.34
C ALA A 76 -13.31 7.15 5.28
N LYS A 77 -13.06 7.05 6.58
CA LYS A 77 -14.02 7.48 7.59
C LYS A 77 -13.93 8.99 7.81
N ASP A 78 -14.98 9.70 7.42
CA ASP A 78 -15.02 11.15 7.58
C ASP A 78 -15.47 11.53 8.99
N GLU A 79 -14.82 12.53 9.57
CA GLU A 79 -15.15 12.98 10.92
C GLU A 79 -15.34 14.50 10.94
N LYS A 80 -16.56 14.94 10.67
CA LYS A 80 -16.87 16.37 10.66
C LYS A 80 -16.81 16.94 12.08
N ALA A 1 -1.78 20.76 -4.92
CA ALA A 1 -1.11 21.90 -5.52
C ALA A 1 -1.51 22.07 -6.98
N GLU A 2 -1.26 21.04 -7.78
CA GLU A 2 -1.60 21.08 -9.19
C GLU A 2 -3.04 20.67 -9.42
N GLU A 3 -3.68 21.27 -10.43
CA GLU A 3 -5.07 20.96 -10.75
C GLU A 3 -5.17 19.69 -11.58
N GLU A 4 -4.29 19.57 -12.58
CA GLU A 4 -4.28 18.40 -13.45
C GLU A 4 -3.90 17.14 -12.68
N TYR A 5 -2.79 17.22 -11.95
CA TYR A 5 -2.31 16.09 -11.16
C TYR A 5 -2.81 16.19 -9.72
N ALA A 6 -3.61 15.21 -9.32
CA ALA A 6 -4.15 15.16 -7.97
C ALA A 6 -3.38 14.18 -7.09
N GLU A 7 -3.60 12.89 -7.33
CA GLU A 7 -2.93 11.85 -6.56
C GLU A 7 -1.56 11.54 -7.15
N ASP A 8 -0.57 11.37 -6.29
CA ASP A 8 0.79 11.06 -6.73
C ASP A 8 1.24 9.70 -6.19
N CYS A 9 2.00 8.98 -7.01
CA CYS A 9 2.49 7.66 -6.63
C CYS A 9 4.00 7.68 -6.43
N PRO A 10 4.44 8.18 -5.27
CA PRO A 10 5.87 8.27 -4.93
C PRO A 10 6.49 6.91 -4.69
N GLU A 11 7.80 6.89 -4.47
CA GLU A 11 8.52 5.64 -4.23
C GLU A 11 7.85 4.84 -3.11
N LEU A 12 8.26 3.58 -2.98
CA LEU A 12 7.70 2.71 -1.96
C LEU A 12 8.71 2.45 -0.83
N VAL A 13 8.32 1.63 0.13
CA VAL A 13 9.20 1.30 1.25
C VAL A 13 9.04 -0.15 1.66
N PRO A 14 10.12 -0.72 2.23
CA PRO A 14 10.13 -2.12 2.67
C PRO A 14 9.25 -2.34 3.90
N ILE A 15 8.65 -3.52 3.98
CA ILE A 15 7.78 -3.86 5.10
C ILE A 15 8.60 -4.12 6.37
N GLU A 16 8.40 -3.27 7.37
CA GLU A 16 9.11 -3.39 8.63
C GLU A 16 8.95 -4.80 9.20
N THR A 17 9.91 -5.22 10.03
CA THR A 17 9.88 -6.54 10.64
C THR A 17 10.76 -6.61 11.87
N LYS A 18 10.49 -7.56 12.75
CA LYS A 18 11.28 -7.73 13.96
C LYS A 18 11.98 -9.08 13.97
N ASN A 19 12.75 -9.34 15.03
CA ASN A 19 13.48 -10.59 15.15
C ASN A 19 13.04 -11.35 16.40
N GLN A 20 12.41 -12.50 16.20
CA GLN A 20 11.94 -13.33 17.29
C GLN A 20 11.04 -12.52 18.23
N GLU A 21 10.17 -11.71 17.65
CA GLU A 21 9.25 -10.88 18.42
C GLU A 21 7.81 -11.36 18.26
N MET A 22 7.46 -11.77 17.05
CA MET A 22 6.11 -12.26 16.77
C MET A 22 6.15 -13.41 15.76
N ALA A 23 5.16 -14.28 15.84
CA ALA A 23 5.07 -15.42 14.94
C ALA A 23 4.82 -14.97 13.50
N ALA A 24 5.59 -15.52 12.57
CA ALA A 24 5.45 -15.17 11.16
C ALA A 24 4.07 -15.53 10.65
N VAL A 25 3.40 -14.56 10.03
CA VAL A 25 2.07 -14.78 9.49
C VAL A 25 2.12 -15.58 8.19
N GLU A 26 0.97 -15.77 7.57
CA GLU A 26 0.88 -16.52 6.32
C GLU A 26 1.60 -15.78 5.20
N THR A 27 1.84 -16.49 4.09
CA THR A 27 2.52 -15.90 2.95
C THR A 27 1.78 -14.67 2.43
N ARG A 28 2.30 -13.49 2.75
CA ARG A 28 1.68 -12.25 2.31
C ARG A 28 1.42 -12.26 0.80
N VAL A 29 0.53 -11.38 0.36
CA VAL A 29 0.19 -11.29 -1.06
C VAL A 29 0.01 -9.84 -1.49
N CYS A 30 0.31 -9.58 -2.76
CA CYS A 30 0.19 -8.22 -3.29
C CYS A 30 -1.23 -7.73 -3.00
N GLU A 31 -1.32 -6.48 -2.59
CA GLU A 31 -2.59 -5.86 -2.28
C GLU A 31 -3.58 -6.03 -3.43
N THR A 32 -3.07 -5.90 -4.65
CA THR A 32 -3.89 -6.05 -5.85
C THR A 32 -4.65 -7.38 -5.84
N ASP A 33 -5.73 -7.44 -6.59
CA ASP A 33 -6.54 -8.65 -6.67
C ASP A 33 -5.87 -9.69 -7.56
N GLY A 34 -5.83 -9.42 -8.87
CA GLY A 34 -5.20 -10.35 -9.79
C GLY A 34 -3.80 -10.73 -9.38
N CYS A 35 -3.09 -9.79 -8.77
CA CYS A 35 -1.72 -10.03 -8.32
C CYS A 35 -1.71 -10.79 -7.00
N SER A 36 -1.37 -12.08 -7.07
CA SER A 36 -1.32 -12.91 -5.87
C SER A 36 0.11 -13.34 -5.57
N SER A 37 1.05 -12.44 -5.80
CA SER A 37 2.46 -12.72 -5.55
C SER A 37 2.88 -12.23 -4.18
N GLU A 38 4.01 -12.74 -3.69
CA GLU A 38 4.52 -12.35 -2.39
C GLU A 38 4.68 -10.84 -2.29
N ALA A 39 4.43 -10.29 -1.10
CA ALA A 39 4.54 -8.86 -0.88
C ALA A 39 5.71 -8.54 0.04
N LYS A 40 6.58 -7.64 -0.42
CA LYS A 40 7.75 -7.24 0.36
C LYS A 40 7.71 -5.75 0.68
N LEU A 41 7.12 -4.97 -0.22
CA LEU A 41 7.02 -3.53 -0.04
C LEU A 41 5.70 -3.17 0.63
N GLN A 42 5.54 -1.88 0.96
CA GLN A 42 4.33 -1.40 1.61
C GLN A 42 3.95 -0.02 1.08
N CYS A 43 2.76 0.44 1.45
CA CYS A 43 2.29 1.74 1.00
C CYS A 43 2.63 2.77 2.09
N PRO A 44 3.36 3.82 1.68
CA PRO A 44 3.77 4.90 2.58
C PRO A 44 2.60 5.76 3.03
N THR A 45 1.80 6.22 2.07
CA THR A 45 0.65 7.06 2.37
C THR A 45 -0.33 6.33 3.28
N CYS A 46 -0.30 5.00 3.24
CA CYS A 46 -1.19 4.19 4.06
C CYS A 46 -0.79 4.27 5.53
N ILE A 47 0.51 4.18 5.79
CA ILE A 47 1.01 4.26 7.15
C ILE A 47 0.56 5.53 7.85
N LYS A 48 0.49 6.62 7.08
CA LYS A 48 0.07 7.91 7.62
C LYS A 48 -1.44 7.96 7.79
N LEU A 49 -2.16 7.61 6.73
CA LEU A 49 -3.62 7.62 6.76
C LEU A 49 -4.15 6.76 7.91
N GLY A 50 -3.61 5.55 8.02
CA GLY A 50 -4.03 4.64 9.07
C GLY A 50 -4.75 3.42 8.53
N ILE A 51 -4.21 2.84 7.47
CA ILE A 51 -4.79 1.66 6.85
C ILE A 51 -3.94 0.43 7.11
N GLN A 52 -4.60 -0.71 7.31
CA GLN A 52 -3.89 -1.97 7.56
C GLN A 52 -3.36 -2.56 6.26
N GLY A 53 -2.52 -3.59 6.39
CA GLY A 53 -1.95 -4.23 5.22
C GLY A 53 -1.21 -3.26 4.32
N SER A 54 -1.70 -3.08 3.10
CA SER A 54 -1.07 -2.18 2.15
C SER A 54 0.34 -2.66 1.79
N TYR A 55 0.43 -3.90 1.36
CA TYR A 55 1.73 -4.49 0.99
C TYR A 55 1.79 -4.75 -0.51
N PHE A 56 2.92 -4.44 -1.11
CA PHE A 56 3.12 -4.63 -2.55
C PHE A 56 4.21 -5.67 -2.80
N CYS A 57 4.27 -6.16 -4.04
CA CYS A 57 5.27 -7.15 -4.41
C CYS A 57 6.47 -6.49 -5.08
N SER A 58 6.21 -5.36 -5.75
CA SER A 58 7.27 -4.63 -6.44
C SER A 58 6.80 -3.24 -6.83
N GLN A 59 7.74 -2.33 -7.07
CA GLN A 59 7.42 -0.97 -7.44
C GLN A 59 6.73 -0.93 -8.80
N GLU A 60 7.30 -1.63 -9.78
CA GLU A 60 6.75 -1.68 -11.11
C GLU A 60 5.27 -2.01 -11.08
N CYS A 61 4.91 -3.00 -10.27
CA CYS A 61 3.52 -3.42 -10.13
C CYS A 61 2.72 -2.40 -9.32
N PHE A 62 3.36 -1.80 -8.33
CA PHE A 62 2.71 -0.81 -7.48
C PHE A 62 2.17 0.34 -8.31
N LYS A 63 2.97 0.80 -9.27
CA LYS A 63 2.56 1.91 -10.13
C LYS A 63 1.24 1.60 -10.83
N GLY A 64 1.08 0.35 -11.26
CA GLY A 64 -0.13 -0.05 -11.94
C GLY A 64 -1.31 -0.16 -10.99
N SER A 65 -1.20 -1.06 -10.02
CA SER A 65 -2.26 -1.27 -9.05
C SER A 65 -2.66 0.04 -8.38
N TRP A 66 -1.70 0.96 -8.28
CA TRP A 66 -1.94 2.25 -7.66
C TRP A 66 -3.20 2.91 -8.24
N ALA A 67 -3.43 2.68 -9.53
CA ALA A 67 -4.60 3.24 -10.20
C ALA A 67 -5.88 2.95 -9.41
N THR A 68 -5.92 1.79 -8.77
CA THR A 68 -7.08 1.39 -8.00
C THR A 68 -6.82 1.54 -6.50
N HIS A 69 -5.62 1.16 -6.06
CA HIS A 69 -5.25 1.27 -4.67
C HIS A 69 -5.54 2.66 -4.12
N LYS A 70 -5.17 3.68 -4.89
CA LYS A 70 -5.39 5.06 -4.49
C LYS A 70 -6.85 5.29 -4.08
N LEU A 71 -7.75 4.59 -4.75
CA LEU A 71 -9.18 4.71 -4.48
C LEU A 71 -9.48 4.26 -3.05
N LEU A 72 -8.77 3.26 -2.57
CA LEU A 72 -8.96 2.74 -1.23
C LEU A 72 -8.72 3.83 -0.18
N HIS A 73 -7.73 4.67 -0.44
CA HIS A 73 -7.40 5.76 0.48
C HIS A 73 -8.64 6.58 0.82
N LYS A 74 -9.50 6.79 -0.18
CA LYS A 74 -10.72 7.56 0.00
C LYS A 74 -11.79 6.72 0.67
N LYS A 75 -11.57 6.38 1.94
CA LYS A 75 -12.52 5.58 2.70
C LYS A 75 -13.84 6.33 2.89
N ALA A 76 -14.79 5.67 3.54
CA ALA A 76 -16.09 6.28 3.79
C ALA A 76 -16.00 7.40 4.83
N LYS A 77 -15.62 8.58 4.37
CA LYS A 77 -15.48 9.73 5.26
C LYS A 77 -16.85 10.26 5.68
N ASP A 78 -17.05 10.40 6.99
CA ASP A 78 -18.31 10.89 7.52
C ASP A 78 -18.07 12.01 8.54
N GLU A 79 -17.65 13.16 8.04
CA GLU A 79 -17.37 14.31 8.90
C GLU A 79 -18.16 15.54 8.44
N LYS A 80 -18.70 16.29 9.40
CA LYS A 80 -19.48 17.49 9.10
C LYS A 80 -18.55 18.65 8.77
N ALA A 1 7.61 18.95 -15.44
CA ALA A 1 7.24 20.09 -14.60
C ALA A 1 5.73 20.16 -14.41
N GLU A 2 5.11 18.99 -14.28
CA GLU A 2 3.66 18.93 -14.08
C GLU A 2 3.25 19.69 -12.82
N GLU A 3 2.64 20.85 -13.03
CA GLU A 3 2.19 21.68 -11.91
C GLU A 3 1.19 20.92 -11.04
N GLU A 4 0.29 20.18 -11.68
CA GLU A 4 -0.72 19.41 -10.95
C GLU A 4 -0.07 18.42 -10.01
N TYR A 5 -0.43 18.50 -8.74
CA TYR A 5 0.12 17.61 -7.72
C TYR A 5 -0.99 16.98 -6.89
N ALA A 6 -1.87 16.23 -7.55
CA ALA A 6 -2.97 15.57 -6.86
C ALA A 6 -2.54 14.23 -6.28
N GLU A 7 -2.36 13.25 -7.14
CA GLU A 7 -1.94 11.91 -6.72
C GLU A 7 -0.59 11.54 -7.32
N ASP A 8 0.36 11.20 -6.46
CA ASP A 8 1.70 10.82 -6.90
C ASP A 8 2.06 9.42 -6.41
N CYS A 9 2.82 8.70 -7.23
CA CYS A 9 3.23 7.34 -6.87
C CYS A 9 4.74 7.28 -6.65
N PRO A 10 5.18 7.78 -5.48
CA PRO A 10 6.60 7.78 -5.12
C PRO A 10 7.14 6.38 -4.84
N GLU A 11 8.36 6.32 -4.33
CA GLU A 11 9.00 5.04 -4.02
C GLU A 11 8.42 4.45 -2.73
N LEU A 12 7.74 3.33 -2.86
CA LEU A 12 7.14 2.67 -1.70
C LEU A 12 8.17 2.43 -0.61
N VAL A 13 7.71 1.98 0.56
CA VAL A 13 8.60 1.72 1.68
C VAL A 13 8.33 0.34 2.27
N PRO A 14 9.38 -0.25 2.87
CA PRO A 14 9.29 -1.58 3.49
C PRO A 14 8.44 -1.57 4.75
N ILE A 15 7.73 -2.67 4.99
CA ILE A 15 6.88 -2.79 6.18
C ILE A 15 7.72 -2.95 7.44
N GLU A 16 7.30 -2.30 8.51
CA GLU A 16 8.01 -2.37 9.79
C GLU A 16 7.68 -3.66 10.52
N THR A 17 8.33 -3.88 11.66
CA THR A 17 8.12 -5.07 12.46
C THR A 17 8.20 -6.33 11.60
N LYS A 18 9.20 -6.38 10.74
CA LYS A 18 9.40 -7.52 9.86
C LYS A 18 10.40 -8.51 10.46
N ASN A 19 10.23 -8.80 11.75
CA ASN A 19 11.11 -9.73 12.44
C ASN A 19 10.83 -11.17 12.03
N GLN A 20 11.88 -11.98 12.00
CA GLN A 20 11.74 -13.39 11.62
C GLN A 20 11.53 -14.26 12.85
N GLU A 21 12.31 -14.01 13.90
CA GLU A 21 12.20 -14.78 15.13
C GLU A 21 11.18 -14.15 16.07
N MET A 22 9.92 -14.13 15.65
CA MET A 22 8.85 -13.56 16.46
C MET A 22 7.49 -14.01 15.96
N ALA A 23 6.55 -14.17 16.88
CA ALA A 23 5.19 -14.60 16.53
C ALA A 23 4.49 -13.55 15.69
N ALA A 24 4.25 -13.85 14.43
CA ALA A 24 3.58 -12.93 13.52
C ALA A 24 3.34 -13.56 12.16
N VAL A 25 2.16 -13.31 11.59
CA VAL A 25 1.81 -13.86 10.29
C VAL A 25 2.89 -13.56 9.26
N GLU A 26 3.31 -14.60 8.53
CA GLU A 26 4.34 -14.45 7.52
C GLU A 26 3.83 -14.89 6.15
N THR A 27 2.57 -14.56 5.87
CA THR A 27 1.95 -14.94 4.60
C THR A 27 1.18 -13.76 4.02
N ARG A 28 1.73 -12.56 4.16
CA ARG A 28 1.08 -11.35 3.64
C ARG A 28 0.78 -11.49 2.15
N VAL A 29 -0.14 -10.67 1.66
CA VAL A 29 -0.52 -10.70 0.25
C VAL A 29 -0.72 -9.29 -0.30
N CYS A 30 -0.42 -9.11 -1.57
CA CYS A 30 -0.57 -7.82 -2.20
C CYS A 30 -2.00 -7.33 -1.97
N GLU A 31 -2.11 -6.05 -1.62
CA GLU A 31 -3.41 -5.44 -1.37
C GLU A 31 -4.31 -5.54 -2.58
N THR A 32 -3.72 -5.45 -3.77
CA THR A 32 -4.47 -5.54 -5.02
C THR A 32 -5.28 -6.83 -5.07
N ASP A 33 -6.46 -6.75 -5.70
CA ASP A 33 -7.34 -7.91 -5.82
C ASP A 33 -6.78 -8.91 -6.83
N GLY A 34 -6.15 -8.40 -7.88
CA GLY A 34 -5.58 -9.25 -8.90
C GLY A 34 -4.11 -9.56 -8.66
N CYS A 35 -3.73 -9.66 -7.39
CA CYS A 35 -2.35 -9.94 -7.02
C CYS A 35 -2.28 -10.57 -5.63
N SER A 36 -1.97 -11.86 -5.59
CA SER A 36 -1.87 -12.59 -4.33
C SER A 36 -0.42 -12.95 -4.03
N SER A 37 0.49 -12.03 -4.32
CA SER A 37 1.91 -12.25 -4.09
C SER A 37 2.32 -11.74 -2.71
N GLU A 38 3.43 -12.26 -2.20
CA GLU A 38 3.93 -11.86 -0.90
C GLU A 38 4.04 -10.34 -0.80
N ALA A 39 3.41 -9.76 0.22
CA ALA A 39 3.45 -8.32 0.43
C ALA A 39 4.53 -7.94 1.43
N LYS A 40 5.53 -7.20 0.97
CA LYS A 40 6.62 -6.76 1.82
C LYS A 40 6.63 -5.25 1.96
N LEU A 41 6.20 -4.55 0.92
CA LEU A 41 6.15 -3.09 0.93
C LEU A 41 4.82 -2.60 1.49
N GLN A 42 4.72 -1.28 1.67
CA GLN A 42 3.50 -0.67 2.20
C GLN A 42 3.22 0.66 1.52
N CYS A 43 2.01 1.16 1.70
CA CYS A 43 1.62 2.43 1.10
C CYS A 43 1.88 3.53 2.11
N PRO A 44 2.66 4.53 1.67
CA PRO A 44 3.03 5.69 2.49
C PRO A 44 1.84 6.60 2.75
N THR A 45 1.14 6.99 1.69
CA THR A 45 -0.02 7.86 1.82
C THR A 45 -1.10 7.24 2.70
N CYS A 46 -1.08 5.91 2.79
CA CYS A 46 -2.05 5.19 3.61
C CYS A 46 -1.75 5.37 5.09
N ILE A 47 -0.47 5.47 5.43
CA ILE A 47 -0.06 5.65 6.82
C ILE A 47 -0.43 7.05 7.32
N LYS A 48 -0.32 8.04 6.44
CA LYS A 48 -0.63 9.41 6.79
C LYS A 48 -2.13 9.66 6.73
N LEU A 49 -2.80 8.99 5.81
CA LEU A 49 -4.25 9.14 5.64
C LEU A 49 -4.99 8.46 6.79
N GLY A 50 -4.57 7.24 7.13
CA GLY A 50 -5.21 6.51 8.20
C GLY A 50 -5.94 5.27 7.72
N ILE A 51 -5.38 4.62 6.70
CA ILE A 51 -5.98 3.41 6.14
C ILE A 51 -5.14 2.18 6.46
N GLN A 52 -5.81 1.11 6.85
CA GLN A 52 -5.13 -0.14 7.19
C GLN A 52 -5.23 -1.14 6.04
N GLY A 53 -4.26 -2.03 5.95
CA GLY A 53 -4.26 -3.03 4.91
C GLY A 53 -3.78 -2.48 3.57
N SER A 54 -2.55 -1.97 3.56
CA SER A 54 -1.97 -1.40 2.34
C SER A 54 -0.55 -1.90 2.14
N TYR A 55 -0.40 -3.19 1.89
CA TYR A 55 0.90 -3.79 1.67
C TYR A 55 1.06 -4.26 0.23
N PHE A 56 2.18 -3.89 -0.39
CA PHE A 56 2.45 -4.27 -1.78
C PHE A 56 3.52 -5.35 -1.85
N CYS A 57 3.67 -5.95 -3.02
CA CYS A 57 4.66 -7.00 -3.22
C CYS A 57 5.91 -6.45 -3.89
N SER A 58 5.74 -5.42 -4.72
CA SER A 58 6.85 -4.81 -5.42
C SER A 58 6.43 -3.48 -6.05
N GLN A 59 7.41 -2.66 -6.41
CA GLN A 59 7.14 -1.36 -7.02
C GLN A 59 6.56 -1.53 -8.42
N GLU A 60 7.15 -2.42 -9.20
CA GLU A 60 6.68 -2.67 -10.56
C GLU A 60 5.18 -2.95 -10.58
N CYS A 61 4.70 -3.62 -9.53
CA CYS A 61 3.28 -3.95 -9.43
C CYS A 61 2.50 -2.80 -8.81
N PHE A 62 3.13 -2.10 -7.87
CA PHE A 62 2.49 -0.97 -7.19
C PHE A 62 2.16 0.14 -8.19
N LYS A 63 3.10 0.43 -9.08
CA LYS A 63 2.91 1.47 -10.08
C LYS A 63 1.60 1.26 -10.85
N GLY A 64 1.30 0.00 -11.13
CA GLY A 64 0.08 -0.33 -11.85
C GLY A 64 -1.15 -0.27 -10.98
N SER A 65 -1.16 -1.07 -9.92
CA SER A 65 -2.30 -1.12 -9.00
C SER A 65 -2.64 0.27 -8.50
N TRP A 66 -1.63 1.13 -8.42
CA TRP A 66 -1.83 2.51 -7.95
C TRP A 66 -2.98 3.16 -8.69
N ALA A 67 -3.14 2.82 -9.96
CA ALA A 67 -4.22 3.39 -10.78
C ALA A 67 -5.56 3.26 -10.08
N THR A 68 -5.73 2.17 -9.33
CA THR A 68 -6.98 1.92 -8.61
C THR A 68 -6.81 2.21 -7.12
N HIS A 69 -5.66 1.83 -6.58
CA HIS A 69 -5.38 2.05 -5.16
C HIS A 69 -5.67 3.50 -4.77
N LYS A 70 -5.16 4.43 -5.57
CA LYS A 70 -5.36 5.85 -5.31
C LYS A 70 -6.84 6.16 -5.10
N LEU A 71 -7.71 5.44 -5.79
CA LEU A 71 -9.15 5.63 -5.67
C LEU A 71 -9.62 5.31 -4.26
N LEU A 72 -9.00 4.30 -3.65
CA LEU A 72 -9.37 3.89 -2.30
C LEU A 72 -9.16 5.03 -1.31
N HIS A 73 -8.06 5.77 -1.49
CA HIS A 73 -7.76 6.89 -0.60
C HIS A 73 -8.95 7.84 -0.49
N LYS A 74 -9.66 8.03 -1.59
CA LYS A 74 -10.82 8.91 -1.62
C LYS A 74 -12.03 8.22 -1.00
N LYS A 75 -11.95 7.96 0.30
CA LYS A 75 -13.04 7.31 1.02
C LYS A 75 -13.76 8.30 1.92
N ALA A 76 -15.08 8.27 1.89
CA ALA A 76 -15.89 9.16 2.72
C ALA A 76 -15.58 8.97 4.20
N LYS A 77 -15.89 9.99 5.00
CA LYS A 77 -15.65 9.93 6.44
C LYS A 77 -16.82 9.29 7.16
N ASP A 78 -16.77 7.97 7.31
CA ASP A 78 -17.83 7.23 7.99
C ASP A 78 -17.38 6.76 9.37
N GLU A 79 -18.28 6.81 10.34
CA GLU A 79 -17.97 6.39 11.69
C GLU A 79 -17.81 4.87 11.77
N LYS A 80 -16.67 4.44 12.30
CA LYS A 80 -16.38 3.01 12.43
C LYS A 80 -16.26 2.61 13.90
N ALA A 1 -6.11 22.92 -20.29
CA ALA A 1 -4.80 22.52 -19.76
C ALA A 1 -4.79 21.03 -19.39
N GLU A 2 -3.60 20.48 -19.21
CA GLU A 2 -3.46 19.07 -18.86
C GLU A 2 -3.51 18.88 -17.35
N GLU A 3 -3.32 17.64 -16.91
CA GLU A 3 -3.34 17.33 -15.48
C GLU A 3 -2.34 18.19 -14.71
N GLU A 4 -2.57 18.35 -13.42
CA GLU A 4 -1.69 19.15 -12.58
C GLU A 4 -0.88 18.26 -11.64
N TYR A 5 0.15 18.84 -11.02
CA TYR A 5 1.01 18.09 -10.11
C TYR A 5 0.39 18.02 -8.72
N ALA A 6 -0.17 16.87 -8.38
CA ALA A 6 -0.79 16.67 -7.08
C ALA A 6 -1.26 15.23 -6.90
N GLU A 7 -1.05 14.69 -5.70
CA GLU A 7 -1.45 13.32 -5.41
C GLU A 7 -0.77 12.34 -6.36
N ASP A 8 0.55 12.42 -6.45
CA ASP A 8 1.31 11.54 -7.32
C ASP A 8 1.60 10.21 -6.65
N CYS A 9 2.39 9.37 -7.30
CA CYS A 9 2.73 8.05 -6.75
C CYS A 9 4.24 7.92 -6.57
N PRO A 10 4.74 8.40 -5.42
CA PRO A 10 6.17 8.35 -5.09
C PRO A 10 6.65 6.92 -4.82
N GLU A 11 7.96 6.76 -4.69
CA GLU A 11 8.54 5.44 -4.43
C GLU A 11 7.90 4.79 -3.21
N LEU A 12 8.27 3.55 -2.95
CA LEU A 12 7.73 2.81 -1.82
C LEU A 12 8.82 2.50 -0.80
N VAL A 13 8.44 1.81 0.28
CA VAL A 13 9.39 1.45 1.33
C VAL A 13 9.19 0.01 1.77
N PRO A 14 10.28 -0.61 2.27
CA PRO A 14 10.25 -2.00 2.74
C PRO A 14 9.44 -2.16 4.02
N ILE A 15 8.76 -3.30 4.15
CA ILE A 15 7.95 -3.57 5.33
C ILE A 15 8.83 -3.87 6.54
N GLU A 16 8.83 -2.96 7.50
CA GLU A 16 9.62 -3.12 8.72
C GLU A 16 8.86 -3.93 9.76
N THR A 17 8.94 -5.26 9.64
CA THR A 17 8.26 -6.15 10.57
C THR A 17 8.94 -7.51 10.61
N LYS A 18 9.18 -8.02 11.82
CA LYS A 18 9.81 -9.31 12.00
C LYS A 18 8.82 -10.34 12.53
N ASN A 19 7.65 -10.41 11.91
CA ASN A 19 6.62 -11.35 12.32
C ASN A 19 6.21 -11.10 13.78
N GLN A 20 6.12 -9.83 14.15
CA GLN A 20 5.75 -9.46 15.52
C GLN A 20 4.27 -9.10 15.59
N GLU A 21 3.64 -9.39 16.73
CA GLU A 21 2.23 -9.10 16.92
C GLU A 21 1.38 -9.78 15.86
N MET A 22 1.70 -11.05 15.59
CA MET A 22 0.95 -11.82 14.60
C MET A 22 0.78 -13.27 15.06
N ALA A 23 -0.32 -13.88 14.65
CA ALA A 23 -0.60 -15.27 15.03
C ALA A 23 -0.20 -16.22 13.91
N ALA A 24 1.02 -16.06 13.41
CA ALA A 24 1.53 -16.92 12.35
C ALA A 24 3.01 -16.67 12.09
N VAL A 25 3.65 -17.57 11.37
CA VAL A 25 5.07 -17.45 11.05
C VAL A 25 5.32 -16.24 10.14
N GLU A 26 4.84 -16.33 8.91
CA GLU A 26 5.02 -15.25 7.94
C GLU A 26 4.26 -15.54 6.66
N THR A 27 3.38 -14.62 6.28
CA THR A 27 2.58 -14.78 5.06
C THR A 27 1.97 -13.45 4.63
N ARG A 28 2.54 -12.85 3.60
CA ARG A 28 2.05 -11.57 3.09
C ARG A 28 1.75 -11.66 1.59
N VAL A 29 0.78 -10.88 1.14
CA VAL A 29 0.40 -10.86 -0.27
C VAL A 29 0.09 -9.44 -0.75
N CYS A 30 0.33 -9.19 -2.01
CA CYS A 30 0.06 -7.88 -2.58
C CYS A 30 -1.39 -7.51 -2.28
N GLU A 31 -1.56 -6.32 -1.72
CA GLU A 31 -2.89 -5.81 -1.37
C GLU A 31 -3.76 -5.67 -2.62
N THR A 32 -3.13 -5.31 -3.73
CA THR A 32 -3.85 -5.13 -4.98
C THR A 32 -4.70 -6.36 -5.31
N ASP A 33 -5.98 -6.13 -5.57
CA ASP A 33 -6.90 -7.22 -5.90
C ASP A 33 -6.40 -8.00 -7.11
N GLY A 34 -6.37 -9.32 -6.97
CA GLY A 34 -5.91 -10.17 -8.06
C GLY A 34 -4.44 -10.48 -7.97
N CYS A 35 -3.64 -9.52 -7.52
CA CYS A 35 -2.20 -9.71 -7.38
C CYS A 35 -1.88 -10.50 -6.13
N SER A 36 -1.51 -11.77 -6.31
CA SER A 36 -1.18 -12.65 -5.20
C SER A 36 0.33 -12.85 -5.11
N SER A 37 1.07 -11.75 -5.22
CA SER A 37 2.53 -11.81 -5.15
C SER A 37 3.02 -11.58 -3.73
N GLU A 38 4.28 -11.92 -3.47
CA GLU A 38 4.87 -11.74 -2.15
C GLU A 38 5.02 -10.27 -1.82
N ALA A 39 4.13 -9.75 -0.97
CA ALA A 39 4.17 -8.35 -0.58
C ALA A 39 5.38 -8.07 0.30
N LYS A 40 6.31 -7.28 -0.22
CA LYS A 40 7.53 -6.93 0.53
C LYS A 40 7.55 -5.44 0.84
N LEU A 41 6.99 -4.63 -0.06
CA LEU A 41 6.96 -3.19 0.13
C LEU A 41 5.66 -2.76 0.82
N GLN A 42 5.58 -1.47 1.14
CA GLN A 42 4.40 -0.93 1.81
C GLN A 42 4.09 0.48 1.31
N CYS A 43 2.90 0.97 1.67
CA CYS A 43 2.50 2.31 1.25
C CYS A 43 2.90 3.29 2.36
N PRO A 44 3.67 4.31 1.95
CA PRO A 44 4.14 5.35 2.87
C PRO A 44 3.01 6.26 3.35
N THR A 45 2.23 6.76 2.40
CA THR A 45 1.12 7.65 2.71
C THR A 45 0.10 6.95 3.61
N CYS A 46 0.08 5.63 3.56
CA CYS A 46 -0.84 4.84 4.38
C CYS A 46 -0.42 4.86 5.84
N ILE A 47 0.88 4.74 6.08
CA ILE A 47 1.41 4.75 7.44
C ILE A 47 1.08 6.04 8.15
N LYS A 48 1.09 7.14 7.40
CA LYS A 48 0.79 8.46 7.97
C LYS A 48 -0.71 8.64 8.14
N LEU A 49 -1.46 8.42 7.06
CA LEU A 49 -2.91 8.57 7.09
C LEU A 49 -3.51 7.77 8.24
N GLY A 50 -2.99 6.57 8.47
CA GLY A 50 -3.49 5.72 9.54
C GLY A 50 -4.14 4.46 9.02
N ILE A 51 -3.64 3.95 7.91
CA ILE A 51 -4.18 2.74 7.31
C ILE A 51 -3.22 1.56 7.46
N GLN A 52 -3.55 0.65 8.36
CA GLN A 52 -2.71 -0.52 8.61
C GLN A 52 -2.67 -1.43 7.39
N GLY A 53 -1.52 -2.06 7.15
CA GLY A 53 -1.37 -2.94 6.02
C GLY A 53 -0.78 -2.24 4.81
N SER A 54 -1.53 -2.25 3.71
CA SER A 54 -1.08 -1.61 2.48
C SER A 54 0.32 -2.09 2.10
N TYR A 55 0.43 -3.38 1.78
CA TYR A 55 1.71 -3.96 1.39
C TYR A 55 1.72 -4.33 -0.08
N PHE A 56 2.74 -3.86 -0.80
CA PHE A 56 2.87 -4.14 -2.22
C PHE A 56 3.95 -5.18 -2.47
N CYS A 57 3.97 -5.72 -3.69
CA CYS A 57 4.94 -6.73 -4.06
C CYS A 57 6.13 -6.11 -4.79
N SER A 58 5.86 -5.02 -5.50
CA SER A 58 6.91 -4.32 -6.26
C SER A 58 6.42 -2.95 -6.72
N GLN A 59 7.37 -2.08 -7.06
CA GLN A 59 7.04 -0.74 -7.52
C GLN A 59 6.30 -0.79 -8.85
N GLU A 60 6.83 -1.57 -9.79
CA GLU A 60 6.22 -1.70 -11.11
C GLU A 60 4.73 -2.01 -10.98
N CYS A 61 4.36 -2.73 -9.93
CA CYS A 61 2.97 -3.10 -9.70
C CYS A 61 2.25 -2.03 -8.88
N PHE A 62 2.99 -1.38 -7.98
CA PHE A 62 2.43 -0.34 -7.14
C PHE A 62 1.92 0.82 -7.98
N LYS A 63 2.75 1.27 -8.92
CA LYS A 63 2.38 2.37 -9.80
C LYS A 63 1.05 2.12 -10.48
N GLY A 64 0.83 0.88 -10.91
CA GLY A 64 -0.41 0.52 -11.58
C GLY A 64 -1.59 0.50 -10.62
N SER A 65 -1.52 -0.35 -9.61
CA SER A 65 -2.58 -0.46 -8.63
C SER A 65 -2.91 0.89 -8.02
N TRP A 66 -1.93 1.78 -8.00
CA TRP A 66 -2.11 3.11 -7.44
C TRP A 66 -3.37 3.77 -8.00
N ALA A 67 -3.66 3.50 -9.26
CA ALA A 67 -4.84 4.05 -9.91
C ALA A 67 -6.08 3.85 -9.06
N THR A 68 -6.13 2.74 -8.33
CA THR A 68 -7.26 2.43 -7.48
C THR A 68 -6.91 2.63 -6.00
N HIS A 69 -5.70 2.22 -5.64
CA HIS A 69 -5.24 2.36 -4.26
C HIS A 69 -5.44 3.78 -3.74
N LYS A 70 -5.07 4.76 -4.56
CA LYS A 70 -5.20 6.15 -4.20
C LYS A 70 -6.63 6.46 -3.74
N LEU A 71 -7.60 5.77 -4.34
CA LEU A 71 -9.00 5.97 -4.00
C LEU A 71 -9.27 5.55 -2.55
N LEU A 72 -8.57 4.52 -2.09
CA LEU A 72 -8.73 4.02 -0.73
C LEU A 72 -8.37 5.10 0.28
N HIS A 73 -7.37 5.91 -0.05
CA HIS A 73 -6.92 6.99 0.82
C HIS A 73 -8.07 7.92 1.17
N LYS A 74 -8.86 8.29 0.16
CA LYS A 74 -9.99 9.18 0.35
C LYS A 74 -11.23 8.40 0.81
N LYS A 75 -11.11 7.76 1.97
CA LYS A 75 -12.21 6.98 2.52
C LYS A 75 -12.82 7.68 3.74
N ALA A 76 -14.13 7.52 3.92
CA ALA A 76 -14.82 8.13 5.04
C ALA A 76 -14.13 7.81 6.37
N LYS A 77 -13.70 8.85 7.08
CA LYS A 77 -13.02 8.67 8.36
C LYS A 77 -14.02 8.72 9.51
N ASP A 78 -13.80 7.87 10.50
CA ASP A 78 -14.68 7.81 11.66
C ASP A 78 -16.14 7.68 11.24
N GLU A 79 -16.38 6.81 10.25
CA GLU A 79 -17.74 6.58 9.76
C GLU A 79 -18.10 5.11 9.81
N LYS A 80 -17.65 4.43 10.86
CA LYS A 80 -17.92 3.00 11.02
C LYS A 80 -19.06 2.77 12.00
N ALA A 1 5.11 18.45 -5.34
CA ALA A 1 4.04 18.73 -6.28
C ALA A 1 4.26 20.08 -6.97
N GLU A 2 4.86 20.04 -8.16
CA GLU A 2 5.13 21.24 -8.92
C GLU A 2 3.89 21.70 -9.68
N GLU A 3 3.38 20.83 -10.55
CA GLU A 3 2.19 21.14 -11.34
C GLU A 3 0.97 20.41 -10.79
N GLU A 4 1.03 19.09 -10.75
CA GLU A 4 -0.07 18.27 -10.26
C GLU A 4 -0.23 18.43 -8.75
N TYR A 5 -1.18 19.26 -8.34
CA TYR A 5 -1.43 19.51 -6.93
C TYR A 5 -2.31 18.41 -6.33
N ALA A 6 -1.78 17.20 -6.28
CA ALA A 6 -2.51 16.06 -5.73
C ALA A 6 -1.59 14.86 -5.53
N GLU A 7 -2.08 13.86 -4.79
CA GLU A 7 -1.30 12.66 -4.53
C GLU A 7 -0.76 12.06 -5.82
N ASP A 8 0.40 11.43 -5.73
CA ASP A 8 1.03 10.82 -6.89
C ASP A 8 1.47 9.39 -6.57
N CYS A 9 2.03 8.72 -7.58
CA CYS A 9 2.49 7.34 -7.40
C CYS A 9 4.02 7.27 -7.50
N PRO A 10 4.69 7.67 -6.42
CA PRO A 10 6.16 7.66 -6.36
C PRO A 10 6.74 6.25 -6.33
N GLU A 11 8.04 6.14 -6.14
CA GLU A 11 8.71 4.85 -6.09
C GLU A 11 8.50 4.17 -4.74
N LEU A 12 7.76 3.07 -4.75
CA LEU A 12 7.49 2.33 -3.52
C LEU A 12 8.77 2.00 -2.78
N VAL A 13 8.63 1.49 -1.55
CA VAL A 13 9.79 1.13 -0.74
C VAL A 13 9.66 -0.30 -0.20
N PRO A 14 10.80 -0.94 0.04
CA PRO A 14 10.85 -2.31 0.56
C PRO A 14 10.38 -2.39 2.01
N ILE A 15 9.72 -3.50 2.36
CA ILE A 15 9.22 -3.70 3.71
C ILE A 15 10.36 -3.93 4.69
N GLU A 16 10.46 -3.06 5.69
CA GLU A 16 11.51 -3.17 6.70
C GLU A 16 10.92 -3.49 8.07
N THR A 17 10.88 -4.78 8.41
CA THR A 17 10.33 -5.22 9.69
C THR A 17 11.35 -6.06 10.46
N LYS A 18 11.81 -5.54 11.58
CA LYS A 18 12.78 -6.24 12.42
C LYS A 18 12.30 -7.66 12.73
N ASN A 19 13.19 -8.46 13.31
CA ASN A 19 12.85 -9.83 13.67
C ASN A 19 12.51 -9.94 15.15
N GLN A 20 11.43 -9.26 15.56
CA GLN A 20 11.00 -9.29 16.95
C GLN A 20 9.55 -8.84 17.07
N GLU A 21 8.88 -9.27 18.14
CA GLU A 21 7.50 -8.91 18.37
C GLU A 21 6.60 -9.44 17.25
N MET A 22 6.82 -10.69 16.85
CA MET A 22 6.04 -11.30 15.80
C MET A 22 5.28 -12.52 16.31
N ALA A 23 4.17 -12.85 15.67
CA ALA A 23 3.36 -13.99 16.06
C ALA A 23 2.89 -14.78 14.85
N ALA A 24 2.15 -15.86 15.10
CA ALA A 24 1.65 -16.70 14.01
C ALA A 24 0.52 -16.01 13.26
N VAL A 25 0.86 -15.41 12.12
CA VAL A 25 -0.13 -14.72 11.31
C VAL A 25 -0.15 -15.26 9.89
N GLU A 26 -0.98 -14.66 9.04
CA GLU A 26 -1.09 -15.08 7.65
C GLU A 26 0.14 -14.67 6.85
N THR A 27 0.22 -15.15 5.62
CA THR A 27 1.35 -14.84 4.75
C THR A 27 1.16 -13.48 4.06
N ARG A 28 2.26 -12.76 3.86
CA ARG A 28 2.21 -11.46 3.21
C ARG A 28 1.91 -11.60 1.73
N VAL A 29 0.97 -10.80 1.24
CA VAL A 29 0.58 -10.84 -0.17
C VAL A 29 0.20 -9.45 -0.68
N CYS A 30 0.22 -9.28 -1.98
CA CYS A 30 -0.12 -8.00 -2.58
C CYS A 30 -1.50 -7.58 -2.06
N GLU A 31 -1.56 -6.35 -1.57
CA GLU A 31 -2.81 -5.80 -1.04
C GLU A 31 -3.86 -5.67 -2.14
N THR A 32 -3.41 -5.36 -3.35
CA THR A 32 -4.30 -5.21 -4.48
C THR A 32 -5.24 -6.41 -4.63
N ASP A 33 -6.53 -6.14 -4.73
CA ASP A 33 -7.53 -7.20 -4.86
C ASP A 33 -7.27 -8.01 -6.12
N GLY A 34 -7.25 -9.34 -5.97
CA GLY A 34 -7.02 -10.21 -7.10
C GLY A 34 -5.57 -10.63 -7.22
N CYS A 35 -4.67 -9.73 -6.85
CA CYS A 35 -3.24 -10.01 -6.91
C CYS A 35 -2.79 -10.86 -5.74
N SER A 36 -2.92 -12.18 -5.87
CA SER A 36 -2.53 -13.10 -4.81
C SER A 36 -1.06 -13.48 -4.95
N SER A 37 -0.20 -12.46 -5.06
CA SER A 37 1.24 -12.69 -5.19
C SER A 37 1.97 -12.31 -3.91
N GLU A 38 3.26 -12.59 -3.86
CA GLU A 38 4.08 -12.27 -2.69
C GLU A 38 4.27 -10.76 -2.57
N ALA A 39 4.07 -10.25 -1.35
CA ALA A 39 4.23 -8.82 -1.09
C ALA A 39 5.57 -8.52 -0.45
N LYS A 40 6.40 -7.74 -1.13
CA LYS A 40 7.71 -7.38 -0.62
C LYS A 40 7.82 -5.87 -0.42
N LEU A 41 7.12 -5.12 -1.26
CA LEU A 41 7.14 -3.66 -1.18
C LEU A 41 6.02 -3.16 -0.26
N GLN A 42 6.00 -1.85 -0.03
CA GLN A 42 4.98 -1.24 0.82
C GLN A 42 4.61 0.15 0.31
N CYS A 43 3.51 0.69 0.83
CA CYS A 43 3.06 2.01 0.42
C CYS A 43 3.59 3.03 1.43
N PRO A 44 4.26 4.06 0.90
CA PRO A 44 4.84 5.13 1.71
C PRO A 44 3.77 6.02 2.33
N THR A 45 2.85 6.50 1.50
CA THR A 45 1.77 7.37 1.96
C THR A 45 0.91 6.67 2.99
N CYS A 46 0.93 5.33 2.98
CA CYS A 46 0.15 4.53 3.91
C CYS A 46 0.75 4.60 5.31
N ILE A 47 2.07 4.64 5.37
CA ILE A 47 2.76 4.69 6.66
C ILE A 47 2.54 6.03 7.35
N LYS A 48 2.45 7.10 6.56
CA LYS A 48 2.23 8.43 7.10
C LYS A 48 0.74 8.67 7.37
N LEU A 49 -0.10 8.07 6.54
CA LEU A 49 -1.55 8.22 6.70
C LEU A 49 -2.04 7.49 7.95
N GLY A 50 -1.71 6.20 8.04
CA GLY A 50 -2.12 5.42 9.20
C GLY A 50 -2.86 4.15 8.80
N ILE A 51 -2.34 3.47 7.79
CA ILE A 51 -2.96 2.23 7.31
C ILE A 51 -2.05 1.04 7.55
N GLN A 52 -2.65 -0.10 7.89
CA GLN A 52 -1.89 -1.32 8.14
C GLN A 52 -1.61 -2.07 6.84
N GLY A 53 -0.68 -3.02 6.90
CA GLY A 53 -0.34 -3.79 5.72
C GLY A 53 0.21 -2.93 4.60
N SER A 54 -0.64 -2.62 3.62
CA SER A 54 -0.23 -1.80 2.49
C SER A 54 1.06 -2.33 1.88
N TYR A 55 1.09 -3.62 1.59
CA TYR A 55 2.27 -4.26 1.00
C TYR A 55 2.01 -4.65 -0.45
N PHE A 56 2.91 -4.26 -1.33
CA PHE A 56 2.79 -4.58 -2.76
C PHE A 56 3.77 -5.66 -3.17
N CYS A 57 3.61 -6.17 -4.37
CA CYS A 57 4.48 -7.22 -4.88
C CYS A 57 5.54 -6.64 -5.83
N SER A 58 5.18 -5.56 -6.51
CA SER A 58 6.09 -4.91 -7.45
C SER A 58 5.54 -3.56 -7.89
N GLN A 59 6.43 -2.70 -8.38
CA GLN A 59 6.04 -1.37 -8.85
C GLN A 59 5.11 -1.47 -10.06
N GLU A 60 5.51 -2.28 -11.04
CA GLU A 60 4.72 -2.46 -12.25
C GLU A 60 3.27 -2.73 -11.92
N CYS A 61 3.03 -3.45 -10.82
CA CYS A 61 1.68 -3.79 -10.38
C CYS A 61 1.09 -2.66 -9.55
N PHE A 62 1.93 -2.00 -8.77
CA PHE A 62 1.49 -0.90 -7.92
C PHE A 62 0.95 0.25 -8.76
N LYS A 63 1.62 0.54 -9.87
CA LYS A 63 1.21 1.62 -10.76
C LYS A 63 -0.24 1.46 -11.18
N GLY A 64 -0.61 0.24 -11.59
CA GLY A 64 -1.97 -0.02 -12.00
C GLY A 64 -2.94 -0.01 -10.84
N SER A 65 -2.67 -0.83 -9.83
CA SER A 65 -3.53 -0.91 -8.67
C SER A 65 -3.73 0.47 -8.04
N TRP A 66 -2.74 1.33 -8.19
CA TRP A 66 -2.81 2.69 -7.64
C TRP A 66 -4.13 3.36 -8.02
N ALA A 67 -4.63 3.04 -9.20
CA ALA A 67 -5.89 3.60 -9.68
C ALA A 67 -6.99 3.46 -8.63
N THR A 68 -6.95 2.36 -7.89
CA THR A 68 -7.94 2.09 -6.86
C THR A 68 -7.36 2.31 -5.46
N HIS A 69 -6.10 1.89 -5.29
CA HIS A 69 -5.42 2.04 -4.01
C HIS A 69 -5.55 3.47 -3.48
N LYS A 70 -5.30 4.44 -4.35
CA LYS A 70 -5.39 5.84 -3.98
C LYS A 70 -6.72 6.15 -3.32
N LEU A 71 -7.77 5.47 -3.77
CA LEU A 71 -9.11 5.67 -3.22
C LEU A 71 -9.15 5.27 -1.74
N LEU A 72 -8.40 4.24 -1.39
CA LEU A 72 -8.35 3.77 -0.01
C LEU A 72 -7.84 4.85 0.93
N HIS A 73 -6.90 5.66 0.43
CA HIS A 73 -6.33 6.74 1.22
C HIS A 73 -7.41 7.69 1.70
N LYS A 74 -8.47 7.83 0.91
CA LYS A 74 -9.59 8.71 1.25
C LYS A 74 -10.83 7.90 1.61
N LYS A 75 -10.92 7.51 2.88
CA LYS A 75 -12.07 6.74 3.35
C LYS A 75 -13.38 7.37 2.89
N ALA A 76 -14.11 6.66 2.05
CA ALA A 76 -15.39 7.15 1.55
C ALA A 76 -16.56 6.60 2.37
N LYS A 77 -16.47 6.77 3.68
CA LYS A 77 -17.53 6.29 4.57
C LYS A 77 -18.73 7.22 4.56
N ASP A 78 -19.77 6.83 3.84
CA ASP A 78 -20.99 7.63 3.74
C ASP A 78 -22.01 7.18 4.77
N GLU A 79 -22.69 8.15 5.39
CA GLU A 79 -23.70 7.85 6.39
C GLU A 79 -24.72 8.98 6.49
N LYS A 80 -25.99 8.61 6.62
CA LYS A 80 -27.06 9.59 6.72
C LYS A 80 -27.20 10.10 8.15
N ALA A 1 7.49 22.99 -0.25
CA ALA A 1 7.06 21.65 -0.65
C ALA A 1 5.59 21.65 -1.07
N GLU A 2 5.33 22.12 -2.28
CA GLU A 2 3.97 22.16 -2.81
C GLU A 2 3.77 21.15 -3.92
N GLU A 3 3.79 19.87 -3.55
CA GLU A 3 3.62 18.80 -4.53
C GLU A 3 2.35 19.00 -5.35
N GLU A 4 1.31 19.51 -4.69
CA GLU A 4 0.03 19.75 -5.35
C GLU A 4 -0.48 18.49 -6.03
N TYR A 5 -0.37 17.36 -5.33
CA TYR A 5 -0.82 16.08 -5.87
C TYR A 5 -1.86 15.45 -4.96
N ALA A 6 -2.93 14.93 -5.57
CA ALA A 6 -4.00 14.29 -4.83
C ALA A 6 -3.97 12.77 -5.01
N GLU A 7 -4.15 12.33 -6.24
CA GLU A 7 -4.15 10.91 -6.55
C GLU A 7 -2.97 10.55 -7.44
N ASP A 8 -1.80 10.40 -6.83
CA ASP A 8 -0.59 10.05 -7.57
C ASP A 8 0.00 8.74 -7.07
N CYS A 9 0.83 8.11 -7.90
CA CYS A 9 1.46 6.85 -7.53
C CYS A 9 2.96 7.01 -7.36
N PRO A 10 3.37 7.61 -6.24
CA PRO A 10 4.79 7.85 -5.93
C PRO A 10 5.54 6.56 -5.64
N GLU A 11 6.78 6.69 -5.17
CA GLU A 11 7.61 5.53 -4.85
C GLU A 11 7.16 4.89 -3.55
N LEU A 12 6.68 3.65 -3.63
CA LEU A 12 6.22 2.93 -2.44
C LEU A 12 7.30 2.93 -1.37
N VAL A 13 6.94 2.42 -0.19
CA VAL A 13 7.88 2.35 0.94
C VAL A 13 7.97 0.93 1.48
N PRO A 14 9.11 0.61 2.10
CA PRO A 14 9.34 -0.72 2.69
C PRO A 14 8.49 -0.97 3.92
N ILE A 15 8.04 -2.21 4.09
CA ILE A 15 7.21 -2.58 5.23
C ILE A 15 8.04 -2.65 6.50
N GLU A 16 7.76 -1.75 7.44
CA GLU A 16 8.48 -1.71 8.71
C GLU A 16 7.53 -1.96 9.88
N THR A 17 7.45 -3.23 10.31
CA THR A 17 6.57 -3.60 11.42
C THR A 17 7.37 -4.16 12.58
N LYS A 18 6.75 -4.24 13.74
CA LYS A 18 7.40 -4.77 14.94
C LYS A 18 7.74 -6.25 14.77
N ASN A 19 8.69 -6.73 15.55
CA ASN A 19 9.10 -8.13 15.48
C ASN A 19 9.63 -8.48 14.11
N GLN A 20 10.55 -7.67 13.61
CA GLN A 20 11.15 -7.90 12.30
C GLN A 20 11.82 -9.26 12.23
N GLU A 21 12.45 -9.65 13.34
CA GLU A 21 13.14 -10.94 13.40
C GLU A 21 12.25 -12.01 14.01
N MET A 22 10.99 -12.04 13.56
CA MET A 22 10.03 -13.02 14.06
C MET A 22 9.51 -13.90 12.93
N ALA A 23 9.23 -15.15 13.25
CA ALA A 23 8.73 -16.11 12.26
C ALA A 23 7.39 -15.64 11.70
N ALA A 24 7.39 -15.22 10.44
CA ALA A 24 6.18 -14.77 9.78
C ALA A 24 5.47 -15.91 9.06
N VAL A 25 6.27 -16.82 8.49
CA VAL A 25 5.72 -17.97 7.78
C VAL A 25 4.96 -17.52 6.53
N GLU A 26 5.61 -16.68 5.73
CA GLU A 26 4.99 -16.18 4.50
C GLU A 26 3.61 -15.60 4.78
N THR A 27 3.52 -14.73 5.78
CA THR A 27 2.27 -14.10 6.16
C THR A 27 2.13 -12.71 5.54
N ARG A 28 2.61 -12.56 4.32
CA ARG A 28 2.54 -11.29 3.62
C ARG A 28 2.40 -11.49 2.12
N VAL A 29 1.19 -11.25 1.62
CA VAL A 29 0.90 -11.41 0.19
C VAL A 29 0.49 -10.08 -0.44
N CYS A 30 0.78 -9.92 -1.72
CA CYS A 30 0.43 -8.70 -2.42
C CYS A 30 -1.06 -8.45 -2.24
N GLU A 31 -1.38 -7.24 -1.80
CA GLU A 31 -2.77 -6.86 -1.58
C GLU A 31 -3.57 -6.93 -2.88
N THR A 32 -2.92 -6.61 -3.99
CA THR A 32 -3.57 -6.64 -5.29
C THR A 32 -4.27 -7.97 -5.52
N ASP A 33 -5.54 -7.91 -5.88
CA ASP A 33 -6.33 -9.11 -6.14
C ASP A 33 -5.72 -9.93 -7.28
N GLY A 34 -5.53 -11.22 -7.03
CA GLY A 34 -4.96 -12.09 -8.04
C GLY A 34 -3.46 -12.24 -7.88
N CYS A 35 -2.79 -11.19 -7.43
CA CYS A 35 -1.35 -11.22 -7.23
C CYS A 35 -1.00 -11.92 -5.92
N SER A 36 -0.65 -13.21 -6.01
CA SER A 36 -0.29 -13.99 -4.84
C SER A 36 1.21 -13.98 -4.62
N SER A 37 1.82 -12.82 -4.80
CA SER A 37 3.27 -12.67 -4.62
C SER A 37 3.61 -12.26 -3.20
N GLU A 38 4.90 -12.19 -2.90
CA GLU A 38 5.36 -11.79 -1.57
C GLU A 38 5.28 -10.28 -1.39
N ALA A 39 4.59 -9.85 -0.35
CA ALA A 39 4.44 -8.42 -0.05
C ALA A 39 5.62 -7.91 0.76
N LYS A 40 6.37 -6.97 0.20
CA LYS A 40 7.52 -6.39 0.88
C LYS A 40 7.34 -4.90 1.08
N LEU A 41 6.62 -4.26 0.15
CA LEU A 41 6.37 -2.83 0.24
C LEU A 41 4.97 -2.55 0.80
N GLN A 42 4.71 -1.29 1.10
CA GLN A 42 3.41 -0.88 1.65
C GLN A 42 2.91 0.39 0.98
N CYS A 43 1.63 0.68 1.16
CA CYS A 43 1.04 1.88 0.57
C CYS A 43 1.20 3.03 1.58
N PRO A 44 1.80 4.12 1.10
CA PRO A 44 2.02 5.31 1.91
C PRO A 44 0.72 6.05 2.24
N THR A 45 -0.08 6.31 1.21
CA THR A 45 -1.35 7.00 1.39
C THR A 45 -2.28 6.23 2.31
N CYS A 46 -2.04 4.93 2.41
CA CYS A 46 -2.86 4.06 3.27
C CYS A 46 -2.55 4.30 4.74
N ILE A 47 -1.26 4.37 5.07
CA ILE A 47 -0.84 4.60 6.44
C ILE A 47 -1.50 5.83 7.02
N LYS A 48 -1.71 6.85 6.19
CA LYS A 48 -2.33 8.09 6.62
C LYS A 48 -3.86 7.95 6.62
N LEU A 49 -4.39 7.38 5.55
CA LEU A 49 -5.84 7.19 5.43
C LEU A 49 -6.38 6.39 6.61
N GLY A 50 -5.74 5.26 6.90
CA GLY A 50 -6.17 4.42 8.00
C GLY A 50 -6.61 3.05 7.55
N ILE A 51 -5.86 2.46 6.63
CA ILE A 51 -6.17 1.14 6.12
C ILE A 51 -5.09 0.13 6.49
N GLN A 52 -5.51 -1.10 6.77
CA GLN A 52 -4.58 -2.15 7.15
C GLN A 52 -3.97 -2.81 5.91
N GLY A 53 -3.08 -3.76 6.14
CA GLY A 53 -2.43 -4.45 5.03
C GLY A 53 -1.81 -3.49 4.04
N SER A 54 -2.43 -3.35 2.88
CA SER A 54 -1.93 -2.46 1.84
C SER A 54 -0.46 -2.72 1.57
N TYR A 55 -0.09 -3.99 1.44
CA TYR A 55 1.29 -4.38 1.19
C TYR A 55 1.46 -4.87 -0.24
N PHE A 56 2.39 -4.26 -0.97
CA PHE A 56 2.64 -4.64 -2.35
C PHE A 56 3.87 -5.53 -2.45
N CYS A 57 4.07 -6.14 -3.61
CA CYS A 57 5.21 -7.02 -3.83
C CYS A 57 6.33 -6.30 -4.57
N SER A 58 5.95 -5.35 -5.42
CA SER A 58 6.92 -4.59 -6.19
C SER A 58 6.27 -3.33 -6.79
N GLN A 59 7.09 -2.36 -7.16
CA GLN A 59 6.60 -1.12 -7.74
C GLN A 59 5.94 -1.38 -9.09
N GLU A 60 6.61 -2.15 -9.94
CA GLU A 60 6.08 -2.47 -11.26
C GLU A 60 4.65 -2.99 -11.16
N CYS A 61 4.35 -3.69 -10.07
CA CYS A 61 3.03 -4.25 -9.85
C CYS A 61 2.11 -3.23 -9.17
N PHE A 62 2.72 -2.39 -8.32
CA PHE A 62 1.96 -1.37 -7.60
C PHE A 62 1.38 -0.34 -8.56
N LYS A 63 2.22 0.13 -9.48
CA LYS A 63 1.80 1.13 -10.46
C LYS A 63 0.53 0.68 -11.19
N GLY A 64 0.50 -0.60 -11.58
CA GLY A 64 -0.65 -1.12 -12.27
C GLY A 64 -1.85 -1.27 -11.37
N SER A 65 -1.70 -2.04 -10.30
CA SER A 65 -2.79 -2.27 -9.35
C SER A 65 -3.35 -0.94 -8.84
N TRP A 66 -2.50 0.07 -8.79
CA TRP A 66 -2.89 1.39 -8.32
C TRP A 66 -4.17 1.84 -9.00
N ALA A 67 -4.34 1.46 -10.27
CA ALA A 67 -5.52 1.83 -11.03
C ALA A 67 -6.80 1.49 -10.27
N THR A 68 -6.76 0.40 -9.51
CA THR A 68 -7.91 -0.03 -8.73
C THR A 68 -7.71 0.27 -7.25
N HIS A 69 -6.48 0.09 -6.77
CA HIS A 69 -6.16 0.34 -5.37
C HIS A 69 -6.65 1.72 -4.94
N LYS A 70 -6.43 2.72 -5.80
CA LYS A 70 -6.84 4.08 -5.51
C LYS A 70 -8.31 4.14 -5.11
N LEU A 71 -9.11 3.28 -5.73
CA LEU A 71 -10.55 3.22 -5.44
C LEU A 71 -10.80 2.90 -3.97
N LEU A 72 -9.94 2.05 -3.41
CA LEU A 72 -10.06 1.67 -2.00
C LEU A 72 -9.96 2.89 -1.09
N HIS A 73 -9.13 3.84 -1.48
CA HIS A 73 -8.94 5.05 -0.70
C HIS A 73 -10.25 5.84 -0.60
N LYS A 74 -11.07 5.75 -1.63
CA LYS A 74 -12.36 6.44 -1.66
C LYS A 74 -13.14 6.18 -0.37
N LYS A 75 -13.03 4.96 0.14
CA LYS A 75 -13.72 4.58 1.37
C LYS A 75 -13.03 5.16 2.59
N ALA A 76 -13.04 6.49 2.69
CA ALA A 76 -12.42 7.18 3.82
C ALA A 76 -13.40 8.11 4.52
N LYS A 77 -12.90 8.88 5.47
CA LYS A 77 -13.73 9.81 6.21
C LYS A 77 -13.75 11.18 5.54
N ASP A 78 -14.48 12.12 6.14
CA ASP A 78 -14.58 13.47 5.60
C ASP A 78 -13.47 14.36 6.17
N GLU A 79 -13.08 15.37 5.41
CA GLU A 79 -12.02 16.29 5.83
C GLU A 79 -12.63 17.57 6.40
N LYS A 80 -13.32 18.33 5.54
CA LYS A 80 -13.95 19.57 5.95
C LYS A 80 -15.11 19.31 6.90
N ALA A 1 3.11 26.02 -0.44
CA ALA A 1 2.09 25.23 -1.11
C ALA A 1 2.60 24.70 -2.44
N GLU A 2 3.23 23.54 -2.41
CA GLU A 2 3.76 22.92 -3.63
C GLU A 2 3.26 21.49 -3.77
N GLU A 3 1.94 21.31 -3.60
CA GLU A 3 1.34 19.99 -3.71
C GLU A 3 0.33 19.96 -4.86
N GLU A 4 0.55 19.06 -5.81
CA GLU A 4 -0.34 18.93 -6.97
C GLU A 4 -1.65 18.28 -6.56
N TYR A 5 -2.71 18.57 -7.31
CA TYR A 5 -4.02 18.01 -7.03
C TYR A 5 -4.15 16.60 -7.60
N ALA A 6 -3.61 16.40 -8.80
CA ALA A 6 -3.65 15.10 -9.45
C ALA A 6 -2.69 14.12 -8.79
N GLU A 7 -3.26 13.15 -8.06
CA GLU A 7 -2.45 12.15 -7.38
C GLU A 7 -1.54 11.42 -8.36
N ASP A 8 -0.40 10.94 -7.87
CA ASP A 8 0.55 10.21 -8.71
C ASP A 8 0.80 8.82 -8.15
N CYS A 9 1.68 8.07 -8.81
CA CYS A 9 2.03 6.73 -8.38
C CYS A 9 3.46 6.65 -7.90
N PRO A 10 3.71 7.15 -6.67
CA PRO A 10 5.04 7.15 -6.07
C PRO A 10 5.52 5.74 -5.70
N GLU A 11 6.83 5.56 -5.71
CA GLU A 11 7.42 4.26 -5.39
C GLU A 11 6.97 3.80 -4.00
N LEU A 12 7.41 2.61 -3.61
CA LEU A 12 7.05 2.04 -2.31
C LEU A 12 8.29 1.86 -1.44
N VAL A 13 8.07 1.47 -0.19
CA VAL A 13 9.17 1.26 0.75
C VAL A 13 9.05 -0.09 1.45
N PRO A 14 10.20 -0.65 1.87
CA PRO A 14 10.25 -1.94 2.55
C PRO A 14 9.66 -1.87 3.96
N ILE A 15 8.98 -2.94 4.36
CA ILE A 15 8.37 -3.01 5.68
C ILE A 15 9.41 -3.16 6.77
N GLU A 16 9.72 -2.06 7.46
CA GLU A 16 10.71 -2.06 8.53
C GLU A 16 10.37 -3.13 9.57
N THR A 17 9.08 -3.31 9.82
CA THR A 17 8.63 -4.29 10.80
C THR A 17 9.24 -5.67 10.53
N LYS A 18 9.29 -6.04 9.25
CA LYS A 18 9.85 -7.32 8.87
C LYS A 18 11.33 -7.18 8.49
N ASN A 19 12.16 -6.88 9.48
CA ASN A 19 13.59 -6.72 9.25
C ASN A 19 14.28 -8.08 9.18
N GLN A 20 14.32 -8.78 10.30
CA GLN A 20 14.96 -10.09 10.37
C GLN A 20 14.17 -11.11 9.54
N GLU A 21 14.87 -12.15 9.09
CA GLU A 21 14.24 -13.20 8.30
C GLU A 21 14.15 -14.50 9.08
N MET A 22 13.07 -14.64 9.85
CA MET A 22 12.86 -15.84 10.66
C MET A 22 11.61 -16.59 10.20
N ALA A 23 11.43 -17.80 10.71
CA ALA A 23 10.29 -18.62 10.35
C ALA A 23 9.09 -18.29 11.23
N ALA A 24 7.88 -18.53 10.71
CA ALA A 24 6.66 -18.26 11.44
C ALA A 24 5.44 -18.81 10.71
N VAL A 25 4.36 -19.05 11.44
CA VAL A 25 3.14 -19.57 10.86
C VAL A 25 2.40 -18.50 10.06
N GLU A 26 2.47 -17.27 10.55
CA GLU A 26 1.81 -16.15 9.88
C GLU A 26 2.69 -15.56 8.78
N THR A 27 2.07 -14.97 7.78
CA THR A 27 2.80 -14.37 6.67
C THR A 27 2.02 -13.21 6.05
N ARG A 28 2.74 -12.18 5.63
CA ARG A 28 2.12 -11.01 5.03
C ARG A 28 1.76 -11.27 3.57
N VAL A 29 0.65 -10.70 3.12
CA VAL A 29 0.19 -10.88 1.75
C VAL A 29 -0.22 -9.55 1.12
N CYS A 30 -0.19 -9.48 -0.20
CA CYS A 30 -0.56 -8.27 -0.89
C CYS A 30 -1.96 -7.85 -0.44
N GLU A 31 -2.06 -6.61 0.01
CA GLU A 31 -3.32 -6.06 0.49
C GLU A 31 -4.39 -6.15 -0.60
N THR A 32 -3.96 -6.11 -1.86
CA THR A 32 -4.88 -6.18 -2.98
C THR A 32 -5.86 -7.34 -2.82
N ASP A 33 -6.97 -7.28 -3.55
CA ASP A 33 -7.98 -8.33 -3.49
C ASP A 33 -7.61 -9.49 -4.41
N GLY A 34 -7.20 -9.17 -5.63
CA GLY A 34 -6.82 -10.20 -6.58
C GLY A 34 -5.34 -10.50 -6.55
N CYS A 35 -4.74 -10.41 -5.37
CA CYS A 35 -3.31 -10.67 -5.21
C CYS A 35 -3.02 -11.29 -3.85
N SER A 36 -2.70 -12.58 -3.85
CA SER A 36 -2.41 -13.30 -2.62
C SER A 36 -0.94 -13.71 -2.57
N SER A 37 -0.06 -12.77 -2.92
CA SER A 37 1.38 -13.03 -2.92
C SER A 37 2.03 -12.43 -1.69
N GLU A 38 3.22 -12.93 -1.35
CA GLU A 38 3.95 -12.43 -0.18
C GLU A 38 4.10 -10.92 -0.24
N ALA A 39 3.78 -10.27 0.88
CA ALA A 39 3.87 -8.81 0.96
C ALA A 39 5.10 -8.39 1.74
N LYS A 40 6.00 -7.65 1.08
CA LYS A 40 7.23 -7.18 1.72
C LYS A 40 7.28 -5.66 1.73
N LEU A 41 6.65 -5.04 0.74
CA LEU A 41 6.63 -3.58 0.64
C LEU A 41 5.44 -3.01 1.40
N GLN A 42 5.39 -1.68 1.48
CA GLN A 42 4.31 -1.01 2.18
C GLN A 42 3.96 0.32 1.50
N CYS A 43 2.82 0.88 1.86
CA CYS A 43 2.38 2.14 1.28
C CYS A 43 2.83 3.27 2.20
N PRO A 44 3.55 4.23 1.61
CA PRO A 44 4.08 5.39 2.33
C PRO A 44 2.97 6.36 2.75
N THR A 45 2.12 6.73 1.80
CA THR A 45 1.02 7.64 2.07
C THR A 45 0.08 7.07 3.12
N CYS A 46 0.09 5.75 3.27
CA CYS A 46 -0.76 5.08 4.24
C CYS A 46 -0.24 5.31 5.66
N ILE A 47 1.07 5.38 5.81
CA ILE A 47 1.69 5.59 7.11
C ILE A 47 1.44 7.01 7.61
N LYS A 48 1.41 7.97 6.69
CA LYS A 48 1.18 9.36 7.03
C LYS A 48 -0.31 9.64 7.19
N LEU A 49 -1.12 8.96 6.39
CA LEU A 49 -2.57 9.13 6.45
C LEU A 49 -3.14 8.51 7.72
N GLY A 50 -2.70 7.30 8.03
CA GLY A 50 -3.18 6.62 9.22
C GLY A 50 -4.06 5.42 8.90
N ILE A 51 -3.63 4.63 7.93
CA ILE A 51 -4.39 3.44 7.53
C ILE A 51 -3.67 2.17 7.93
N GLN A 52 -4.42 1.22 8.49
CA GLN A 52 -3.86 -0.05 8.92
C GLN A 52 -3.96 -1.10 7.81
N GLY A 53 -2.89 -1.86 7.62
CA GLY A 53 -2.89 -2.89 6.59
C GLY A 53 -2.62 -2.33 5.22
N SER A 54 -1.37 -2.02 4.93
CA SER A 54 -0.98 -1.45 3.63
C SER A 54 0.35 -2.03 3.17
N TYR A 55 0.38 -3.34 2.95
CA TYR A 55 1.59 -4.02 2.50
C TYR A 55 1.43 -4.53 1.07
N PHE A 56 2.47 -4.34 0.27
CA PHE A 56 2.45 -4.79 -1.12
C PHE A 56 3.45 -5.92 -1.34
N CYS A 57 3.32 -6.60 -2.48
CA CYS A 57 4.21 -7.70 -2.81
C CYS A 57 5.35 -7.23 -3.72
N SER A 58 5.06 -6.20 -4.52
CA SER A 58 6.06 -5.65 -5.43
C SER A 58 5.56 -4.35 -6.06
N GLN A 59 6.49 -3.58 -6.63
CA GLN A 59 6.14 -2.32 -7.27
C GLN A 59 5.36 -2.56 -8.55
N GLU A 60 5.83 -3.50 -9.36
CA GLU A 60 5.17 -3.83 -10.62
C GLU A 60 3.68 -4.08 -10.42
N CYS A 61 3.33 -4.58 -9.23
CA CYS A 61 1.94 -4.86 -8.90
C CYS A 61 1.28 -3.66 -8.23
N PHE A 62 2.06 -2.95 -7.42
CA PHE A 62 1.55 -1.78 -6.70
C PHE A 62 1.07 -0.72 -7.68
N LYS A 63 1.85 -0.50 -8.74
CA LYS A 63 1.50 0.50 -9.76
C LYS A 63 0.09 0.26 -10.29
N GLY A 64 -0.24 -1.02 -10.54
CA GLY A 64 -1.55 -1.35 -11.04
C GLY A 64 -2.64 -1.19 -10.00
N SER A 65 -2.49 -1.91 -8.89
CA SER A 65 -3.47 -1.85 -7.81
C SER A 65 -3.69 -0.41 -7.36
N TRP A 66 -2.67 0.42 -7.51
CA TRP A 66 -2.75 1.82 -7.12
C TRP A 66 -4.01 2.47 -7.67
N ALA A 67 -4.42 2.05 -8.87
CA ALA A 67 -5.61 2.58 -9.50
C ALA A 67 -6.80 2.56 -8.55
N THR A 68 -6.86 1.54 -7.70
CA THR A 68 -7.94 1.40 -6.74
C THR A 68 -7.48 1.78 -5.34
N HIS A 69 -6.24 1.43 -5.01
CA HIS A 69 -5.68 1.73 -3.70
C HIS A 69 -5.89 3.21 -3.35
N LYS A 70 -5.57 4.09 -4.31
CA LYS A 70 -5.71 5.52 -4.10
C LYS A 70 -7.13 5.86 -3.61
N LEU A 71 -8.10 5.09 -4.07
CA LEU A 71 -9.49 5.31 -3.68
C LEU A 71 -9.68 5.06 -2.19
N LEU A 72 -8.94 4.09 -1.66
CA LEU A 72 -9.03 3.75 -0.24
C LEU A 72 -8.60 4.93 0.62
N HIS A 73 -7.57 5.64 0.19
CA HIS A 73 -7.06 6.80 0.92
C HIS A 73 -8.19 7.78 1.23
N LYS A 74 -9.13 7.91 0.30
CA LYS A 74 -10.26 8.82 0.47
C LYS A 74 -11.54 8.04 0.75
N LYS A 75 -11.47 7.14 1.73
CA LYS A 75 -12.63 6.33 2.10
C LYS A 75 -13.85 7.22 2.36
N ALA A 76 -13.61 8.39 2.94
CA ALA A 76 -14.68 9.32 3.24
C ALA A 76 -15.16 10.03 1.98
N LYS A 77 -16.36 9.67 1.51
CA LYS A 77 -16.92 10.27 0.32
C LYS A 77 -17.00 11.79 0.45
N ASP A 78 -16.45 12.50 -0.53
CA ASP A 78 -16.47 13.96 -0.52
C ASP A 78 -17.33 14.50 -1.66
N GLU A 79 -18.58 14.04 -1.72
CA GLU A 79 -19.49 14.48 -2.77
C GLU A 79 -20.62 15.33 -2.17
N LYS A 80 -21.11 14.92 -1.01
CA LYS A 80 -22.19 15.64 -0.33
C LYS A 80 -21.67 16.93 0.28
N ALA A 1 3.48 26.13 -15.66
CA ALA A 1 2.28 25.30 -15.56
C ALA A 1 1.94 25.01 -14.10
N GLU A 2 0.66 25.13 -13.77
CA GLU A 2 0.20 24.89 -12.41
C GLU A 2 -1.03 23.98 -12.41
N GLU A 3 -1.41 23.51 -11.22
CA GLU A 3 -2.57 22.64 -11.08
C GLU A 3 -3.23 22.82 -9.72
N GLU A 4 -4.35 22.13 -9.51
CA GLU A 4 -5.07 22.21 -8.25
C GLU A 4 -4.94 20.91 -7.45
N TYR A 5 -5.39 19.81 -8.07
CA TYR A 5 -5.32 18.51 -7.41
C TYR A 5 -4.97 17.42 -8.42
N ALA A 6 -4.04 16.55 -8.04
CA ALA A 6 -3.62 15.45 -8.91
C ALA A 6 -2.94 14.35 -8.12
N GLU A 7 -3.15 13.10 -8.52
CA GLU A 7 -2.55 11.96 -7.84
C GLU A 7 -1.20 11.62 -8.45
N ASP A 8 -0.25 11.29 -7.58
CA ASP A 8 1.10 10.93 -8.02
C ASP A 8 1.46 9.52 -7.59
N CYS A 9 2.46 8.93 -8.26
CA CYS A 9 2.90 7.58 -7.94
C CYS A 9 4.30 7.60 -7.33
N PRO A 10 4.38 7.93 -6.04
CA PRO A 10 5.65 8.00 -5.32
C PRO A 10 6.26 6.62 -5.10
N GLU A 11 7.45 6.58 -4.49
CA GLU A 11 8.14 5.33 -4.23
C GLU A 11 7.63 4.70 -2.94
N LEU A 12 7.31 3.41 -2.99
CA LEU A 12 6.82 2.69 -1.82
C LEU A 12 7.90 2.61 -0.74
N VAL A 13 7.53 2.01 0.40
CA VAL A 13 8.47 1.87 1.50
C VAL A 13 8.42 0.45 2.09
N PRO A 14 9.53 0.02 2.69
CA PRO A 14 9.63 -1.31 3.30
C PRO A 14 8.78 -1.43 4.56
N ILE A 15 8.18 -2.61 4.74
CA ILE A 15 7.33 -2.86 5.91
C ILE A 15 8.17 -2.99 7.17
N GLU A 16 7.70 -2.36 8.25
CA GLU A 16 8.40 -2.41 9.52
C GLU A 16 8.16 -3.72 10.25
N THR A 17 8.54 -4.82 9.62
CA THR A 17 8.36 -6.15 10.20
C THR A 17 9.55 -7.05 9.92
N LYS A 18 10.62 -6.86 10.69
CA LYS A 18 11.83 -7.66 10.53
C LYS A 18 12.16 -8.41 11.82
N ASN A 19 11.91 -7.78 12.96
CA ASN A 19 12.18 -8.38 14.25
C ASN A 19 11.52 -9.74 14.37
N GLN A 20 12.12 -10.63 15.15
CA GLN A 20 11.58 -11.97 15.34
C GLN A 20 10.11 -11.92 15.77
N GLU A 21 9.32 -12.85 15.27
CA GLU A 21 7.89 -12.91 15.60
C GLU A 21 7.51 -14.29 16.13
N MET A 22 6.90 -14.31 17.31
CA MET A 22 6.48 -15.56 17.93
C MET A 22 5.45 -16.28 17.07
N ALA A 23 4.56 -15.50 16.45
CA ALA A 23 3.52 -16.07 15.60
C ALA A 23 3.88 -15.89 14.12
N ALA A 24 4.46 -16.93 13.54
CA ALA A 24 4.84 -16.90 12.13
C ALA A 24 3.92 -17.77 11.29
N VAL A 25 2.67 -17.36 11.16
CA VAL A 25 1.69 -18.11 10.38
C VAL A 25 1.12 -17.26 9.25
N GLU A 26 0.94 -15.97 9.52
CA GLU A 26 0.41 -15.05 8.52
C GLU A 26 1.39 -14.86 7.37
N THR A 27 0.88 -14.96 6.15
CA THR A 27 1.71 -14.80 4.96
C THR A 27 1.32 -13.56 4.17
N ARG A 28 2.05 -12.48 4.37
CA ARG A 28 1.78 -11.22 3.68
C ARG A 28 1.67 -11.45 2.17
N VAL A 29 0.65 -10.86 1.56
CA VAL A 29 0.44 -10.99 0.12
C VAL A 29 0.08 -9.66 -0.51
N CYS A 30 0.43 -9.50 -1.77
CA CYS A 30 0.15 -8.27 -2.48
C CYS A 30 -1.35 -7.96 -2.34
N GLU A 31 -1.63 -6.71 -1.95
CA GLU A 31 -3.00 -6.27 -1.76
C GLU A 31 -3.82 -6.48 -3.04
N THR A 32 -3.17 -6.29 -4.19
CA THR A 32 -3.83 -6.45 -5.47
C THR A 32 -4.49 -7.83 -5.58
N ASP A 33 -5.80 -7.83 -5.78
CA ASP A 33 -6.55 -9.08 -5.91
C ASP A 33 -5.93 -9.99 -6.96
N GLY A 34 -5.41 -9.38 -8.02
CA GLY A 34 -4.78 -10.15 -9.08
C GLY A 34 -3.28 -10.30 -8.90
N CYS A 35 -2.86 -10.44 -7.65
CA CYS A 35 -1.45 -10.59 -7.32
C CYS A 35 -1.26 -11.27 -5.97
N SER A 36 -0.87 -12.54 -6.01
CA SER A 36 -0.67 -13.31 -4.78
C SER A 36 0.83 -13.48 -4.49
N SER A 37 1.58 -12.40 -4.63
CA SER A 37 3.03 -12.43 -4.39
C SER A 37 3.35 -11.99 -2.96
N GLU A 38 4.56 -12.30 -2.52
CA GLU A 38 4.99 -11.94 -1.17
C GLU A 38 4.99 -10.43 -0.99
N ALA A 39 4.22 -9.96 -0.01
CA ALA A 39 4.13 -8.53 0.27
C ALA A 39 5.21 -8.09 1.24
N LYS A 40 6.15 -7.29 0.75
CA LYS A 40 7.25 -6.79 1.58
C LYS A 40 7.18 -5.28 1.72
N LEU A 41 6.62 -4.62 0.72
CA LEU A 41 6.48 -3.17 0.74
C LEU A 41 5.12 -2.75 1.29
N GLN A 42 4.98 -1.46 1.59
CA GLN A 42 3.74 -0.93 2.13
C GLN A 42 3.37 0.38 1.46
N CYS A 43 2.13 0.81 1.62
CA CYS A 43 1.67 2.05 1.02
C CYS A 43 1.87 3.17 2.05
N PRO A 44 2.63 4.19 1.62
CA PRO A 44 2.93 5.36 2.46
C PRO A 44 1.71 6.23 2.70
N THR A 45 1.02 6.58 1.62
CA THR A 45 -0.18 7.42 1.71
C THR A 45 -1.24 6.75 2.58
N CYS A 46 -1.18 5.44 2.69
CA CYS A 46 -2.14 4.68 3.49
C CYS A 46 -1.89 4.89 4.98
N ILE A 47 -0.63 4.76 5.38
CA ILE A 47 -0.26 4.94 6.78
C ILE A 47 -0.80 6.25 7.33
N LYS A 48 -0.85 7.27 6.48
CA LYS A 48 -1.35 8.58 6.88
C LYS A 48 -2.87 8.63 6.79
N LEU A 49 -3.41 8.19 5.66
CA LEU A 49 -4.85 8.19 5.46
C LEU A 49 -5.57 7.50 6.60
N GLY A 50 -5.28 6.21 6.78
CA GLY A 50 -5.91 5.45 7.85
C GLY A 50 -6.49 4.13 7.37
N ILE A 51 -5.77 3.47 6.48
CA ILE A 51 -6.22 2.19 5.93
C ILE A 51 -5.31 1.05 6.41
N GLN A 52 -5.92 -0.10 6.69
CA GLN A 52 -5.18 -1.27 7.14
C GLN A 52 -4.46 -1.94 5.99
N GLY A 53 -3.67 -2.96 6.30
CA GLY A 53 -2.94 -3.67 5.27
C GLY A 53 -2.13 -2.75 4.39
N SER A 54 -2.49 -2.68 3.11
CA SER A 54 -1.78 -1.83 2.16
C SER A 54 -0.34 -2.27 2.00
N TYR A 55 -0.16 -3.53 1.59
CA TYR A 55 1.18 -4.09 1.39
C TYR A 55 1.37 -4.54 -0.05
N PHE A 56 2.50 -4.15 -0.63
CA PHE A 56 2.81 -4.52 -2.01
C PHE A 56 3.95 -5.53 -2.07
N CYS A 57 4.13 -6.14 -3.23
CA CYS A 57 5.18 -7.14 -3.41
C CYS A 57 6.43 -6.52 -4.06
N SER A 58 6.21 -5.47 -4.86
CA SER A 58 7.30 -4.79 -5.53
C SER A 58 6.83 -3.48 -6.13
N GLN A 59 7.78 -2.58 -6.40
CA GLN A 59 7.47 -1.28 -6.98
C GLN A 59 6.91 -1.44 -8.39
N GLU A 60 7.56 -2.26 -9.20
CA GLU A 60 7.12 -2.50 -10.57
C GLU A 60 5.64 -2.84 -10.62
N CYS A 61 5.20 -3.68 -9.68
CA CYS A 61 3.81 -4.09 -9.61
C CYS A 61 2.94 -3.01 -8.98
N PHE A 62 3.53 -2.27 -8.03
CA PHE A 62 2.82 -1.20 -7.34
C PHE A 62 2.45 -0.08 -8.31
N LYS A 63 3.40 0.29 -9.16
CA LYS A 63 3.18 1.35 -10.15
C LYS A 63 1.90 1.10 -10.94
N GLY A 64 1.63 -0.17 -11.22
CA GLY A 64 0.43 -0.52 -11.97
C GLY A 64 -0.81 -0.55 -11.11
N SER A 65 -0.76 -1.34 -10.04
CA SER A 65 -1.89 -1.46 -9.12
C SER A 65 -2.33 -0.10 -8.60
N TRP A 66 -1.37 0.82 -8.51
CA TRP A 66 -1.65 2.17 -8.03
C TRP A 66 -2.85 2.77 -8.76
N ALA A 67 -2.99 2.43 -10.03
CA ALA A 67 -4.10 2.93 -10.84
C ALA A 67 -5.44 2.69 -10.15
N THR A 68 -5.53 1.57 -9.43
CA THR A 68 -6.76 1.22 -8.73
C THR A 68 -6.63 1.51 -7.23
N HIS A 69 -5.47 1.19 -6.67
CA HIS A 69 -5.22 1.40 -5.25
C HIS A 69 -5.59 2.83 -4.85
N LYS A 70 -5.16 3.80 -5.65
CA LYS A 70 -5.45 5.20 -5.38
C LYS A 70 -6.94 5.41 -5.16
N LEU A 71 -7.75 4.65 -5.88
CA LEU A 71 -9.20 4.76 -5.76
C LEU A 71 -9.67 4.32 -4.38
N LEU A 72 -8.98 3.32 -3.81
CA LEU A 72 -9.32 2.82 -2.49
C LEU A 72 -9.19 3.90 -1.43
N HIS A 73 -8.19 4.76 -1.60
CA HIS A 73 -7.95 5.85 -0.65
C HIS A 73 -9.20 6.69 -0.47
N LYS A 74 -9.96 6.86 -1.55
CA LYS A 74 -11.19 7.64 -1.50
C LYS A 74 -12.20 7.03 -0.53
N LYS A 75 -12.28 5.71 -0.53
CA LYS A 75 -13.19 4.99 0.36
C LYS A 75 -12.61 4.88 1.77
N ALA A 76 -12.41 6.03 2.41
CA ALA A 76 -11.87 6.05 3.76
C ALA A 76 -12.36 7.27 4.53
N LYS A 77 -12.05 7.32 5.82
CA LYS A 77 -12.46 8.43 6.66
C LYS A 77 -11.44 8.69 7.77
N ASP A 78 -11.11 9.95 7.99
CA ASP A 78 -10.15 10.34 9.01
C ASP A 78 -10.86 10.86 10.26
N GLU A 79 -10.08 11.15 11.30
CA GLU A 79 -10.64 11.65 12.55
C GLU A 79 -11.20 13.06 12.36
N LYS A 80 -10.35 13.98 11.91
CA LYS A 80 -10.76 15.35 11.70
C LYS A 80 -11.75 15.46 10.55
N ALA A 1 1.31 19.58 -18.92
CA ALA A 1 0.54 18.46 -18.40
C ALA A 1 -0.93 18.82 -18.26
N GLU A 2 -1.20 19.90 -17.53
CA GLU A 2 -2.56 20.36 -17.30
C GLU A 2 -3.41 19.25 -16.70
N GLU A 3 -2.87 18.55 -15.71
CA GLU A 3 -3.57 17.46 -15.04
C GLU A 3 -4.30 17.98 -13.80
N GLU A 4 -5.18 17.14 -13.26
CA GLU A 4 -5.94 17.50 -12.07
C GLU A 4 -6.18 16.29 -11.18
N TYR A 5 -6.58 16.55 -9.93
CA TYR A 5 -6.83 15.47 -8.99
C TYR A 5 -5.83 14.33 -9.15
N ALA A 6 -4.57 14.70 -9.33
CA ALA A 6 -3.51 13.70 -9.51
C ALA A 6 -2.53 13.74 -8.34
N GLU A 7 -2.09 12.55 -7.91
CA GLU A 7 -1.16 12.44 -6.80
C GLU A 7 0.24 12.09 -7.29
N ASP A 8 1.16 11.89 -6.36
CA ASP A 8 2.53 11.55 -6.70
C ASP A 8 2.87 10.13 -6.25
N CYS A 9 3.38 9.33 -7.18
CA CYS A 9 3.75 7.95 -6.88
C CYS A 9 5.26 7.75 -6.94
N PRO A 10 5.95 8.20 -5.88
CA PRO A 10 7.41 8.08 -5.80
C PRO A 10 7.87 6.64 -5.61
N GLU A 11 9.17 6.46 -5.37
CA GLU A 11 9.74 5.13 -5.18
C GLU A 11 9.18 4.48 -3.91
N LEU A 12 9.28 3.15 -3.85
CA LEU A 12 8.79 2.41 -2.70
C LEU A 12 9.94 1.98 -1.79
N VAL A 13 9.60 1.46 -0.61
CA VAL A 13 10.60 1.00 0.34
C VAL A 13 10.31 -0.41 0.81
N PRO A 14 11.37 -1.14 1.21
CA PRO A 14 11.24 -2.52 1.69
C PRO A 14 10.56 -2.60 3.05
N ILE A 15 9.79 -3.65 3.26
CA ILE A 15 9.08 -3.85 4.53
C ILE A 15 10.05 -4.22 5.64
N GLU A 16 10.41 -3.24 6.47
CA GLU A 16 11.33 -3.46 7.58
C GLU A 16 10.62 -4.17 8.73
N THR A 17 9.49 -3.62 9.15
CA THR A 17 8.72 -4.20 10.25
C THR A 17 8.44 -5.68 10.00
N LYS A 18 9.17 -6.54 10.72
CA LYS A 18 9.00 -7.98 10.59
C LYS A 18 7.55 -8.39 10.82
N ASN A 19 7.12 -8.31 12.08
CA ASN A 19 5.76 -8.67 12.44
C ASN A 19 5.44 -8.23 13.88
N GLN A 20 4.61 -7.21 14.01
CA GLN A 20 4.23 -6.70 15.32
C GLN A 20 3.09 -7.54 15.92
N GLU A 21 2.01 -7.69 15.17
CA GLU A 21 0.87 -8.47 15.62
C GLU A 21 1.15 -9.96 15.56
N MET A 22 1.39 -10.56 16.73
CA MET A 22 1.68 -11.99 16.80
C MET A 22 0.55 -12.81 16.20
N ALA A 23 0.87 -13.64 15.22
CA ALA A 23 -0.12 -14.47 14.56
C ALA A 23 0.51 -15.74 13.99
N ALA A 24 -0.16 -16.87 14.19
CA ALA A 24 0.35 -18.15 13.69
C ALA A 24 -0.10 -18.39 12.26
N VAL A 25 0.76 -19.04 11.48
CA VAL A 25 0.45 -19.33 10.08
C VAL A 25 0.01 -18.07 9.34
N GLU A 26 0.87 -17.07 9.32
CA GLU A 26 0.57 -15.81 8.64
C GLU A 26 1.45 -15.63 7.41
N THR A 27 1.06 -14.69 6.55
CA THR A 27 1.82 -14.41 5.34
C THR A 27 1.56 -12.99 4.84
N ARG A 28 2.48 -12.47 4.04
CA ARG A 28 2.34 -11.13 3.49
C ARG A 28 2.10 -11.17 1.98
N VAL A 29 1.04 -10.49 1.54
CA VAL A 29 0.70 -10.46 0.12
C VAL A 29 0.46 -9.03 -0.35
N CYS A 30 0.52 -8.83 -1.66
CA CYS A 30 0.31 -7.51 -2.22
C CYS A 30 -1.03 -6.98 -1.71
N GLU A 31 -1.06 -5.67 -1.46
CA GLU A 31 -2.26 -5.01 -0.96
C GLU A 31 -3.06 -4.39 -2.10
N THR A 32 -2.92 -4.98 -3.29
CA THR A 32 -3.63 -4.49 -4.48
C THR A 32 -4.80 -5.39 -4.82
N ASP A 33 -5.91 -4.77 -5.25
CA ASP A 33 -7.11 -5.51 -5.62
C ASP A 33 -6.78 -6.62 -6.61
N GLY A 34 -7.10 -7.85 -6.24
CA GLY A 34 -6.83 -8.98 -7.13
C GLY A 34 -5.43 -9.52 -6.96
N CYS A 35 -4.44 -8.63 -7.01
CA CYS A 35 -3.04 -9.04 -6.86
C CYS A 35 -2.84 -9.87 -5.61
N SER A 36 -2.70 -11.18 -5.79
CA SER A 36 -2.51 -12.09 -4.66
C SER A 36 -1.08 -12.63 -4.65
N SER A 37 -0.12 -11.76 -4.94
CA SER A 37 1.28 -12.14 -4.96
C SER A 37 1.95 -11.83 -3.63
N GLU A 38 3.24 -12.11 -3.53
CA GLU A 38 3.99 -11.86 -2.31
C GLU A 38 4.34 -10.38 -2.17
N ALA A 39 4.07 -9.82 -1.00
CA ALA A 39 4.36 -8.41 -0.74
C ALA A 39 5.72 -8.24 -0.08
N LYS A 40 6.58 -7.45 -0.71
CA LYS A 40 7.92 -7.20 -0.17
C LYS A 40 8.12 -5.72 0.11
N LEU A 41 7.49 -4.88 -0.69
CA LEU A 41 7.59 -3.43 -0.51
C LEU A 41 6.42 -2.89 0.30
N GLN A 42 6.49 -1.61 0.63
CA GLN A 42 5.44 -0.96 1.41
C GLN A 42 5.17 0.46 0.90
N CYS A 43 4.08 1.05 1.37
CA CYS A 43 3.74 2.40 0.97
C CYS A 43 4.33 3.38 1.97
N PRO A 44 5.12 4.33 1.43
CA PRO A 44 5.79 5.35 2.24
C PRO A 44 4.80 6.36 2.82
N THR A 45 3.94 6.90 1.96
CA THR A 45 2.95 7.87 2.39
C THR A 45 2.01 7.29 3.44
N CYS A 46 1.89 5.96 3.44
CA CYS A 46 1.03 5.28 4.39
C CYS A 46 1.63 5.32 5.79
N ILE A 47 2.94 5.06 5.88
CA ILE A 47 3.63 5.06 7.15
C ILE A 47 3.47 6.40 7.86
N LYS A 48 3.45 7.48 7.09
CA LYS A 48 3.31 8.82 7.63
C LYS A 48 1.85 9.10 8.00
N LEU A 49 0.95 8.85 7.07
CA LEU A 49 -0.47 9.09 7.29
C LEU A 49 -0.96 8.32 8.53
N GLY A 50 -0.55 7.06 8.64
CA GLY A 50 -0.95 6.25 9.77
C GLY A 50 -1.89 5.12 9.38
N ILE A 51 -1.67 4.56 8.20
CA ILE A 51 -2.50 3.47 7.71
C ILE A 51 -1.81 2.13 7.89
N GLN A 52 -2.59 1.10 8.22
CA GLN A 52 -2.05 -0.24 8.42
C GLN A 52 -2.49 -1.18 7.30
N GLY A 53 -1.52 -1.79 6.62
CA GLY A 53 -1.83 -2.70 5.54
C GLY A 53 -1.56 -2.11 4.18
N SER A 54 -0.29 -1.75 3.94
CA SER A 54 0.10 -1.16 2.67
C SER A 54 1.40 -1.78 2.15
N TYR A 55 1.35 -3.07 1.85
CA TYR A 55 2.52 -3.79 1.35
C TYR A 55 2.33 -4.20 -0.11
N PHE A 56 3.24 -3.75 -0.96
CA PHE A 56 3.18 -4.07 -2.39
C PHE A 56 4.12 -5.22 -2.72
N CYS A 57 3.97 -5.76 -3.93
CA CYS A 57 4.81 -6.86 -4.39
C CYS A 57 5.94 -6.36 -5.27
N SER A 58 5.69 -5.28 -5.99
CA SER A 58 6.69 -4.69 -6.88
C SER A 58 6.30 -3.28 -7.28
N GLN A 59 7.29 -2.49 -7.71
CA GLN A 59 7.06 -1.12 -8.12
C GLN A 59 6.14 -1.06 -9.34
N GLU A 60 6.46 -1.86 -10.35
CA GLU A 60 5.67 -1.91 -11.57
C GLU A 60 4.18 -2.08 -11.25
N CYS A 61 3.90 -2.84 -10.19
CA CYS A 61 2.52 -3.08 -9.78
C CYS A 61 1.99 -1.93 -8.94
N PHE A 62 2.88 -1.33 -8.14
CA PHE A 62 2.50 -0.22 -7.28
C PHE A 62 2.06 0.98 -8.11
N LYS A 63 2.72 1.19 -9.25
CA LYS A 63 2.39 2.30 -10.14
C LYS A 63 0.93 2.25 -10.56
N GLY A 64 0.51 1.11 -11.09
CA GLY A 64 -0.87 0.96 -11.52
C GLY A 64 -1.85 0.97 -10.36
N SER A 65 -1.58 0.15 -9.35
CA SER A 65 -2.45 0.08 -8.18
C SER A 65 -2.65 1.46 -7.56
N TRP A 66 -1.62 2.30 -7.66
CA TRP A 66 -1.68 3.64 -7.10
C TRP A 66 -2.95 4.35 -7.53
N ALA A 67 -3.41 4.05 -8.74
CA ALA A 67 -4.62 4.67 -9.28
C ALA A 67 -5.77 4.54 -8.29
N THR A 68 -5.81 3.42 -7.56
CA THR A 68 -6.87 3.18 -6.58
C THR A 68 -6.34 3.36 -5.16
N HIS A 69 -5.14 2.86 -4.92
CA HIS A 69 -4.53 2.97 -3.59
C HIS A 69 -4.59 4.40 -3.07
N LYS A 70 -4.26 5.36 -3.93
CA LYS A 70 -4.28 6.76 -3.56
C LYS A 70 -5.62 7.14 -2.95
N LEU A 71 -6.69 6.53 -3.45
CA LEU A 71 -8.03 6.81 -2.94
C LEU A 71 -8.16 6.41 -1.48
N LEU A 72 -7.47 5.33 -1.09
CA LEU A 72 -7.50 4.86 0.28
C LEU A 72 -6.97 5.91 1.24
N HIS A 73 -5.93 6.62 0.82
CA HIS A 73 -5.34 7.68 1.63
C HIS A 73 -6.40 8.66 2.10
N LYS A 74 -7.26 9.09 1.18
CA LYS A 74 -8.32 10.04 1.50
C LYS A 74 -9.62 9.31 1.81
N LYS A 75 -9.52 8.19 2.50
CA LYS A 75 -10.69 7.40 2.87
C LYS A 75 -11.61 8.19 3.79
N ALA A 76 -12.89 8.30 3.40
CA ALA A 76 -13.87 9.03 4.18
C ALA A 76 -15.02 8.12 4.59
N LYS A 77 -15.75 8.53 5.63
CA LYS A 77 -16.89 7.75 6.10
C LYS A 77 -16.45 6.36 6.55
N ASP A 78 -15.27 6.27 7.15
CA ASP A 78 -14.74 5.00 7.62
C ASP A 78 -15.03 4.80 9.10
N GLU A 79 -16.22 4.27 9.39
CA GLU A 79 -16.62 4.03 10.78
C GLU A 79 -17.37 2.71 10.90
N LYS A 80 -17.42 2.18 12.12
CA LYS A 80 -18.11 0.92 12.38
C LYS A 80 -17.49 -0.22 11.56
N ALA A 1 3.69 26.11 -3.51
CA ALA A 1 3.57 26.38 -4.93
C ALA A 1 2.92 25.21 -5.67
N GLU A 2 3.65 24.11 -5.77
CA GLU A 2 3.15 22.91 -6.45
C GLU A 2 3.41 21.66 -5.62
N GLU A 3 2.94 21.68 -4.37
CA GLU A 3 3.12 20.54 -3.47
C GLU A 3 1.93 19.61 -3.55
N GLU A 4 2.17 18.40 -4.05
CA GLU A 4 1.11 17.40 -4.16
C GLU A 4 -0.04 17.93 -5.01
N TYR A 5 0.29 18.67 -6.06
CA TYR A 5 -0.72 19.24 -6.95
C TYR A 5 -1.55 18.14 -7.60
N ALA A 6 -0.90 17.01 -7.92
CA ALA A 6 -1.58 15.89 -8.54
C ALA A 6 -1.40 14.61 -7.72
N GLU A 7 -2.03 13.53 -8.18
CA GLU A 7 -1.94 12.25 -7.48
C GLU A 7 -1.46 11.16 -8.43
N ASP A 8 -0.17 11.20 -8.76
CA ASP A 8 0.42 10.21 -9.65
C ASP A 8 0.72 8.92 -8.90
N CYS A 9 1.26 7.93 -9.63
CA CYS A 9 1.59 6.64 -9.03
C CYS A 9 3.11 6.43 -9.01
N PRO A 10 3.78 7.09 -8.06
CA PRO A 10 5.23 6.99 -7.91
C PRO A 10 5.67 5.63 -7.40
N GLU A 11 6.98 5.39 -7.40
CA GLU A 11 7.52 4.12 -6.94
C GLU A 11 7.05 3.80 -5.52
N LEU A 12 7.41 2.63 -5.03
CA LEU A 12 7.03 2.21 -3.69
C LEU A 12 8.25 2.07 -2.78
N VAL A 13 8.02 1.66 -1.54
CA VAL A 13 9.10 1.50 -0.57
C VAL A 13 8.94 0.20 0.20
N PRO A 14 10.07 -0.34 0.70
CA PRO A 14 10.09 -1.58 1.46
C PRO A 14 9.46 -1.42 2.84
N ILE A 15 8.79 -2.47 3.31
CA ILE A 15 8.14 -2.45 4.61
C ILE A 15 9.16 -2.54 5.74
N GLU A 16 8.98 -1.71 6.76
CA GLU A 16 9.89 -1.68 7.90
C GLU A 16 9.24 -2.32 9.13
N THR A 17 9.27 -3.65 9.19
CA THR A 17 8.68 -4.38 10.30
C THR A 17 9.74 -5.18 11.05
N LYS A 18 9.64 -5.17 12.38
CA LYS A 18 10.59 -5.88 13.22
C LYS A 18 9.89 -7.01 13.98
N ASN A 19 10.60 -8.13 14.16
CA ASN A 19 10.05 -9.27 14.88
C ASN A 19 11.14 -10.28 15.19
N GLN A 20 10.89 -11.13 16.19
CA GLN A 20 11.86 -12.14 16.60
C GLN A 20 12.02 -13.19 15.51
N GLU A 21 10.95 -13.91 15.20
CA GLU A 21 10.98 -14.94 14.18
C GLU A 21 9.84 -14.76 13.18
N MET A 22 10.12 -15.04 11.91
CA MET A 22 9.12 -14.91 10.86
C MET A 22 8.65 -16.28 10.38
N ALA A 23 8.36 -17.16 11.32
CA ALA A 23 7.90 -18.51 10.98
C ALA A 23 6.44 -18.71 11.38
N ALA A 24 6.21 -18.85 12.68
CA ALA A 24 4.85 -19.05 13.19
C ALA A 24 4.15 -17.71 13.41
N VAL A 25 3.67 -17.11 12.32
CA VAL A 25 2.97 -15.83 12.40
C VAL A 25 2.36 -15.46 11.05
N GLU A 26 1.20 -14.83 11.09
CA GLU A 26 0.51 -14.42 9.87
C GLU A 26 1.41 -13.57 8.99
N THR A 27 1.69 -14.06 7.79
CA THR A 27 2.55 -13.35 6.84
C THR A 27 1.82 -12.16 6.22
N ARG A 28 2.55 -11.33 5.50
CA ARG A 28 1.98 -10.16 4.86
C ARG A 28 1.32 -10.54 3.53
N VAL A 29 0.32 -9.76 3.14
CA VAL A 29 -0.39 -10.02 1.88
C VAL A 29 -0.75 -8.71 1.17
N CYS A 30 -0.76 -8.76 -0.15
CA CYS A 30 -1.08 -7.57 -0.93
C CYS A 30 -2.43 -7.02 -0.43
N GLU A 31 -2.46 -5.69 -0.28
CA GLU A 31 -3.66 -5.02 0.19
C GLU A 31 -4.82 -5.25 -0.77
N THR A 32 -4.52 -5.30 -2.07
CA THR A 32 -5.54 -5.52 -3.09
C THR A 32 -6.34 -6.78 -2.80
N ASP A 33 -7.66 -6.63 -2.75
CA ASP A 33 -8.55 -7.76 -2.49
C ASP A 33 -8.30 -8.89 -3.50
N GLY A 34 -8.00 -8.51 -4.73
CA GLY A 34 -7.76 -9.50 -5.76
C GLY A 34 -6.29 -9.84 -5.90
N CYS A 35 -5.58 -9.88 -4.78
CA CYS A 35 -4.16 -10.19 -4.78
C CYS A 35 -3.70 -10.63 -3.39
N SER A 36 -3.30 -11.89 -3.29
CA SER A 36 -2.83 -12.44 -2.01
C SER A 36 -1.35 -12.78 -2.08
N SER A 37 -0.57 -11.89 -2.69
CA SER A 37 0.86 -12.09 -2.81
C SER A 37 1.60 -11.57 -1.58
N GLU A 38 2.77 -12.14 -1.32
CA GLU A 38 3.58 -11.73 -0.17
C GLU A 38 3.88 -10.23 -0.22
N ALA A 39 3.13 -9.45 0.54
CA ALA A 39 3.32 -8.00 0.59
C ALA A 39 4.68 -7.65 1.17
N LYS A 40 5.53 -7.05 0.34
CA LYS A 40 6.87 -6.65 0.78
C LYS A 40 7.02 -5.13 0.76
N LEU A 41 6.33 -4.48 -0.17
CA LEU A 41 6.39 -3.03 -0.28
C LEU A 41 5.23 -2.38 0.48
N GLN A 42 5.21 -1.05 0.51
CA GLN A 42 4.16 -0.31 1.19
C GLN A 42 3.82 0.97 0.44
N CYS A 43 2.76 1.64 0.89
CA CYS A 43 2.34 2.87 0.25
C CYS A 43 2.97 4.05 0.99
N PRO A 44 3.72 4.85 0.24
CA PRO A 44 4.41 6.04 0.77
C PRO A 44 3.43 7.14 1.16
N THR A 45 2.54 7.48 0.25
CA THR A 45 1.55 8.53 0.50
C THR A 45 0.68 8.19 1.69
N CYS A 46 0.54 6.90 1.97
CA CYS A 46 -0.27 6.44 3.09
C CYS A 46 0.37 6.81 4.42
N ILE A 47 1.67 6.53 4.54
CA ILE A 47 2.40 6.84 5.76
C ILE A 47 2.20 8.30 6.17
N LYS A 48 2.09 9.17 5.18
CA LYS A 48 1.90 10.59 5.43
C LYS A 48 0.44 10.89 5.78
N LEU A 49 -0.48 10.40 4.96
CA LEU A 49 -1.90 10.61 5.18
C LEU A 49 -2.31 10.13 6.57
N GLY A 50 -1.96 8.89 6.88
CA GLY A 50 -2.30 8.33 8.19
C GLY A 50 -3.18 7.09 8.07
N ILE A 51 -2.85 6.21 7.15
CA ILE A 51 -3.62 4.99 6.95
C ILE A 51 -2.80 3.75 7.29
N GLN A 52 -3.45 2.76 7.87
CA GLN A 52 -2.79 1.52 8.24
C GLN A 52 -2.59 0.61 7.04
N GLY A 53 -1.96 -0.54 7.26
CA GLY A 53 -1.72 -1.48 6.18
C GLY A 53 -1.03 -0.83 5.00
N SER A 54 -1.68 -0.89 3.84
CA SER A 54 -1.12 -0.30 2.62
C SER A 54 0.17 -1.01 2.23
N TYR A 55 0.11 -2.34 2.15
CA TYR A 55 1.27 -3.13 1.79
C TYR A 55 1.09 -3.79 0.43
N PHE A 56 2.04 -3.58 -0.46
CA PHE A 56 1.97 -4.15 -1.81
C PHE A 56 2.94 -5.32 -1.95
N CYS A 57 2.76 -6.11 -3.01
CA CYS A 57 3.62 -7.26 -3.25
C CYS A 57 4.68 -6.93 -4.28
N SER A 58 4.38 -6.00 -5.19
CA SER A 58 5.31 -5.59 -6.22
C SER A 58 4.83 -4.32 -6.91
N GLN A 59 5.76 -3.63 -7.57
CA GLN A 59 5.44 -2.40 -8.28
C GLN A 59 4.50 -2.67 -9.45
N GLU A 60 4.84 -3.68 -10.25
CA GLU A 60 4.04 -4.03 -11.41
C GLU A 60 2.58 -4.21 -11.02
N CYS A 61 2.35 -4.65 -9.78
CA CYS A 61 0.99 -4.86 -9.28
C CYS A 61 0.45 -3.58 -8.65
N PHE A 62 1.32 -2.80 -8.03
CA PHE A 62 0.94 -1.56 -7.39
C PHE A 62 0.38 -0.57 -8.41
N LYS A 63 1.04 -0.48 -9.55
CA LYS A 63 0.61 0.43 -10.61
C LYS A 63 -0.85 0.19 -10.97
N GLY A 64 -1.27 -1.08 -10.95
CA GLY A 64 -2.63 -1.42 -11.28
C GLY A 64 -3.59 -1.16 -10.13
N SER A 65 -3.29 -1.75 -8.98
CA SER A 65 -4.13 -1.59 -7.80
C SER A 65 -4.32 -0.11 -7.46
N TRP A 66 -3.30 0.69 -7.76
CA TRP A 66 -3.35 2.12 -7.50
C TRP A 66 -4.65 2.73 -8.02
N ALA A 67 -5.14 2.18 -9.13
CA ALA A 67 -6.37 2.68 -9.73
C ALA A 67 -7.50 2.74 -8.71
N THR A 68 -7.50 1.80 -7.78
CA THR A 68 -8.53 1.73 -6.74
C THR A 68 -7.97 2.22 -5.41
N HIS A 69 -6.74 1.83 -5.11
CA HIS A 69 -6.10 2.24 -3.85
C HIS A 69 -6.20 3.74 -3.65
N LYS A 70 -5.96 4.50 -4.71
CA LYS A 70 -6.02 5.95 -4.65
C LYS A 70 -7.34 6.41 -4.04
N LEU A 71 -8.41 5.67 -4.32
CA LEU A 71 -9.73 6.01 -3.78
C LEU A 71 -9.74 5.95 -2.26
N LEU A 72 -8.99 5.00 -1.71
CA LEU A 72 -8.91 4.83 -0.26
C LEU A 72 -8.36 6.09 0.40
N HIS A 73 -7.44 6.77 -0.28
CA HIS A 73 -6.85 7.99 0.24
C HIS A 73 -7.93 9.05 0.51
N LYS A 74 -9.01 8.99 -0.26
CA LYS A 74 -10.11 9.94 -0.10
C LYS A 74 -11.08 9.48 0.99
N LYS A 75 -10.53 9.17 2.16
CA LYS A 75 -11.34 8.71 3.28
C LYS A 75 -12.48 7.81 2.80
N ALA A 76 -12.15 6.89 1.90
CA ALA A 76 -13.14 5.96 1.36
C ALA A 76 -13.89 5.25 2.48
N LYS A 77 -13.18 4.97 3.57
CA LYS A 77 -13.79 4.29 4.72
C LYS A 77 -14.49 3.02 4.28
N ASP A 78 -13.88 2.30 3.34
CA ASP A 78 -14.46 1.05 2.84
C ASP A 78 -15.91 1.25 2.42
N GLU A 79 -16.18 2.39 1.77
CA GLU A 79 -17.52 2.70 1.30
C GLU A 79 -17.89 1.86 0.09
N LYS A 80 -18.65 0.78 0.33
CA LYS A 80 -19.08 -0.10 -0.74
C LYS A 80 -19.76 0.67 -1.85
N ALA A 1 -9.81 26.56 -6.02
CA ALA A 1 -8.54 26.59 -5.30
C ALA A 1 -8.11 25.18 -4.89
N GLU A 2 -6.89 24.82 -5.25
CA GLU A 2 -6.36 23.50 -4.92
C GLU A 2 -7.23 22.39 -5.53
N GLU A 3 -7.44 22.47 -6.83
CA GLU A 3 -8.26 21.48 -7.52
C GLU A 3 -7.39 20.48 -8.29
N GLU A 4 -6.59 19.72 -7.55
CA GLU A 4 -5.71 18.74 -8.15
C GLU A 4 -5.25 17.71 -7.12
N TYR A 5 -5.40 16.43 -7.45
CA TYR A 5 -5.01 15.35 -6.55
C TYR A 5 -3.49 15.25 -6.46
N ALA A 6 -2.82 15.50 -7.59
CA ALA A 6 -1.36 15.43 -7.63
C ALA A 6 -0.86 14.04 -7.24
N GLU A 7 -1.57 13.01 -7.70
CA GLU A 7 -1.19 11.64 -7.40
C GLU A 7 0.27 11.38 -7.74
N ASP A 8 0.90 10.49 -7.00
CA ASP A 8 2.30 10.15 -7.23
C ASP A 8 2.62 8.75 -6.72
N CYS A 9 3.33 7.98 -7.53
CA CYS A 9 3.69 6.62 -7.17
C CYS A 9 5.20 6.49 -6.97
N PRO A 10 5.69 6.99 -5.82
CA PRO A 10 7.11 6.94 -5.48
C PRO A 10 7.60 5.53 -5.18
N GLU A 11 8.83 5.42 -4.71
CA GLU A 11 9.41 4.12 -4.39
C GLU A 11 8.83 3.57 -3.09
N LEU A 12 8.13 2.45 -3.19
CA LEU A 12 7.52 1.82 -2.02
C LEU A 12 8.55 1.58 -0.93
N VAL A 13 8.09 1.11 0.23
CA VAL A 13 8.98 0.84 1.35
C VAL A 13 8.70 -0.53 1.96
N PRO A 14 9.72 -1.14 2.56
CA PRO A 14 9.61 -2.46 3.18
C PRO A 14 8.78 -2.42 4.45
N ILE A 15 8.05 -3.51 4.70
CA ILE A 15 7.20 -3.60 5.89
C ILE A 15 8.04 -3.77 7.15
N GLU A 16 8.09 -2.73 7.97
CA GLU A 16 8.86 -2.76 9.21
C GLU A 16 8.43 -3.94 10.07
N THR A 17 9.26 -4.99 10.08
CA THR A 17 8.97 -6.19 10.86
C THR A 17 10.20 -6.67 11.61
N LYS A 18 10.42 -6.10 12.80
CA LYS A 18 11.57 -6.47 13.62
C LYS A 18 11.12 -7.09 14.94
N ASN A 19 12.07 -7.57 15.72
CA ASN A 19 11.77 -8.18 17.01
C ASN A 19 10.74 -9.29 16.87
N GLN A 20 11.00 -10.21 15.93
CA GLN A 20 10.09 -11.32 15.69
C GLN A 20 9.87 -12.13 16.97
N GLU A 21 8.77 -12.87 17.00
CA GLU A 21 8.43 -13.69 18.16
C GLU A 21 8.53 -15.17 17.84
N MET A 22 8.14 -15.54 16.62
CA MET A 22 8.19 -16.92 16.18
C MET A 22 8.84 -17.03 14.81
N ALA A 23 8.20 -16.45 13.80
CA ALA A 23 8.73 -16.48 12.44
C ALA A 23 8.40 -15.20 11.69
N ALA A 24 9.31 -14.76 10.84
CA ALA A 24 9.13 -13.54 10.07
C ALA A 24 8.00 -13.70 9.05
N VAL A 25 8.00 -14.85 8.37
CA VAL A 25 6.98 -15.14 7.36
C VAL A 25 5.59 -15.17 7.99
N GLU A 26 4.63 -14.52 7.33
CA GLU A 26 3.26 -14.48 7.82
C GLU A 26 2.28 -14.76 6.69
N THR A 27 0.99 -14.67 7.01
CA THR A 27 -0.06 -14.93 6.02
C THR A 27 -0.43 -13.65 5.28
N ARG A 28 0.58 -12.94 4.79
CA ARG A 28 0.36 -11.70 4.05
C ARG A 28 0.46 -11.93 2.55
N VAL A 29 -0.26 -11.12 1.79
CA VAL A 29 -0.25 -11.24 0.33
C VAL A 29 -0.50 -9.88 -0.33
N CYS A 30 -0.14 -9.77 -1.60
CA CYS A 30 -0.32 -8.53 -2.33
C CYS A 30 -1.79 -8.13 -2.22
N GLU A 31 -2.00 -6.85 -1.92
CA GLU A 31 -3.34 -6.30 -1.78
C GLU A 31 -4.04 -6.21 -3.14
N THR A 32 -3.25 -5.99 -4.18
CA THR A 32 -3.78 -5.88 -5.54
C THR A 32 -4.73 -7.04 -5.85
N ASP A 33 -5.92 -6.71 -6.32
CA ASP A 33 -6.92 -7.73 -6.66
C ASP A 33 -6.34 -8.72 -7.67
N GLY A 34 -6.49 -10.00 -7.36
CA GLY A 34 -5.98 -11.04 -8.24
C GLY A 34 -4.57 -11.46 -7.89
N CYS A 35 -3.72 -10.48 -7.57
CA CYS A 35 -2.34 -10.76 -7.21
C CYS A 35 -2.26 -11.57 -5.92
N SER A 36 -2.14 -12.89 -6.08
CA SER A 36 -2.06 -13.78 -4.92
C SER A 36 -0.60 -14.11 -4.61
N SER A 37 0.23 -13.08 -4.54
CA SER A 37 1.65 -13.27 -4.24
C SER A 37 1.98 -12.79 -2.82
N GLU A 38 3.23 -12.99 -2.41
CA GLU A 38 3.66 -12.58 -1.08
C GLU A 38 3.79 -11.06 -0.99
N ALA A 39 3.40 -10.52 0.15
CA ALA A 39 3.47 -9.08 0.37
C ALA A 39 4.62 -8.71 1.29
N LYS A 40 5.59 -7.96 0.77
CA LYS A 40 6.74 -7.54 1.54
C LYS A 40 6.80 -6.02 1.67
N LEU A 41 6.31 -5.34 0.64
CA LEU A 41 6.31 -3.87 0.63
C LEU A 41 5.00 -3.33 1.19
N GLN A 42 4.95 -2.02 1.40
CA GLN A 42 3.76 -1.38 1.94
C GLN A 42 3.51 -0.04 1.24
N CYS A 43 2.31 0.50 1.43
CA CYS A 43 1.95 1.77 0.82
C CYS A 43 2.27 2.88 1.82
N PRO A 44 3.09 3.84 1.36
CA PRO A 44 3.49 4.99 2.18
C PRO A 44 2.34 5.96 2.43
N THR A 45 1.65 6.35 1.36
CA THR A 45 0.54 7.27 1.46
C THR A 45 -0.56 6.71 2.35
N CYS A 46 -0.59 5.38 2.47
CA CYS A 46 -1.59 4.71 3.29
C CYS A 46 -1.29 4.89 4.78
N ILE A 47 -0.01 4.96 5.11
CA ILE A 47 0.40 5.14 6.49
C ILE A 47 0.12 6.56 6.98
N LYS A 48 0.25 7.53 6.09
CA LYS A 48 0.00 8.92 6.41
C LYS A 48 -1.48 9.25 6.34
N LEU A 49 -2.18 8.57 5.42
CA LEU A 49 -3.62 8.79 5.25
C LEU A 49 -4.40 8.18 6.40
N GLY A 50 -4.16 6.90 6.66
CA GLY A 50 -4.86 6.22 7.75
C GLY A 50 -5.62 5.01 7.26
N ILE A 51 -5.04 4.27 6.32
CA ILE A 51 -5.68 3.07 5.78
C ILE A 51 -4.87 1.82 6.11
N GLN A 52 -5.57 0.78 6.58
CA GLN A 52 -4.91 -0.47 6.93
C GLN A 52 -5.06 -1.49 5.80
N GLY A 53 -4.04 -2.34 5.65
CA GLY A 53 -4.08 -3.36 4.61
C GLY A 53 -3.60 -2.83 3.28
N SER A 54 -2.34 -2.41 3.22
CA SER A 54 -1.76 -1.88 1.99
C SER A 54 -0.35 -2.44 1.78
N TYR A 55 -0.26 -3.74 1.53
CA TYR A 55 1.03 -4.38 1.30
C TYR A 55 1.16 -4.85 -0.14
N PHE A 56 2.32 -4.56 -0.74
CA PHE A 56 2.57 -4.95 -2.13
C PHE A 56 3.62 -6.07 -2.20
N CYS A 57 3.74 -6.68 -3.36
CA CYS A 57 4.70 -7.76 -3.57
C CYS A 57 5.96 -7.25 -4.26
N SER A 58 5.79 -6.23 -5.09
CA SER A 58 6.91 -5.64 -5.82
C SER A 58 6.53 -4.30 -6.43
N GLN A 59 7.52 -3.50 -6.76
CA GLN A 59 7.29 -2.18 -7.35
C GLN A 59 6.65 -2.31 -8.72
N GLU A 60 7.20 -3.18 -9.56
CA GLU A 60 6.67 -3.40 -10.90
C GLU A 60 5.16 -3.65 -10.86
N CYS A 61 4.70 -4.28 -9.78
CA CYS A 61 3.29 -4.58 -9.62
C CYS A 61 2.56 -3.42 -8.95
N PHE A 62 3.26 -2.71 -8.07
CA PHE A 62 2.68 -1.58 -7.36
C PHE A 62 2.35 -0.45 -8.33
N LYS A 63 3.28 -0.14 -9.22
CA LYS A 63 3.09 0.92 -10.20
C LYS A 63 1.79 0.72 -10.97
N GLY A 64 1.52 -0.52 -11.37
CA GLY A 64 0.30 -0.82 -12.11
C GLY A 64 -0.94 -0.75 -11.23
N SER A 65 -0.96 -1.54 -10.16
CA SER A 65 -2.10 -1.57 -9.25
C SER A 65 -2.40 -0.15 -8.74
N TRP A 66 -1.38 0.68 -8.66
CA TRP A 66 -1.54 2.05 -8.17
C TRP A 66 -2.69 2.74 -8.90
N ALA A 67 -2.88 2.40 -10.16
CA ALA A 67 -3.94 2.99 -10.96
C ALA A 67 -5.29 2.89 -10.25
N THR A 68 -5.48 1.79 -9.52
CA THR A 68 -6.72 1.57 -8.78
C THR A 68 -6.53 1.83 -7.29
N HIS A 69 -5.38 1.41 -6.76
CA HIS A 69 -5.08 1.59 -5.35
C HIS A 69 -5.33 3.04 -4.93
N LYS A 70 -4.83 3.98 -5.74
CA LYS A 70 -4.99 5.40 -5.45
C LYS A 70 -6.45 5.73 -5.18
N LEU A 71 -7.35 5.05 -5.87
CA LEU A 71 -8.78 5.28 -5.69
C LEU A 71 -9.22 4.96 -4.27
N LEU A 72 -8.61 3.93 -3.69
CA LEU A 72 -8.93 3.52 -2.33
C LEU A 72 -8.67 4.65 -1.34
N HIS A 73 -7.59 5.39 -1.56
CA HIS A 73 -7.23 6.51 -0.69
C HIS A 73 -8.39 7.48 -0.55
N LYS A 74 -9.04 7.78 -1.68
CA LYS A 74 -10.17 8.71 -1.68
C LYS A 74 -11.49 7.95 -1.54
N LYS A 75 -11.52 6.98 -0.62
CA LYS A 75 -12.71 6.19 -0.37
C LYS A 75 -13.12 6.27 1.09
N ALA A 76 -13.34 7.49 1.57
CA ALA A 76 -13.75 7.71 2.95
C ALA A 76 -13.99 9.20 3.23
N LYS A 77 -14.45 9.51 4.44
CA LYS A 77 -14.73 10.88 4.82
C LYS A 77 -13.45 11.69 4.91
N ASP A 78 -13.49 12.92 4.39
CA ASP A 78 -12.33 13.79 4.43
C ASP A 78 -11.95 14.15 5.86
N GLU A 79 -10.64 14.19 6.14
CA GLU A 79 -10.15 14.52 7.46
C GLU A 79 -9.44 15.87 7.47
N LYS A 80 -8.55 16.07 6.50
CA LYS A 80 -7.81 17.31 6.39
C LYS A 80 -7.37 17.82 7.76
N ALA A 1 4.91 15.70 -21.43
CA ALA A 1 4.58 17.11 -21.49
C ALA A 1 4.40 17.68 -20.09
N GLU A 2 3.47 17.11 -19.33
CA GLU A 2 3.20 17.57 -17.97
C GLU A 2 2.70 16.42 -17.10
N GLU A 3 3.05 16.47 -15.81
CA GLU A 3 2.65 15.43 -14.88
C GLU A 3 1.95 16.04 -13.66
N GLU A 4 1.04 15.26 -13.07
CA GLU A 4 0.30 15.72 -11.90
C GLU A 4 1.22 15.86 -10.68
N TYR A 5 0.74 16.55 -9.66
CA TYR A 5 1.52 16.75 -8.44
C TYR A 5 0.75 16.24 -7.22
N ALA A 6 -0.56 16.46 -7.22
CA ALA A 6 -1.40 16.03 -6.11
C ALA A 6 -1.22 14.53 -5.84
N GLU A 7 -1.72 13.71 -6.77
CA GLU A 7 -1.62 12.26 -6.63
C GLU A 7 -0.30 11.75 -7.20
N ASP A 8 0.78 11.95 -6.46
CA ASP A 8 2.10 11.52 -6.89
C ASP A 8 2.39 10.10 -6.40
N CYS A 9 3.04 9.31 -7.24
CA CYS A 9 3.38 7.93 -6.89
C CYS A 9 4.89 7.76 -6.77
N PRO A 10 5.45 8.25 -5.66
CA PRO A 10 6.89 8.16 -5.40
C PRO A 10 7.34 6.73 -5.11
N GLU A 11 8.62 6.58 -4.78
CA GLU A 11 9.17 5.26 -4.48
C GLU A 11 8.59 4.71 -3.18
N LEU A 12 7.97 3.55 -3.27
CA LEU A 12 7.36 2.90 -2.10
C LEU A 12 8.42 2.61 -1.04
N VAL A 13 7.97 2.21 0.14
CA VAL A 13 8.87 1.89 1.24
C VAL A 13 8.54 0.55 1.87
N PRO A 14 9.56 -0.12 2.43
CA PRO A 14 9.38 -1.43 3.07
C PRO A 14 8.59 -1.34 4.37
N ILE A 15 7.78 -2.37 4.63
CA ILE A 15 6.98 -2.41 5.84
C ILE A 15 7.84 -2.61 7.09
N GLU A 16 8.07 -1.53 7.82
CA GLU A 16 8.88 -1.58 9.03
C GLU A 16 8.00 -1.50 10.28
N THR A 17 7.19 -2.54 10.50
CA THR A 17 6.30 -2.58 11.65
C THR A 17 6.55 -3.83 12.48
N LYS A 18 6.86 -4.93 11.81
CA LYS A 18 7.11 -6.19 12.49
C LYS A 18 8.36 -6.10 13.35
N ASN A 19 8.20 -6.35 14.65
CA ASN A 19 9.32 -6.29 15.58
C ASN A 19 9.83 -7.70 15.90
N GLN A 20 8.90 -8.64 16.02
CA GLN A 20 9.26 -10.02 16.33
C GLN A 20 10.24 -10.57 15.30
N GLU A 21 10.94 -11.64 15.66
CA GLU A 21 11.91 -12.26 14.77
C GLU A 21 11.25 -13.37 13.94
N MET A 22 10.68 -14.35 14.62
CA MET A 22 10.03 -15.46 13.95
C MET A 22 8.64 -15.07 13.47
N ALA A 23 8.26 -15.55 12.28
CA ALA A 23 6.96 -15.25 11.71
C ALA A 23 5.92 -16.26 12.14
N ALA A 24 4.88 -15.79 12.83
CA ALA A 24 3.81 -16.67 13.29
C ALA A 24 2.57 -16.55 12.41
N VAL A 25 2.39 -17.54 11.53
CA VAL A 25 1.25 -17.54 10.62
C VAL A 25 0.91 -16.14 10.14
N GLU A 26 1.95 -15.38 9.78
CA GLU A 26 1.76 -14.02 9.30
C GLU A 26 2.01 -13.94 7.79
N THR A 27 0.93 -13.89 7.03
CA THR A 27 1.02 -13.80 5.58
C THR A 27 0.41 -12.50 5.06
N ARG A 28 1.18 -11.77 4.26
CA ARG A 28 0.71 -10.51 3.70
C ARG A 28 0.33 -10.68 2.23
N VAL A 29 -0.53 -9.79 1.75
CA VAL A 29 -0.97 -9.84 0.35
C VAL A 29 -1.12 -8.44 -0.22
N CYS A 30 -0.87 -8.31 -1.52
CA CYS A 30 -0.98 -7.02 -2.18
C CYS A 30 -2.38 -6.46 -1.90
N GLU A 31 -2.41 -5.16 -1.59
CA GLU A 31 -3.66 -4.48 -1.30
C GLU A 31 -4.61 -4.55 -2.49
N THR A 32 -4.04 -4.48 -3.69
CA THR A 32 -4.85 -4.54 -4.91
C THR A 32 -5.76 -5.77 -4.92
N ASP A 33 -6.94 -5.60 -5.48
CA ASP A 33 -7.91 -6.70 -5.55
C ASP A 33 -7.47 -7.74 -6.57
N GLY A 34 -6.85 -7.28 -7.66
CA GLY A 34 -6.39 -8.19 -8.69
C GLY A 34 -4.93 -8.58 -8.51
N CYS A 35 -4.50 -8.68 -7.26
CA CYS A 35 -3.13 -9.06 -6.95
C CYS A 35 -3.03 -9.66 -5.55
N SER A 36 -2.73 -10.95 -5.49
CA SER A 36 -2.61 -11.66 -4.21
C SER A 36 -1.18 -12.10 -3.97
N SER A 37 -0.22 -11.21 -4.27
CA SER A 37 1.19 -11.52 -4.09
C SER A 37 1.67 -11.07 -2.72
N GLU A 38 2.76 -11.68 -2.25
CA GLU A 38 3.32 -11.34 -0.95
C GLU A 38 3.59 -9.84 -0.84
N ALA A 39 2.81 -9.17 0.00
CA ALA A 39 2.95 -7.74 0.20
C ALA A 39 4.07 -7.43 1.20
N LYS A 40 5.14 -6.81 0.72
CA LYS A 40 6.27 -6.46 1.57
C LYS A 40 6.40 -4.94 1.71
N LEU A 41 5.98 -4.22 0.68
CA LEU A 41 6.05 -2.76 0.69
C LEU A 41 4.77 -2.16 1.26
N GLN A 42 4.81 -0.86 1.55
CA GLN A 42 3.65 -0.17 2.10
C GLN A 42 3.43 1.16 1.40
N CYS A 43 2.25 1.73 1.57
CA CYS A 43 1.92 2.99 0.95
C CYS A 43 2.29 4.12 1.91
N PRO A 44 3.11 5.05 1.41
CA PRO A 44 3.57 6.20 2.19
C PRO A 44 2.45 7.20 2.47
N THR A 45 1.74 7.59 1.41
CA THR A 45 0.64 8.54 1.54
C THR A 45 -0.44 8.01 2.48
N CYS A 46 -0.49 6.69 2.63
CA CYS A 46 -1.47 6.05 3.49
C CYS A 46 -1.11 6.24 4.97
N ILE A 47 0.18 6.08 5.27
CA ILE A 47 0.66 6.23 6.64
C ILE A 47 0.32 7.60 7.19
N LYS A 48 0.35 8.61 6.32
CA LYS A 48 0.05 9.98 6.71
C LYS A 48 -1.46 10.23 6.71
N LEU A 49 -2.12 9.75 5.66
CA LEU A 49 -3.56 9.92 5.53
C LEU A 49 -4.30 9.34 6.72
N GLY A 50 -4.16 8.03 6.93
CA GLY A 50 -4.80 7.38 8.05
C GLY A 50 -5.53 6.12 7.64
N ILE A 51 -4.94 5.36 6.72
CA ILE A 51 -5.54 4.12 6.24
C ILE A 51 -4.72 2.92 6.67
N GLN A 52 -5.42 1.85 7.07
CA GLN A 52 -4.75 0.63 7.51
C GLN A 52 -4.24 -0.18 6.31
N GLY A 53 -3.53 -1.26 6.59
CA GLY A 53 -2.99 -2.09 5.52
C GLY A 53 -2.18 -1.29 4.51
N SER A 54 -2.67 -1.27 3.28
CA SER A 54 -1.99 -0.54 2.21
C SER A 54 -0.59 -1.09 1.98
N TYR A 55 -0.50 -2.39 1.74
CA TYR A 55 0.78 -3.04 1.51
C TYR A 55 0.88 -3.57 0.08
N PHE A 56 1.96 -3.19 -0.60
CA PHE A 56 2.18 -3.60 -1.98
C PHE A 56 3.17 -4.77 -2.04
N CYS A 57 3.26 -5.40 -3.21
CA CYS A 57 4.17 -6.52 -3.40
C CYS A 57 5.44 -6.07 -4.13
N SER A 58 5.30 -5.07 -4.98
CA SER A 58 6.44 -4.54 -5.73
C SER A 58 6.10 -3.19 -6.36
N GLN A 59 7.14 -2.42 -6.69
CA GLN A 59 6.95 -1.11 -7.30
C GLN A 59 6.27 -1.23 -8.65
N GLU A 60 6.79 -2.12 -9.48
CA GLU A 60 6.24 -2.34 -10.83
C GLU A 60 4.72 -2.51 -10.76
N CYS A 61 4.25 -3.17 -9.70
CA CYS A 61 2.83 -3.41 -9.53
C CYS A 61 2.14 -2.20 -8.89
N PHE A 62 2.87 -1.51 -8.03
CA PHE A 62 2.34 -0.33 -7.35
C PHE A 62 2.07 0.79 -8.34
N LYS A 63 3.00 1.00 -9.26
CA LYS A 63 2.87 2.04 -10.27
C LYS A 63 1.54 1.93 -11.00
N GLY A 64 1.12 0.69 -11.25
CA GLY A 64 -0.14 0.47 -11.95
C GLY A 64 -1.34 0.56 -11.02
N SER A 65 -1.36 -0.28 -10.00
CA SER A 65 -2.46 -0.29 -9.03
C SER A 65 -2.72 1.11 -8.49
N TRP A 66 -1.66 1.91 -8.41
CA TRP A 66 -1.77 3.27 -7.90
C TRP A 66 -2.91 4.02 -8.60
N ALA A 67 -3.12 3.71 -9.86
CA ALA A 67 -4.19 4.35 -10.63
C ALA A 67 -5.52 4.26 -9.90
N THR A 68 -5.73 3.16 -9.19
CA THR A 68 -6.97 2.95 -8.45
C THR A 68 -6.76 3.19 -6.95
N HIS A 69 -5.60 2.77 -6.45
CA HIS A 69 -5.27 2.94 -5.04
C HIS A 69 -5.49 4.37 -4.59
N LYS A 70 -5.04 5.32 -5.42
CA LYS A 70 -5.18 6.73 -5.11
C LYS A 70 -6.63 7.07 -4.77
N LEU A 71 -7.57 6.39 -5.44
CA LEU A 71 -8.98 6.62 -5.21
C LEU A 71 -9.37 6.24 -3.78
N LEU A 72 -8.73 5.19 -3.27
CA LEU A 72 -9.01 4.72 -1.91
C LEU A 72 -8.72 5.81 -0.89
N HIS A 73 -7.66 6.58 -1.13
CA HIS A 73 -7.28 7.65 -0.23
C HIS A 73 -8.45 8.58 0.05
N LYS A 74 -9.23 8.87 -0.99
CA LYS A 74 -10.40 9.74 -0.86
C LYS A 74 -11.68 8.93 -0.72
N LYS A 75 -11.59 7.84 0.04
CA LYS A 75 -12.75 6.98 0.27
C LYS A 75 -13.07 6.87 1.75
N ALA A 76 -14.37 6.89 2.07
CA ALA A 76 -14.81 6.78 3.46
C ALA A 76 -14.18 5.58 4.15
N LYS A 77 -13.53 5.81 5.27
CA LYS A 77 -12.89 4.74 6.02
C LYS A 77 -13.92 3.75 6.53
N ASP A 78 -13.47 2.53 6.82
CA ASP A 78 -14.36 1.48 7.32
C ASP A 78 -14.89 1.84 8.70
N GLU A 79 -15.89 1.08 9.16
CA GLU A 79 -16.48 1.32 10.47
C GLU A 79 -16.55 0.03 11.28
N LYS A 80 -15.87 0.03 12.42
CA LYS A 80 -15.84 -1.15 13.29
C LYS A 80 -17.17 -1.29 14.03
N ALA A 1 -7.05 17.04 -17.39
CA ALA A 1 -6.65 16.99 -15.99
C ALA A 1 -6.61 15.56 -15.49
N GLU A 2 -5.45 14.93 -15.58
CA GLU A 2 -5.28 13.55 -15.13
C GLU A 2 -4.89 13.50 -13.66
N GLU A 3 -3.82 14.21 -13.30
CA GLU A 3 -3.35 14.24 -11.93
C GLU A 3 -3.44 15.65 -11.35
N GLU A 4 -3.10 16.64 -12.17
CA GLU A 4 -3.15 18.03 -11.74
C GLU A 4 -2.31 18.24 -10.48
N TYR A 5 -1.18 17.54 -10.40
CA TYR A 5 -0.30 17.65 -9.24
C TYR A 5 -1.04 17.28 -7.96
N ALA A 6 -1.63 16.09 -7.95
CA ALA A 6 -2.37 15.63 -6.77
C ALA A 6 -2.41 14.10 -6.74
N GLU A 7 -2.23 13.54 -5.54
CA GLU A 7 -2.25 12.10 -5.37
C GLU A 7 -1.25 11.42 -6.30
N ASP A 8 0.01 11.85 -6.23
CA ASP A 8 1.06 11.29 -7.07
C ASP A 8 1.49 9.92 -6.56
N CYS A 9 2.25 9.21 -7.38
CA CYS A 9 2.74 7.89 -7.00
C CYS A 9 4.26 7.89 -6.84
N PRO A 10 4.72 8.44 -5.71
CA PRO A 10 6.15 8.52 -5.40
C PRO A 10 6.76 7.15 -5.09
N GLU A 11 8.07 7.12 -4.91
CA GLU A 11 8.78 5.88 -4.62
C GLU A 11 8.27 5.27 -3.32
N LEU A 12 7.76 4.04 -3.41
CA LEU A 12 7.24 3.34 -2.24
C LEU A 12 8.30 3.21 -1.17
N VAL A 13 7.92 2.67 -0.01
CA VAL A 13 8.85 2.48 1.09
C VAL A 13 8.75 1.07 1.66
N PRO A 14 9.87 0.59 2.22
CA PRO A 14 9.94 -0.75 2.81
C PRO A 14 9.13 -0.87 4.09
N ILE A 15 8.52 -2.04 4.29
CA ILE A 15 7.71 -2.27 5.48
C ILE A 15 8.58 -2.36 6.74
N GLU A 16 8.33 -1.46 7.68
CA GLU A 16 9.09 -1.44 8.93
C GLU A 16 8.18 -1.70 10.12
N THR A 17 8.14 -2.96 10.56
CA THR A 17 7.31 -3.34 11.70
C THR A 17 7.78 -4.67 12.29
N LYS A 18 7.82 -4.74 13.62
CA LYS A 18 8.23 -5.95 14.30
C LYS A 18 7.18 -6.40 15.31
N ASN A 19 7.20 -7.69 15.65
CA ASN A 19 6.24 -8.25 16.60
C ASN A 19 6.64 -9.65 17.01
N GLN A 20 5.90 -10.22 17.95
CA GLN A 20 6.17 -11.57 18.43
C GLN A 20 5.12 -12.55 17.93
N GLU A 21 3.85 -12.21 18.12
CA GLU A 21 2.75 -13.07 17.69
C GLU A 21 2.12 -12.52 16.41
N MET A 22 1.98 -13.40 15.41
CA MET A 22 1.39 -13.01 14.15
C MET A 22 0.48 -14.12 13.61
N ALA A 23 -0.52 -13.73 12.82
CA ALA A 23 -1.45 -14.70 12.25
C ALA A 23 -1.05 -15.07 10.83
N ALA A 24 -0.60 -14.07 10.07
CA ALA A 24 -0.18 -14.29 8.69
C ALA A 24 0.99 -15.26 8.62
N VAL A 25 1.88 -15.19 9.62
CA VAL A 25 3.04 -16.06 9.67
C VAL A 25 3.99 -15.79 8.50
N GLU A 26 4.37 -14.53 8.34
CA GLU A 26 5.27 -14.13 7.26
C GLU A 26 4.71 -14.55 5.91
N THR A 27 3.51 -14.07 5.59
CA THR A 27 2.86 -14.40 4.33
C THR A 27 2.28 -13.15 3.68
N ARG A 28 3.02 -12.05 3.74
CA ARG A 28 2.57 -10.79 3.15
C ARG A 28 2.14 -10.99 1.70
N VAL A 29 1.12 -10.26 1.29
CA VAL A 29 0.62 -10.35 -0.08
C VAL A 29 0.30 -8.97 -0.64
N CYS A 30 0.55 -8.79 -1.94
CA CYS A 30 0.29 -7.52 -2.58
C CYS A 30 -1.16 -7.13 -2.30
N GLU A 31 -1.36 -5.85 -2.00
CA GLU A 31 -2.68 -5.32 -1.71
C GLU A 31 -3.60 -5.45 -2.93
N THR A 32 -3.02 -5.32 -4.11
CA THR A 32 -3.78 -5.43 -5.36
C THR A 32 -4.63 -6.70 -5.38
N ASP A 33 -5.73 -6.66 -6.11
CA ASP A 33 -6.62 -7.80 -6.22
C ASP A 33 -6.04 -8.87 -7.14
N GLY A 34 -5.46 -8.42 -8.25
CA GLY A 34 -4.87 -9.35 -9.20
C GLY A 34 -3.39 -9.57 -8.95
N CYS A 35 -3.01 -9.56 -7.69
CA CYS A 35 -1.60 -9.77 -7.32
C CYS A 35 -1.49 -10.38 -5.91
N SER A 36 -1.19 -11.67 -5.86
CA SER A 36 -1.07 -12.37 -4.59
C SER A 36 0.39 -12.76 -4.33
N SER A 37 1.31 -11.88 -4.75
CA SER A 37 2.73 -12.13 -4.56
C SER A 37 3.22 -11.55 -3.23
N GLU A 38 4.37 -12.02 -2.77
CA GLU A 38 4.94 -11.55 -1.51
C GLU A 38 5.02 -10.03 -1.49
N ALA A 39 4.56 -9.43 -0.39
CA ALA A 39 4.57 -7.98 -0.24
C ALA A 39 5.67 -7.53 0.72
N LYS A 40 6.55 -6.67 0.24
CA LYS A 40 7.65 -6.16 1.06
C LYS A 40 7.55 -4.65 1.23
N LEU A 41 6.98 -3.98 0.23
CA LEU A 41 6.82 -2.53 0.27
C LEU A 41 5.47 -2.15 0.89
N GLN A 42 5.30 -0.86 1.15
CA GLN A 42 4.06 -0.35 1.74
C GLN A 42 3.65 0.97 1.11
N CYS A 43 2.40 1.36 1.33
CA CYS A 43 1.90 2.61 0.78
C CYS A 43 2.13 3.72 1.82
N PRO A 44 2.83 4.77 1.37
CA PRO A 44 3.15 5.92 2.22
C PRO A 44 1.92 6.76 2.54
N THR A 45 1.16 7.11 1.51
CA THR A 45 -0.05 7.90 1.67
C THR A 45 -1.06 7.20 2.56
N CYS A 46 -0.95 5.88 2.65
CA CYS A 46 -1.85 5.09 3.48
C CYS A 46 -1.52 5.25 4.95
N ILE A 47 -0.23 5.31 5.26
CA ILE A 47 0.22 5.48 6.64
C ILE A 47 -0.24 6.81 7.22
N LYS A 48 -0.27 7.84 6.38
CA LYS A 48 -0.70 9.16 6.80
C LYS A 48 -2.22 9.26 6.84
N LEU A 49 -2.86 8.75 5.80
CA LEU A 49 -4.31 8.78 5.71
C LEU A 49 -4.95 8.02 6.87
N GLY A 50 -4.61 6.74 7.00
CA GLY A 50 -5.15 5.94 8.06
C GLY A 50 -5.80 4.65 7.56
N ILE A 51 -5.22 4.08 6.51
CA ILE A 51 -5.74 2.85 5.93
C ILE A 51 -4.77 1.69 6.15
N GLN A 52 -5.30 0.58 6.66
CA GLN A 52 -4.49 -0.60 6.92
C GLN A 52 -4.53 -1.56 5.73
N GLY A 53 -3.56 -2.47 5.69
CA GLY A 53 -3.50 -3.43 4.59
C GLY A 53 -3.07 -2.79 3.29
N SER A 54 -1.93 -2.13 3.30
CA SER A 54 -1.42 -1.46 2.10
C SER A 54 0.03 -1.84 1.85
N TYR A 55 0.26 -3.11 1.51
CA TYR A 55 1.60 -3.61 1.25
C TYR A 55 1.76 -4.03 -0.21
N PHE A 56 2.82 -3.55 -0.85
CA PHE A 56 3.08 -3.87 -2.25
C PHE A 56 4.20 -4.89 -2.37
N CYS A 57 4.35 -5.46 -3.57
CA CYS A 57 5.39 -6.45 -3.82
C CYS A 57 6.57 -5.83 -4.55
N SER A 58 6.30 -4.81 -5.35
CA SER A 58 7.34 -4.12 -6.11
C SER A 58 6.81 -2.80 -6.70
N GLN A 59 7.73 -1.91 -7.03
CA GLN A 59 7.36 -0.62 -7.59
C GLN A 59 6.71 -0.79 -8.97
N GLU A 60 7.34 -1.59 -9.82
CA GLU A 60 6.81 -1.84 -11.15
C GLU A 60 5.35 -2.24 -11.11
N CYS A 61 4.95 -2.91 -10.03
CA CYS A 61 3.58 -3.35 -9.85
C CYS A 61 2.75 -2.28 -9.16
N PHE A 62 3.39 -1.51 -8.28
CA PHE A 62 2.72 -0.45 -7.54
C PHE A 62 2.27 0.66 -8.49
N LYS A 63 3.15 1.05 -9.40
CA LYS A 63 2.84 2.10 -10.37
C LYS A 63 1.54 1.80 -11.09
N GLY A 64 1.33 0.54 -11.44
CA GLY A 64 0.11 0.14 -12.13
C GLY A 64 -1.08 0.06 -11.21
N SER A 65 -0.97 -0.73 -10.16
CA SER A 65 -2.06 -0.90 -9.20
C SER A 65 -2.51 0.45 -8.65
N TRP A 66 -1.57 1.39 -8.56
CA TRP A 66 -1.87 2.72 -8.06
C TRP A 66 -3.10 3.30 -8.75
N ALA A 67 -3.27 2.97 -10.02
CA ALA A 67 -4.40 3.45 -10.80
C ALA A 67 -5.71 3.22 -10.06
N THR A 68 -5.79 2.11 -9.33
CA THR A 68 -6.99 1.76 -8.58
C THR A 68 -6.78 2.00 -7.09
N HIS A 69 -5.59 1.68 -6.61
CA HIS A 69 -5.26 1.86 -5.20
C HIS A 69 -5.63 3.26 -4.72
N LYS A 70 -5.25 4.26 -5.51
CA LYS A 70 -5.54 5.65 -5.17
C LYS A 70 -7.02 5.84 -4.86
N LEU A 71 -7.86 5.08 -5.55
CA LEU A 71 -9.31 5.16 -5.35
C LEU A 71 -9.69 4.77 -3.93
N LEU A 72 -8.96 3.80 -3.38
CA LEU A 72 -9.22 3.32 -2.03
C LEU A 72 -9.04 4.45 -1.02
N HIS A 73 -8.05 5.29 -1.23
CA HIS A 73 -7.77 6.41 -0.34
C HIS A 73 -9.04 7.26 -0.14
N LYS A 74 -9.73 7.54 -1.23
CA LYS A 74 -10.95 8.33 -1.19
C LYS A 74 -11.95 7.73 -0.20
N LYS A 75 -12.04 6.40 -0.20
CA LYS A 75 -12.96 5.70 0.69
C LYS A 75 -12.76 6.14 2.14
N ALA A 76 -13.81 6.01 2.94
CA ALA A 76 -13.75 6.40 4.34
C ALA A 76 -12.58 5.71 5.05
N LYS A 77 -11.96 6.42 5.98
CA LYS A 77 -10.84 5.88 6.73
C LYS A 77 -11.23 5.57 8.17
N ASP A 78 -10.33 4.92 8.90
CA ASP A 78 -10.60 4.55 10.29
C ASP A 78 -10.50 5.79 11.19
N GLU A 79 -11.65 6.40 11.47
CA GLU A 79 -11.69 7.58 12.33
C GLU A 79 -11.06 7.29 13.69
N LYS A 80 -10.38 8.29 14.24
CA LYS A 80 -9.73 8.14 15.54
C LYS A 80 -10.11 9.29 16.46
N ALA A 1 4.80 27.25 -13.41
CA ALA A 1 3.82 26.90 -12.39
C ALA A 1 3.70 25.39 -12.22
N GLU A 2 3.67 24.94 -10.98
CA GLU A 2 3.55 23.51 -10.69
C GLU A 2 2.43 23.24 -9.70
N GLU A 3 1.21 23.05 -10.23
CA GLU A 3 0.05 22.78 -9.40
C GLU A 3 0.24 21.51 -8.59
N GLU A 4 0.37 20.38 -9.28
CA GLU A 4 0.56 19.10 -8.62
C GLU A 4 -0.61 18.79 -7.69
N TYR A 5 -1.82 19.07 -8.16
CA TYR A 5 -3.02 18.83 -7.38
C TYR A 5 -3.26 17.33 -7.19
N ALA A 6 -2.93 16.56 -8.22
CA ALA A 6 -3.10 15.11 -8.17
C ALA A 6 -1.83 14.43 -7.69
N GLU A 7 -1.96 13.52 -6.72
CA GLU A 7 -0.81 12.80 -6.19
C GLU A 7 -0.10 12.02 -7.29
N ASP A 8 1.21 11.87 -7.13
CA ASP A 8 2.02 11.14 -8.11
C ASP A 8 2.19 9.68 -7.70
N CYS A 9 2.94 8.93 -8.50
CA CYS A 9 3.17 7.52 -8.23
C CYS A 9 4.62 7.27 -7.83
N PRO A 10 4.95 7.56 -6.56
CA PRO A 10 6.31 7.39 -6.04
C PRO A 10 6.70 5.91 -5.92
N GLU A 11 7.97 5.67 -5.63
CA GLU A 11 8.47 4.31 -5.48
C GLU A 11 7.92 3.66 -4.21
N LEU A 12 8.18 2.36 -4.05
CA LEU A 12 7.72 1.63 -2.89
C LEU A 12 8.89 1.13 -2.06
N VAL A 13 8.59 0.50 -0.92
CA VAL A 13 9.63 -0.04 -0.05
C VAL A 13 9.35 -1.49 0.30
N PRO A 14 10.44 -2.24 0.59
CA PRO A 14 10.34 -3.66 0.94
C PRO A 14 9.71 -3.87 2.32
N ILE A 15 9.23 -5.09 2.55
CA ILE A 15 8.59 -5.42 3.82
C ILE A 15 9.63 -5.83 4.87
N GLU A 16 10.04 -4.87 5.70
CA GLU A 16 11.03 -5.12 6.73
C GLU A 16 10.36 -5.29 8.09
N THR A 17 10.49 -6.48 8.67
CA THR A 17 9.89 -6.77 9.97
C THR A 17 10.91 -6.58 11.09
N LYS A 18 10.65 -5.60 11.96
CA LYS A 18 11.54 -5.31 13.07
C LYS A 18 10.99 -5.91 14.37
N ASN A 19 11.08 -7.23 14.49
CA ASN A 19 10.59 -7.92 15.67
C ASN A 19 11.47 -9.13 16.01
N GLN A 20 11.73 -9.33 17.29
CA GLN A 20 12.56 -10.45 17.74
C GLN A 20 11.75 -11.41 18.61
N GLU A 21 10.87 -10.85 19.43
CA GLU A 21 10.04 -11.66 20.32
C GLU A 21 8.82 -12.19 19.57
N MET A 22 7.88 -11.31 19.27
CA MET A 22 6.66 -11.70 18.56
C MET A 22 6.92 -11.79 17.05
N ALA A 23 7.73 -12.77 16.66
CA ALA A 23 8.06 -12.97 15.25
C ALA A 23 7.34 -14.19 14.69
N ALA A 24 6.39 -13.94 13.79
CA ALA A 24 5.62 -15.03 13.18
C ALA A 24 5.48 -14.81 11.67
N VAL A 25 5.75 -15.87 10.90
CA VAL A 25 5.65 -15.80 9.45
C VAL A 25 4.21 -15.92 8.98
N GLU A 26 3.65 -14.82 8.50
CA GLU A 26 2.27 -14.81 8.02
C GLU A 26 2.23 -14.84 6.50
N THR A 27 1.01 -14.98 5.95
CA THR A 27 0.83 -15.03 4.51
C THR A 27 0.39 -13.68 3.96
N ARG A 28 1.35 -12.91 3.46
CA ARG A 28 1.07 -11.59 2.91
C ARG A 28 0.65 -11.70 1.44
N VAL A 29 -0.33 -10.89 1.05
CA VAL A 29 -0.83 -10.90 -0.32
C VAL A 29 -1.07 -9.48 -0.82
N CYS A 30 -0.92 -9.27 -2.12
CA CYS A 30 -1.13 -7.97 -2.71
C CYS A 30 -2.52 -7.48 -2.32
N GLU A 31 -2.56 -6.25 -1.81
CA GLU A 31 -3.83 -5.65 -1.39
C GLU A 31 -4.75 -5.40 -2.58
N THR A 32 -4.15 -5.10 -3.73
CA THR A 32 -4.91 -4.85 -4.94
C THR A 32 -5.91 -5.96 -5.20
N ASP A 33 -7.18 -5.59 -5.33
CA ASP A 33 -8.25 -6.55 -5.58
C ASP A 33 -7.94 -7.39 -6.81
N GLY A 34 -8.04 -8.72 -6.66
CA GLY A 34 -7.75 -9.62 -7.77
C GLY A 34 -6.33 -10.10 -7.77
N CYS A 35 -5.41 -9.24 -7.36
CA CYS A 35 -3.99 -9.58 -7.32
C CYS A 35 -3.66 -10.40 -6.07
N SER A 36 -3.51 -11.71 -6.26
CA SER A 36 -3.20 -12.60 -5.14
C SER A 36 -1.71 -12.95 -5.12
N SER A 37 -0.88 -11.97 -5.47
CA SER A 37 0.57 -12.16 -5.50
C SER A 37 1.15 -12.08 -4.09
N GLU A 38 2.39 -12.51 -3.94
CA GLU A 38 3.07 -12.49 -2.65
C GLU A 38 3.56 -11.08 -2.32
N ALA A 39 2.85 -10.39 -1.45
CA ALA A 39 3.22 -9.04 -1.05
C ALA A 39 4.67 -8.98 -0.61
N LYS A 40 5.46 -8.16 -1.29
CA LYS A 40 6.88 -8.02 -0.96
C LYS A 40 7.19 -6.60 -0.50
N LEU A 41 6.38 -5.64 -0.97
CA LEU A 41 6.57 -4.24 -0.59
C LEU A 41 5.33 -3.71 0.13
N GLN A 42 5.43 -2.46 0.59
CA GLN A 42 4.32 -1.83 1.30
C GLN A 42 4.14 -0.38 0.86
N CYS A 43 3.01 0.21 1.21
CA CYS A 43 2.72 1.58 0.84
C CYS A 43 3.28 2.48 1.93
N PRO A 44 4.16 3.41 1.51
CA PRO A 44 4.80 4.38 2.41
C PRO A 44 3.81 5.41 2.94
N THR A 45 3.07 6.02 2.02
CA THR A 45 2.09 7.04 2.39
C THR A 45 1.04 6.47 3.34
N CYS A 46 0.85 5.16 3.30
CA CYS A 46 -0.12 4.49 4.15
C CYS A 46 0.40 4.40 5.58
N ILE A 47 1.67 4.08 5.72
CA ILE A 47 2.30 3.95 7.03
C ILE A 47 2.21 5.26 7.81
N LYS A 48 2.32 6.38 7.10
CA LYS A 48 2.26 7.70 7.72
C LYS A 48 0.80 8.12 7.93
N LEU A 49 -0.03 7.90 6.91
CA LEU A 49 -1.44 8.26 6.98
C LEU A 49 -2.12 7.58 8.17
N GLY A 50 -2.14 6.25 8.15
CA GLY A 50 -2.75 5.50 9.23
C GLY A 50 -3.67 4.41 8.72
N ILE A 51 -3.27 3.76 7.63
CA ILE A 51 -4.06 2.69 7.05
C ILE A 51 -3.39 1.33 7.24
N GLN A 52 -4.12 0.37 7.78
CA GLN A 52 -3.59 -0.96 8.01
C GLN A 52 -3.30 -1.67 6.69
N GLY A 53 -2.52 -2.75 6.75
CA GLY A 53 -2.18 -3.49 5.56
C GLY A 53 -1.50 -2.63 4.51
N SER A 54 -2.10 -2.56 3.32
CA SER A 54 -1.53 -1.78 2.23
C SER A 54 -0.19 -2.34 1.78
N TYR A 55 -0.18 -3.64 1.50
CA TYR A 55 1.04 -4.31 1.05
C TYR A 55 0.97 -4.66 -0.42
N PHE A 56 1.99 -4.27 -1.17
CA PHE A 56 2.04 -4.56 -2.60
C PHE A 56 2.94 -5.75 -2.90
N CYS A 57 2.84 -6.27 -4.12
CA CYS A 57 3.65 -7.42 -4.52
C CYS A 57 4.84 -6.97 -5.36
N SER A 58 4.67 -5.86 -6.07
CA SER A 58 5.73 -5.32 -6.92
C SER A 58 5.40 -3.91 -7.38
N GLN A 59 6.42 -3.17 -7.81
CA GLN A 59 6.23 -1.81 -8.27
C GLN A 59 5.41 -1.77 -9.56
N GLU A 60 5.77 -2.63 -10.50
CA GLU A 60 5.06 -2.70 -11.78
C GLU A 60 3.56 -2.81 -11.55
N CYS A 61 3.17 -3.56 -10.53
CA CYS A 61 1.75 -3.73 -10.21
C CYS A 61 1.23 -2.56 -9.38
N PHE A 62 2.09 -2.00 -8.54
CA PHE A 62 1.71 -0.87 -7.70
C PHE A 62 1.37 0.35 -8.55
N LYS A 63 2.19 0.59 -9.57
CA LYS A 63 1.97 1.74 -10.46
C LYS A 63 0.56 1.72 -11.03
N GLY A 64 0.06 0.52 -11.32
CA GLY A 64 -1.28 0.40 -11.87
C GLY A 64 -2.36 0.53 -10.82
N SER A 65 -2.34 -0.38 -9.84
CA SER A 65 -3.32 -0.37 -8.76
C SER A 65 -3.36 0.99 -8.07
N TRP A 66 -2.24 1.69 -8.10
CA TRP A 66 -2.14 3.01 -7.48
C TRP A 66 -3.31 3.89 -7.91
N ALA A 67 -3.75 3.73 -9.15
CA ALA A 67 -4.86 4.52 -9.67
C ALA A 67 -6.06 4.47 -8.74
N THR A 68 -6.26 3.33 -8.10
CA THR A 68 -7.37 3.14 -7.18
C THR A 68 -6.90 3.22 -5.73
N HIS A 69 -5.71 2.67 -5.47
CA HIS A 69 -5.15 2.68 -4.13
C HIS A 69 -5.19 4.08 -3.53
N LYS A 70 -4.80 5.07 -4.31
CA LYS A 70 -4.79 6.45 -3.87
C LYS A 70 -6.14 6.84 -3.26
N LEU A 71 -7.21 6.29 -3.82
CA LEU A 71 -8.56 6.56 -3.34
C LEU A 71 -8.75 6.03 -1.92
N LEU A 72 -8.14 4.89 -1.64
CA LEU A 72 -8.24 4.27 -0.33
C LEU A 72 -7.71 5.20 0.76
N HIS A 73 -6.66 5.93 0.44
CA HIS A 73 -6.05 6.87 1.39
C HIS A 73 -7.11 7.79 1.98
N LYS A 74 -8.01 8.27 1.13
CA LYS A 74 -9.08 9.17 1.58
C LYS A 74 -10.37 8.40 1.82
N LYS A 75 -10.26 7.26 2.49
CA LYS A 75 -11.42 6.43 2.78
C LYS A 75 -11.62 6.29 4.28
N ALA A 76 -12.28 7.28 4.87
CA ALA A 76 -12.54 7.27 6.31
C ALA A 76 -13.70 6.33 6.65
N LYS A 77 -14.90 6.68 6.19
CA LYS A 77 -16.09 5.88 6.44
C LYS A 77 -17.22 6.26 5.50
N ASP A 78 -17.96 5.27 5.02
CA ASP A 78 -19.07 5.51 4.12
C ASP A 78 -20.37 5.73 4.90
N GLU A 79 -21.21 6.62 4.39
CA GLU A 79 -22.49 6.92 5.04
C GLU A 79 -23.39 7.75 4.13
N LYS A 80 -24.62 7.30 3.96
CA LYS A 80 -25.58 8.01 3.12
C LYS A 80 -25.12 8.04 1.67
N ALA A 1 8.62 19.40 -10.87
CA ALA A 1 8.37 18.59 -9.69
C ALA A 1 8.44 19.41 -8.42
N GLU A 2 7.84 20.59 -8.45
CA GLU A 2 7.84 21.48 -7.29
C GLU A 2 6.89 20.97 -6.21
N GLU A 3 5.59 21.12 -6.46
CA GLU A 3 4.57 20.67 -5.51
C GLU A 3 4.24 19.20 -5.71
N GLU A 4 4.44 18.39 -4.68
CA GLU A 4 4.17 16.96 -4.74
C GLU A 4 2.93 16.61 -3.91
N TYR A 5 1.89 17.42 -4.04
CA TYR A 5 0.65 17.19 -3.30
C TYR A 5 -0.47 16.75 -4.24
N ALA A 6 -0.17 15.80 -5.12
CA ALA A 6 -1.16 15.31 -6.07
C ALA A 6 -0.80 13.89 -6.54
N GLU A 7 -1.80 13.02 -6.57
CA GLU A 7 -1.58 11.64 -7.00
C GLU A 7 -0.88 11.60 -8.36
N ASP A 8 0.36 11.13 -8.36
CA ASP A 8 1.15 11.04 -9.58
C ASP A 8 1.81 9.68 -9.71
N CYS A 9 1.24 8.68 -9.03
CA CYS A 9 1.78 7.33 -9.05
C CYS A 9 3.27 7.33 -8.72
N PRO A 10 3.59 7.64 -7.46
CA PRO A 10 4.97 7.69 -6.98
C PRO A 10 5.60 6.30 -6.90
N GLU A 11 6.85 6.25 -6.46
CA GLU A 11 7.57 4.99 -6.33
C GLU A 11 7.23 4.30 -5.01
N LEU A 12 7.30 2.97 -5.01
CA LEU A 12 7.00 2.18 -3.82
C LEU A 12 8.22 2.07 -2.92
N VAL A 13 7.98 1.83 -1.63
CA VAL A 13 9.07 1.70 -0.66
C VAL A 13 8.99 0.37 0.06
N PRO A 14 10.15 -0.10 0.57
CA PRO A 14 10.23 -1.37 1.30
C PRO A 14 9.56 -1.30 2.66
N ILE A 15 8.95 -2.41 3.08
CA ILE A 15 8.27 -2.48 4.36
C ILE A 15 9.27 -2.55 5.51
N GLU A 16 9.38 -1.46 6.27
CA GLU A 16 10.30 -1.39 7.39
C GLU A 16 9.77 -2.21 8.57
N THR A 17 10.09 -3.50 8.58
CA THR A 17 9.65 -4.38 9.65
C THR A 17 10.54 -5.61 9.76
N LYS A 18 11.28 -5.71 10.85
CA LYS A 18 12.18 -6.84 11.07
C LYS A 18 12.15 -7.28 12.54
N ASN A 19 11.57 -8.44 12.78
CA ASN A 19 11.48 -8.98 14.13
C ASN A 19 11.62 -10.50 14.14
N GLN A 20 12.65 -10.98 14.84
CA GLN A 20 12.91 -12.42 14.92
C GLN A 20 12.58 -12.95 16.31
N GLU A 21 11.48 -12.47 16.88
CA GLU A 21 11.06 -12.91 18.21
C GLU A 21 9.79 -13.75 18.14
N MET A 22 9.49 -14.45 19.23
CA MET A 22 8.31 -15.31 19.28
C MET A 22 7.05 -14.51 18.96
N ALA A 23 6.49 -14.75 17.78
CA ALA A 23 5.28 -14.05 17.36
C ALA A 23 4.54 -14.83 16.27
N ALA A 24 3.25 -14.58 16.14
CA ALA A 24 2.44 -15.25 15.14
C ALA A 24 3.07 -15.14 13.76
N VAL A 25 3.06 -16.24 13.01
CA VAL A 25 3.63 -16.26 11.67
C VAL A 25 2.64 -15.74 10.65
N GLU A 26 2.68 -14.43 10.40
CA GLU A 26 1.78 -13.81 9.44
C GLU A 26 2.41 -13.77 8.05
N THR A 27 1.58 -13.85 7.02
CA THR A 27 2.05 -13.83 5.64
C THR A 27 1.57 -12.58 4.92
N ARG A 28 2.44 -11.60 4.77
CA ARG A 28 2.10 -10.35 4.08
C ARG A 28 1.47 -10.63 2.73
N VAL A 29 0.41 -9.90 2.41
CA VAL A 29 -0.29 -10.07 1.14
C VAL A 29 -0.51 -8.72 0.45
N CYS A 30 -0.48 -8.73 -0.87
CA CYS A 30 -0.69 -7.51 -1.62
C CYS A 30 -2.01 -6.88 -1.17
N GLU A 31 -1.99 -5.57 -1.03
CA GLU A 31 -3.17 -4.83 -0.61
C GLU A 31 -4.38 -5.19 -1.47
N THR A 32 -4.18 -5.25 -2.78
CA THR A 32 -5.25 -5.60 -3.71
C THR A 32 -5.88 -6.93 -3.35
N ASP A 33 -7.17 -7.05 -3.62
CA ASP A 33 -7.91 -8.28 -3.33
C ASP A 33 -7.50 -9.40 -4.28
N GLY A 34 -7.70 -9.17 -5.57
CA GLY A 34 -7.35 -10.16 -6.57
C GLY A 34 -5.91 -10.62 -6.45
N CYS A 35 -5.04 -9.70 -6.04
CA CYS A 35 -3.62 -10.02 -5.88
C CYS A 35 -3.30 -10.39 -4.44
N SER A 36 -2.91 -11.65 -4.24
CA SER A 36 -2.57 -12.14 -2.91
C SER A 36 -1.10 -12.54 -2.83
N SER A 37 -0.25 -11.79 -3.53
CA SER A 37 1.18 -12.08 -3.55
C SER A 37 1.85 -11.59 -2.27
N GLU A 38 3.02 -12.13 -1.97
CA GLU A 38 3.76 -11.74 -0.78
C GLU A 38 4.07 -10.24 -0.79
N ALA A 39 3.41 -9.51 0.10
CA ALA A 39 3.61 -8.06 0.20
C ALA A 39 4.95 -7.73 0.84
N LYS A 40 5.83 -7.08 0.08
CA LYS A 40 7.15 -6.71 0.58
C LYS A 40 7.29 -5.19 0.64
N LEU A 41 6.57 -4.49 -0.22
CA LEU A 41 6.61 -3.04 -0.26
C LEU A 41 5.39 -2.43 0.43
N GLN A 42 5.39 -1.12 0.60
CA GLN A 42 4.29 -0.42 1.24
C GLN A 42 3.94 0.87 0.49
N CYS A 43 2.69 1.30 0.60
CA CYS A 43 2.26 2.51 -0.06
C CYS A 43 2.81 3.71 0.71
N PRO A 44 3.51 4.59 -0.02
CA PRO A 44 4.10 5.80 0.55
C PRO A 44 3.04 6.83 0.97
N THR A 45 2.12 7.12 0.06
CA THR A 45 1.07 8.09 0.33
C THR A 45 0.19 7.63 1.49
N CYS A 46 0.20 6.33 1.75
CA CYS A 46 -0.59 5.76 2.84
C CYS A 46 0.02 6.11 4.19
N ILE A 47 1.32 5.94 4.31
CA ILE A 47 2.03 6.24 5.55
C ILE A 47 1.69 7.64 6.06
N LYS A 48 1.63 8.59 5.13
CA LYS A 48 1.31 9.97 5.47
C LYS A 48 -0.19 10.15 5.71
N LEU A 49 -0.99 9.66 4.76
CA LEU A 49 -2.44 9.76 4.86
C LEU A 49 -2.92 9.21 6.21
N GLY A 50 -2.31 8.12 6.66
CA GLY A 50 -2.69 7.51 7.92
C GLY A 50 -3.58 6.30 7.73
N ILE A 51 -3.26 5.48 6.73
CA ILE A 51 -4.04 4.28 6.45
C ILE A 51 -3.27 3.02 6.84
N GLN A 52 -3.99 2.04 7.37
CA GLN A 52 -3.38 0.78 7.79
C GLN A 52 -3.63 -0.31 6.76
N GLY A 53 -2.70 -1.25 6.66
CA GLY A 53 -2.84 -2.35 5.71
C GLY A 53 -2.60 -1.90 4.28
N SER A 54 -1.41 -1.38 4.02
CA SER A 54 -1.06 -0.92 2.68
C SER A 54 0.29 -1.49 2.24
N TYR A 55 0.31 -2.78 1.98
CA TYR A 55 1.55 -3.45 1.55
C TYR A 55 1.38 -4.06 0.15
N PHE A 56 2.25 -3.67 -0.76
CA PHE A 56 2.22 -4.17 -2.13
C PHE A 56 3.25 -5.28 -2.33
N CYS A 57 3.16 -5.94 -3.47
CA CYS A 57 4.08 -7.03 -3.79
C CYS A 57 5.18 -6.56 -4.75
N SER A 58 4.84 -5.59 -5.60
CA SER A 58 5.79 -5.04 -6.56
C SER A 58 5.24 -3.77 -7.20
N GLN A 59 6.14 -2.98 -7.78
CA GLN A 59 5.75 -1.73 -8.44
C GLN A 59 4.88 -2.01 -9.66
N GLU A 60 5.33 -2.96 -10.49
CA GLU A 60 4.59 -3.32 -11.70
C GLU A 60 3.12 -3.56 -11.39
N CYS A 61 2.86 -4.13 -10.21
CA CYS A 61 1.49 -4.43 -9.80
C CYS A 61 0.85 -3.21 -9.13
N PHE A 62 1.67 -2.44 -8.42
CA PHE A 62 1.19 -1.25 -7.73
C PHE A 62 0.63 -0.23 -8.71
N LYS A 63 1.38 0.05 -9.76
CA LYS A 63 0.96 1.01 -10.78
C LYS A 63 -0.44 0.68 -11.28
N GLY A 64 -0.70 -0.61 -11.50
CA GLY A 64 -2.01 -1.03 -11.97
C GLY A 64 -3.08 -0.87 -10.93
N SER A 65 -2.90 -1.52 -9.78
CA SER A 65 -3.87 -1.46 -8.70
C SER A 65 -4.14 -0.01 -8.30
N TRP A 66 -3.17 0.86 -8.53
CA TRP A 66 -3.30 2.27 -8.20
C TRP A 66 -4.62 2.83 -8.73
N ALA A 67 -5.06 2.31 -9.87
CA ALA A 67 -6.32 2.76 -10.47
C ALA A 67 -7.45 2.73 -9.47
N THR A 68 -7.41 1.76 -8.55
CA THR A 68 -8.44 1.63 -7.53
C THR A 68 -7.92 2.05 -6.17
N HIS A 69 -6.68 1.67 -5.86
CA HIS A 69 -6.06 2.01 -4.58
C HIS A 69 -6.20 3.50 -4.29
N LYS A 70 -5.90 4.32 -5.30
CA LYS A 70 -5.99 5.77 -5.16
C LYS A 70 -7.36 6.18 -4.61
N LEU A 71 -8.38 5.43 -4.99
CA LEU A 71 -9.74 5.72 -4.53
C LEU A 71 -9.87 5.55 -3.03
N LEU A 72 -9.13 4.58 -2.49
CA LEU A 72 -9.15 4.30 -1.05
C LEU A 72 -8.67 5.52 -0.27
N HIS A 73 -7.65 6.19 -0.79
CA HIS A 73 -7.09 7.36 -0.13
C HIS A 73 -8.18 8.38 0.18
N LYS A 74 -9.17 8.49 -0.72
CA LYS A 74 -10.28 9.42 -0.53
C LYS A 74 -11.55 8.67 -0.15
N LYS A 75 -11.58 8.16 1.09
CA LYS A 75 -12.73 7.43 1.58
C LYS A 75 -13.84 8.39 2.02
N ALA A 76 -14.58 8.91 1.06
CA ALA A 76 -15.67 9.85 1.34
C ALA A 76 -17.02 9.24 0.97
N LYS A 77 -17.95 9.25 1.93
CA LYS A 77 -19.28 8.71 1.71
C LYS A 77 -20.19 9.01 2.89
N ASP A 78 -21.42 8.53 2.81
CA ASP A 78 -22.40 8.74 3.88
C ASP A 78 -21.85 8.27 5.23
N GLU A 79 -21.09 7.18 5.19
CA GLU A 79 -20.50 6.63 6.41
C GLU A 79 -21.59 6.18 7.38
N LYS A 80 -22.49 5.32 6.89
CA LYS A 80 -23.58 4.81 7.71
C LYS A 80 -23.04 4.13 8.96
N ALA A 1 6.71 27.30 -5.00
CA ALA A 1 6.02 26.12 -4.48
C ALA A 1 6.86 25.40 -3.43
N GLU A 2 6.35 25.35 -2.21
CA GLU A 2 7.06 24.69 -1.11
C GLU A 2 6.58 23.25 -0.95
N GLU A 3 5.29 23.05 -1.08
CA GLU A 3 4.69 21.72 -0.95
C GLU A 3 3.62 21.48 -2.01
N GLU A 4 3.80 20.42 -2.79
CA GLU A 4 2.85 20.08 -3.84
C GLU A 4 2.44 18.61 -3.75
N TYR A 5 1.58 18.19 -4.67
CA TYR A 5 1.10 16.82 -4.69
C TYR A 5 0.24 16.56 -5.93
N ALA A 6 0.20 15.30 -6.35
CA ALA A 6 -0.58 14.92 -7.53
C ALA A 6 -1.05 13.47 -7.42
N GLU A 7 -1.74 13.00 -8.46
CA GLU A 7 -2.24 11.64 -8.49
C GLU A 7 -1.46 10.79 -9.49
N ASP A 8 -0.15 10.70 -9.29
CA ASP A 8 0.70 9.92 -10.19
C ASP A 8 1.01 8.55 -9.58
N CYS A 9 1.75 7.74 -10.32
CA CYS A 9 2.12 6.40 -9.86
C CYS A 9 3.61 6.33 -9.55
N PRO A 10 4.00 6.80 -8.36
CA PRO A 10 5.40 6.80 -7.92
C PRO A 10 5.92 5.39 -7.63
N GLU A 11 7.11 5.31 -7.05
CA GLU A 11 7.72 4.03 -6.73
C GLU A 11 7.22 3.52 -5.37
N LEU A 12 7.54 2.27 -5.07
CA LEU A 12 7.12 1.67 -3.80
C LEU A 12 8.33 1.42 -2.90
N VAL A 13 8.07 1.07 -1.64
CA VAL A 13 9.12 0.81 -0.67
C VAL A 13 8.88 -0.50 0.06
N PRO A 14 9.96 -1.15 0.49
CA PRO A 14 9.90 -2.42 1.22
C PRO A 14 9.30 -2.26 2.63
N ILE A 15 8.57 -3.26 3.07
CA ILE A 15 7.95 -3.22 4.39
C ILE A 15 8.99 -3.40 5.49
N GLU A 16 9.49 -2.29 6.01
CA GLU A 16 10.49 -2.31 7.08
C GLU A 16 9.98 -3.10 8.29
N THR A 17 10.54 -4.29 8.49
CA THR A 17 10.14 -5.14 9.61
C THR A 17 11.23 -5.19 10.68
N LYS A 18 10.82 -5.31 11.93
CA LYS A 18 11.77 -5.38 13.04
C LYS A 18 11.23 -6.27 14.16
N ASN A 19 11.90 -7.39 14.39
CA ASN A 19 11.50 -8.33 15.43
C ASN A 19 12.69 -9.10 15.97
N GLN A 20 12.44 -10.01 16.90
CA GLN A 20 13.49 -10.80 17.51
C GLN A 20 14.14 -11.72 16.47
N GLU A 21 15.16 -12.46 16.89
CA GLU A 21 15.86 -13.37 15.99
C GLU A 21 15.00 -14.59 15.67
N MET A 22 14.29 -15.08 16.68
CA MET A 22 13.43 -16.24 16.51
C MET A 22 12.42 -16.01 15.39
N ALA A 23 12.47 -16.84 14.35
CA ALA A 23 11.56 -16.72 13.22
C ALA A 23 10.11 -16.79 13.69
N ALA A 24 9.33 -15.76 13.35
CA ALA A 24 7.93 -15.71 13.72
C ALA A 24 7.06 -16.45 12.70
N VAL A 25 5.74 -16.40 12.90
CA VAL A 25 4.80 -17.05 12.00
C VAL A 25 3.74 -16.09 11.51
N GLU A 26 4.11 -15.26 10.53
CA GLU A 26 3.18 -14.28 9.97
C GLU A 26 3.42 -14.11 8.47
N THR A 27 2.33 -13.98 7.72
CA THR A 27 2.42 -13.81 6.27
C THR A 27 1.53 -12.66 5.80
N ARG A 28 1.97 -11.98 4.75
CA ARG A 28 1.22 -10.85 4.20
C ARG A 28 0.63 -11.20 2.84
N VAL A 29 -0.36 -10.43 2.41
CA VAL A 29 -1.00 -10.66 1.12
C VAL A 29 -1.30 -9.34 0.41
N CYS A 30 -1.24 -9.36 -0.92
CA CYS A 30 -1.50 -8.17 -1.71
C CYS A 30 -2.87 -7.61 -1.29
N GLU A 31 -2.85 -6.35 -0.86
CA GLU A 31 -4.07 -5.68 -0.44
C GLU A 31 -5.09 -5.63 -1.57
N THR A 32 -4.61 -5.52 -2.80
CA THR A 32 -5.48 -5.46 -3.97
C THR A 32 -6.47 -6.61 -3.96
N ASP A 33 -7.73 -6.31 -4.27
CA ASP A 33 -8.78 -7.31 -4.31
C ASP A 33 -8.51 -8.34 -5.39
N GLY A 34 -8.59 -9.62 -5.02
CA GLY A 34 -8.34 -10.68 -5.97
C GLY A 34 -6.89 -11.16 -5.97
N CYS A 35 -5.98 -10.23 -5.71
CA CYS A 35 -4.56 -10.55 -5.69
C CYS A 35 -4.15 -11.08 -4.31
N SER A 36 -3.84 -12.38 -4.26
CA SER A 36 -3.44 -13.00 -3.00
C SER A 36 -1.97 -13.40 -3.04
N SER A 37 -1.13 -12.50 -3.54
CA SER A 37 0.31 -12.75 -3.64
C SER A 37 1.03 -12.26 -2.39
N GLU A 38 2.24 -12.76 -2.18
CA GLU A 38 3.04 -12.37 -1.02
C GLU A 38 3.31 -10.87 -1.02
N ALA A 39 2.72 -10.17 -0.06
CA ALA A 39 2.89 -8.73 0.05
C ALA A 39 4.21 -8.38 0.75
N LYS A 40 5.11 -7.75 0.01
CA LYS A 40 6.41 -7.36 0.56
C LYS A 40 6.58 -5.84 0.53
N LEU A 41 5.94 -5.20 -0.44
CA LEU A 41 6.03 -3.75 -0.58
C LEU A 41 4.91 -3.07 0.20
N GLN A 42 5.01 -1.75 0.35
CA GLN A 42 4.01 -0.97 1.06
C GLN A 42 3.75 0.36 0.36
N CYS A 43 2.63 0.99 0.70
CA CYS A 43 2.28 2.26 0.11
C CYS A 43 2.84 3.38 0.98
N PRO A 44 3.65 4.24 0.36
CA PRO A 44 4.28 5.38 1.04
C PRO A 44 3.27 6.45 1.44
N THR A 45 2.45 6.86 0.48
CA THR A 45 1.43 7.89 0.73
C THR A 45 0.47 7.44 1.81
N CYS A 46 0.31 6.13 1.96
CA CYS A 46 -0.59 5.58 2.96
C CYS A 46 -0.06 5.81 4.37
N ILE A 47 1.25 5.60 4.54
CA ILE A 47 1.90 5.78 5.83
C ILE A 47 1.71 7.20 6.34
N LYS A 48 1.69 8.16 5.42
CA LYS A 48 1.52 9.57 5.78
C LYS A 48 0.05 9.87 6.07
N LEU A 49 -0.83 9.49 5.15
CA LEU A 49 -2.26 9.72 5.31
C LEU A 49 -2.75 9.17 6.65
N GLY A 50 -2.28 7.98 6.99
CA GLY A 50 -2.67 7.36 8.25
C GLY A 50 -3.51 6.11 8.04
N ILE A 51 -3.21 5.38 6.97
CA ILE A 51 -3.95 4.16 6.66
C ILE A 51 -3.17 2.92 7.10
N GLN A 52 -3.87 1.97 7.71
CA GLN A 52 -3.24 0.75 8.17
C GLN A 52 -3.68 -0.45 7.34
N GLY A 53 -2.84 -0.86 6.40
CA GLY A 53 -3.17 -1.99 5.55
C GLY A 53 -2.97 -1.68 4.08
N SER A 54 -1.74 -1.35 3.71
CA SER A 54 -1.41 -1.02 2.33
C SER A 54 -0.11 -1.70 1.90
N TYR A 55 -0.18 -2.99 1.65
CA TYR A 55 1.00 -3.76 1.23
C TYR A 55 0.79 -4.37 -0.15
N PHE A 56 1.79 -4.23 -1.01
CA PHE A 56 1.73 -4.78 -2.36
C PHE A 56 2.63 -6.00 -2.51
N CYS A 57 2.39 -6.79 -3.54
CA CYS A 57 3.17 -7.99 -3.79
C CYS A 57 4.31 -7.70 -4.77
N SER A 58 4.11 -6.69 -5.62
CA SER A 58 5.11 -6.32 -6.61
C SER A 58 4.77 -4.98 -7.25
N GLN A 59 5.78 -4.30 -7.77
CA GLN A 59 5.58 -3.00 -8.41
C GLN A 59 4.69 -3.14 -9.64
N GLU A 60 5.02 -4.10 -10.50
CA GLU A 60 4.25 -4.34 -11.71
C GLU A 60 2.76 -4.46 -11.41
N CYS A 61 2.44 -5.05 -10.27
CA CYS A 61 1.06 -5.22 -9.86
C CYS A 61 0.50 -3.93 -9.26
N PHE A 62 1.34 -3.24 -8.50
CA PHE A 62 0.94 -1.99 -7.86
C PHE A 62 0.53 -0.95 -8.91
N LYS A 63 1.23 -0.96 -10.04
CA LYS A 63 0.94 -0.02 -11.12
C LYS A 63 -0.52 -0.11 -11.55
N GLY A 64 -0.98 -1.34 -11.79
CA GLY A 64 -2.36 -1.53 -12.20
C GLY A 64 -3.35 -1.28 -11.07
N SER A 65 -3.15 -1.98 -9.95
CA SER A 65 -4.03 -1.83 -8.80
C SER A 65 -4.14 -0.37 -8.39
N TRP A 66 -3.10 0.40 -8.65
CA TRP A 66 -3.09 1.82 -8.31
C TRP A 66 -4.34 2.52 -8.81
N ALA A 67 -4.82 2.10 -9.98
CA ALA A 67 -6.03 2.69 -10.57
C ALA A 67 -7.17 2.70 -9.56
N THR A 68 -7.20 1.68 -8.70
CA THR A 68 -8.26 1.57 -7.69
C THR A 68 -7.74 2.01 -6.32
N HIS A 69 -6.53 1.59 -5.98
CA HIS A 69 -5.94 1.95 -4.70
C HIS A 69 -6.02 3.45 -4.46
N LYS A 70 -5.68 4.23 -5.48
CA LYS A 70 -5.70 5.68 -5.39
C LYS A 70 -7.06 6.16 -4.88
N LEU A 71 -8.11 5.45 -5.25
CA LEU A 71 -9.47 5.80 -4.83
C LEU A 71 -9.62 5.68 -3.32
N LEU A 72 -8.94 4.70 -2.74
CA LEU A 72 -8.99 4.48 -1.29
C LEU A 72 -8.47 5.70 -0.54
N HIS A 73 -7.42 6.31 -1.07
CA HIS A 73 -6.83 7.50 -0.45
C HIS A 73 -7.89 8.56 -0.18
N LYS A 74 -8.80 8.74 -1.13
CA LYS A 74 -9.87 9.72 -0.99
C LYS A 74 -11.15 9.06 -0.50
N LYS A 75 -11.09 8.48 0.69
CA LYS A 75 -12.25 7.81 1.28
C LYS A 75 -13.43 8.77 1.36
N ALA A 76 -14.54 8.36 0.75
CA ALA A 76 -15.75 9.19 0.76
C ALA A 76 -16.50 9.06 2.09
N LYS A 77 -17.56 9.83 2.24
CA LYS A 77 -18.37 9.81 3.46
C LYS A 77 -19.14 8.50 3.58
N ASP A 78 -19.45 8.11 4.81
CA ASP A 78 -20.19 6.88 5.06
C ASP A 78 -21.64 7.01 4.60
N GLU A 79 -22.27 8.11 4.98
CA GLU A 79 -23.66 8.36 4.62
C GLU A 79 -23.85 8.26 3.10
N LYS A 80 -24.86 7.50 2.70
CA LYS A 80 -25.15 7.32 1.28
C LYS A 80 -26.53 7.85 0.93
N ALA A 1 -11.89 25.34 -9.10
CA ALA A 1 -11.19 24.83 -7.94
C ALA A 1 -11.32 23.31 -7.85
N GLU A 2 -10.21 22.64 -7.56
CA GLU A 2 -10.20 21.19 -7.45
C GLU A 2 -9.70 20.75 -6.08
N GLU A 3 -10.56 20.08 -5.32
CA GLU A 3 -10.21 19.61 -3.99
C GLU A 3 -9.77 18.15 -4.03
N GLU A 4 -8.55 17.92 -4.49
CA GLU A 4 -8.01 16.57 -4.59
C GLU A 4 -6.55 16.53 -4.12
N TYR A 5 -6.09 15.35 -3.74
CA TYR A 5 -4.72 15.18 -3.28
C TYR A 5 -3.75 15.11 -4.46
N ALA A 6 -2.46 15.22 -4.16
CA ALA A 6 -1.43 15.15 -5.19
C ALA A 6 -0.75 13.79 -5.21
N GLU A 7 -0.31 13.37 -6.38
CA GLU A 7 0.36 12.08 -6.53
C GLU A 7 1.17 12.03 -7.83
N ASP A 8 2.24 11.24 -7.82
CA ASP A 8 3.10 11.11 -8.99
C ASP A 8 3.72 9.72 -9.06
N CYS A 9 3.06 8.76 -8.41
CA CYS A 9 3.54 7.38 -8.40
C CYS A 9 5.01 7.33 -7.97
N PRO A 10 5.27 7.64 -6.70
CA PRO A 10 6.62 7.63 -6.13
C PRO A 10 7.18 6.22 -6.00
N GLU A 11 8.36 6.11 -5.39
CA GLU A 11 9.01 4.82 -5.20
C GLU A 11 8.54 4.16 -3.90
N LEU A 12 7.98 2.96 -4.04
CA LEU A 12 7.49 2.23 -2.87
C LEU A 12 8.58 2.08 -1.81
N VAL A 13 8.21 1.51 -0.67
CA VAL A 13 9.16 1.31 0.42
C VAL A 13 9.01 -0.07 1.04
N PRO A 14 10.11 -0.59 1.61
CA PRO A 14 10.12 -1.91 2.25
C PRO A 14 9.31 -1.93 3.54
N ILE A 15 8.65 -3.06 3.80
CA ILE A 15 7.84 -3.21 5.00
C ILE A 15 8.72 -3.39 6.24
N GLU A 16 9.03 -2.27 6.89
CA GLU A 16 9.86 -2.31 8.10
C GLU A 16 9.32 -3.31 9.10
N THR A 17 10.23 -3.93 9.85
CA THR A 17 9.84 -4.92 10.85
C THR A 17 10.58 -4.68 12.17
N LYS A 18 9.82 -4.50 13.24
CA LYS A 18 10.40 -4.27 14.56
C LYS A 18 10.08 -5.41 15.51
N ASN A 19 8.84 -5.89 15.46
CA ASN A 19 8.41 -7.00 16.31
C ASN A 19 8.85 -8.33 15.74
N GLN A 20 9.47 -9.16 16.57
CA GLN A 20 9.94 -10.47 16.14
C GLN A 20 9.25 -11.58 16.94
N GLU A 21 7.97 -11.79 16.65
CA GLU A 21 7.20 -12.82 17.33
C GLU A 21 6.73 -13.88 16.34
N MET A 22 6.75 -15.14 16.79
CA MET A 22 6.33 -16.26 15.94
C MET A 22 5.03 -16.86 16.46
N ALA A 23 4.03 -16.02 16.70
CA ALA A 23 2.75 -16.47 17.19
C ALA A 23 1.61 -15.95 16.31
N ALA A 24 0.92 -16.86 15.64
CA ALA A 24 -0.19 -16.49 14.76
C ALA A 24 0.23 -15.41 13.78
N VAL A 25 1.41 -15.57 13.19
CA VAL A 25 1.92 -14.62 12.22
C VAL A 25 1.70 -15.11 10.79
N GLU A 26 0.62 -14.63 10.17
CA GLU A 26 0.30 -15.02 8.81
C GLU A 26 1.31 -14.44 7.82
N THR A 27 1.11 -14.73 6.54
CA THR A 27 2.00 -14.23 5.49
C THR A 27 1.41 -13.01 4.80
N ARG A 28 2.28 -12.23 4.16
CA ARG A 28 1.83 -11.03 3.46
C ARG A 28 1.64 -11.30 1.98
N VAL A 29 0.58 -10.73 1.40
CA VAL A 29 0.30 -10.92 -0.01
C VAL A 29 0.00 -9.58 -0.70
N CYS A 30 0.31 -9.51 -1.99
CA CYS A 30 0.07 -8.29 -2.74
C CYS A 30 -1.39 -7.88 -2.56
N GLU A 31 -1.59 -6.61 -2.23
CA GLU A 31 -2.92 -6.07 -2.03
C GLU A 31 -3.71 -6.05 -3.34
N THR A 32 -3.00 -5.82 -4.44
CA THR A 32 -3.62 -5.77 -5.76
C THR A 32 -4.50 -7.00 -5.99
N ASP A 33 -5.73 -6.76 -6.41
CA ASP A 33 -6.67 -7.85 -6.68
C ASP A 33 -6.11 -8.81 -7.73
N GLY A 34 -6.17 -10.11 -7.42
CA GLY A 34 -5.66 -11.10 -8.34
C GLY A 34 -4.22 -11.48 -8.06
N CYS A 35 -3.42 -10.48 -7.70
CA CYS A 35 -2.00 -10.69 -7.41
C CYS A 35 -1.83 -11.38 -6.05
N SER A 36 -1.77 -12.71 -6.07
CA SER A 36 -1.62 -13.49 -4.85
C SER A 36 -0.15 -13.81 -4.59
N SER A 37 0.73 -12.86 -4.91
CA SER A 37 2.16 -13.04 -4.72
C SER A 37 2.60 -12.54 -3.34
N GLU A 38 3.85 -12.80 -3.00
CA GLU A 38 4.39 -12.39 -1.71
C GLU A 38 4.54 -10.86 -1.66
N ALA A 39 4.00 -10.25 -0.62
CA ALA A 39 4.08 -8.81 -0.44
C ALA A 39 5.19 -8.43 0.52
N LYS A 40 6.18 -7.68 0.01
CA LYS A 40 7.31 -7.26 0.83
C LYS A 40 7.35 -5.73 0.93
N LEU A 41 6.81 -5.05 -0.07
CA LEU A 41 6.79 -3.60 -0.10
C LEU A 41 5.48 -3.07 0.49
N GLN A 42 5.44 -1.76 0.75
CA GLN A 42 4.25 -1.13 1.31
C GLN A 42 3.98 0.20 0.63
N CYS A 43 2.74 0.65 0.68
CA CYS A 43 2.36 1.91 0.07
C CYS A 43 2.69 3.04 1.06
N PRO A 44 3.48 4.01 0.57
CA PRO A 44 3.90 5.17 1.37
C PRO A 44 2.73 6.11 1.66
N THR A 45 2.01 6.50 0.62
CA THR A 45 0.88 7.41 0.76
C THR A 45 -0.18 6.82 1.69
N CYS A 46 -0.19 5.50 1.80
CA CYS A 46 -1.15 4.81 2.65
C CYS A 46 -0.81 5.00 4.12
N ILE A 47 0.48 5.11 4.42
CA ILE A 47 0.94 5.31 5.79
C ILE A 47 0.49 6.66 6.33
N LYS A 48 0.50 7.67 5.47
CA LYS A 48 0.09 9.01 5.86
C LYS A 48 -1.42 9.17 5.76
N LEU A 49 -2.03 8.47 4.81
CA LEU A 49 -3.47 8.53 4.63
C LEU A 49 -4.21 7.88 5.80
N GLY A 50 -3.76 6.69 6.19
CA GLY A 50 -4.38 5.98 7.29
C GLY A 50 -5.05 4.70 6.85
N ILE A 51 -4.35 3.92 6.02
CA ILE A 51 -4.88 2.66 5.54
C ILE A 51 -4.02 1.49 5.98
N GLN A 52 -4.67 0.37 6.28
CA GLN A 52 -3.95 -0.83 6.72
C GLN A 52 -3.43 -1.62 5.53
N GLY A 53 -2.69 -2.69 5.81
CA GLY A 53 -2.14 -3.51 4.75
C GLY A 53 -1.38 -2.71 3.72
N SER A 54 -1.98 -2.52 2.55
CA SER A 54 -1.35 -1.76 1.48
C SER A 54 0.08 -2.26 1.23
N TYR A 55 0.23 -3.58 1.10
CA TYR A 55 1.53 -4.17 0.86
C TYR A 55 1.63 -4.72 -0.56
N PHE A 56 2.66 -4.29 -1.29
CA PHE A 56 2.88 -4.73 -2.65
C PHE A 56 3.95 -5.81 -2.72
N CYS A 57 4.07 -6.45 -3.88
CA CYS A 57 5.05 -7.51 -4.08
C CYS A 57 6.29 -6.98 -4.80
N SER A 58 6.08 -5.98 -5.65
CA SER A 58 7.18 -5.38 -6.41
C SER A 58 6.75 -4.06 -7.04
N GLN A 59 7.74 -3.23 -7.38
CA GLN A 59 7.46 -1.93 -7.99
C GLN A 59 6.78 -2.09 -9.34
N GLU A 60 7.33 -2.98 -10.17
CA GLU A 60 6.78 -3.23 -11.49
C GLU A 60 5.27 -3.46 -11.42
N CYS A 61 4.85 -4.29 -10.47
CA CYS A 61 3.43 -4.60 -10.29
C CYS A 61 2.70 -3.44 -9.65
N PHE A 62 3.41 -2.71 -8.78
CA PHE A 62 2.82 -1.56 -8.08
C PHE A 62 2.43 -0.47 -9.07
N LYS A 63 3.32 -0.19 -10.02
CA LYS A 63 3.08 0.84 -11.03
C LYS A 63 1.74 0.62 -11.71
N GLY A 64 1.50 -0.61 -12.15
CA GLY A 64 0.24 -0.93 -12.81
C GLY A 64 -0.94 -0.85 -11.87
N SER A 65 -0.86 -1.56 -10.75
CA SER A 65 -1.94 -1.57 -9.76
C SER A 65 -2.29 -0.16 -9.34
N TRP A 66 -1.31 0.73 -9.34
CA TRP A 66 -1.51 2.12 -8.95
C TRP A 66 -2.73 2.70 -9.66
N ALA A 67 -2.96 2.26 -10.90
CA ALA A 67 -4.08 2.75 -11.69
C ALA A 67 -5.39 2.64 -10.90
N THR A 68 -5.49 1.61 -10.08
CA THR A 68 -6.69 1.39 -9.27
C THR A 68 -6.43 1.73 -7.81
N HIS A 69 -5.26 1.35 -7.31
CA HIS A 69 -4.89 1.63 -5.93
C HIS A 69 -5.14 3.09 -5.58
N LYS A 70 -4.70 3.98 -6.45
CA LYS A 70 -4.86 5.42 -6.23
C LYS A 70 -6.32 5.75 -5.94
N LEU A 71 -7.24 5.02 -6.55
CA LEU A 71 -8.66 5.23 -6.35
C LEU A 71 -9.05 4.95 -4.90
N LEU A 72 -8.41 3.96 -4.31
CA LEU A 72 -8.68 3.58 -2.92
C LEU A 72 -8.39 4.75 -1.98
N HIS A 73 -7.32 5.48 -2.27
CA HIS A 73 -6.94 6.63 -1.44
C HIS A 73 -8.09 7.61 -1.31
N LYS A 74 -8.89 7.73 -2.37
CA LYS A 74 -10.02 8.65 -2.37
C LYS A 74 -11.18 8.07 -1.56
N LYS A 75 -10.97 7.95 -0.25
CA LYS A 75 -12.00 7.41 0.64
C LYS A 75 -12.52 8.50 1.57
N ALA A 76 -11.61 9.33 2.08
CA ALA A 76 -11.99 10.41 2.98
C ALA A 76 -12.76 9.88 4.18
N LYS A 77 -12.24 8.83 4.81
CA LYS A 77 -12.88 8.23 5.96
C LYS A 77 -12.74 9.13 7.19
N ASP A 78 -11.58 9.75 7.33
CA ASP A 78 -11.32 10.64 8.46
C ASP A 78 -10.45 11.81 8.03
N GLU A 79 -10.99 13.02 8.18
CA GLU A 79 -10.26 14.23 7.80
C GLU A 79 -10.96 15.47 8.35
N LYS A 80 -10.17 16.44 8.82
CA LYS A 80 -10.71 17.67 9.36
C LYS A 80 -10.81 18.75 8.29
N ALA A 1 2.83 25.26 -6.61
CA ALA A 1 2.42 24.03 -7.27
C ALA A 1 1.00 23.64 -6.88
N GLU A 2 0.07 24.58 -7.04
CA GLU A 2 -1.33 24.35 -6.69
C GLU A 2 -2.16 24.06 -7.95
N GLU A 3 -1.58 23.28 -8.86
CA GLU A 3 -2.27 22.94 -10.10
C GLU A 3 -2.87 21.53 -10.02
N GLU A 4 -2.05 20.58 -9.56
CA GLU A 4 -2.50 19.20 -9.44
C GLU A 4 -3.40 19.03 -8.22
N TYR A 5 -4.42 18.18 -8.37
CA TYR A 5 -5.36 17.94 -7.28
C TYR A 5 -5.23 16.50 -6.77
N ALA A 6 -5.53 15.54 -7.64
CA ALA A 6 -5.45 14.14 -7.28
C ALA A 6 -4.05 13.78 -6.78
N GLU A 7 -3.89 12.54 -6.30
CA GLU A 7 -2.60 12.08 -5.80
C GLU A 7 -1.73 11.57 -6.94
N ASP A 8 -0.58 10.99 -6.59
CA ASP A 8 0.35 10.46 -7.57
C ASP A 8 0.84 9.07 -7.16
N CYS A 9 1.69 8.49 -8.00
CA CYS A 9 2.23 7.16 -7.73
C CYS A 9 3.73 7.23 -7.43
N PRO A 10 4.07 7.64 -6.20
CA PRO A 10 5.46 7.77 -5.76
C PRO A 10 6.15 6.41 -5.61
N GLU A 11 7.46 6.43 -5.42
CA GLU A 11 8.23 5.21 -5.27
C GLU A 11 7.75 4.42 -4.05
N LEU A 12 8.14 3.14 -3.99
CA LEU A 12 7.75 2.28 -2.89
C LEU A 12 8.91 2.08 -1.92
N VAL A 13 8.67 1.29 -0.87
CA VAL A 13 9.70 1.01 0.12
C VAL A 13 9.63 -0.43 0.60
N PRO A 14 10.78 -0.99 0.97
CA PRO A 14 10.87 -2.37 1.46
C PRO A 14 10.24 -2.55 2.83
N ILE A 15 9.62 -3.71 3.06
CA ILE A 15 8.98 -3.99 4.33
C ILE A 15 10.01 -4.16 5.45
N GLU A 16 10.40 -3.05 6.06
CA GLU A 16 11.39 -3.07 7.13
C GLU A 16 10.71 -2.96 8.49
N THR A 17 9.81 -1.99 8.63
CA THR A 17 9.09 -1.77 9.87
C THR A 17 8.44 -3.07 10.36
N LYS A 18 8.50 -3.30 11.66
CA LYS A 18 7.91 -4.50 12.25
C LYS A 18 7.04 -4.14 13.46
N ASN A 19 5.83 -3.65 13.17
CA ASN A 19 4.90 -3.27 14.23
C ASN A 19 4.60 -4.44 15.15
N GLN A 20 4.19 -5.56 14.55
CA GLN A 20 3.88 -6.77 15.32
C GLN A 20 5.02 -7.78 15.24
N GLU A 21 4.96 -8.79 16.09
CA GLU A 21 5.99 -9.82 16.12
C GLU A 21 5.37 -11.21 15.96
N MET A 22 4.99 -11.55 14.74
CA MET A 22 4.40 -12.85 14.45
C MET A 22 5.41 -13.79 13.81
N ALA A 23 5.99 -14.68 14.61
CA ALA A 23 6.97 -15.63 14.12
C ALA A 23 6.35 -17.00 13.92
N ALA A 24 5.39 -17.10 13.00
CA ALA A 24 4.72 -18.36 12.72
C ALA A 24 4.99 -18.81 11.29
N VAL A 25 4.76 -17.92 10.33
CA VAL A 25 4.97 -18.24 8.93
C VAL A 25 5.22 -16.97 8.12
N GLU A 26 6.10 -17.07 7.12
CA GLU A 26 6.41 -15.93 6.27
C GLU A 26 5.92 -16.16 4.84
N THR A 27 4.63 -15.91 4.62
CA THR A 27 4.04 -16.09 3.30
C THR A 27 3.32 -14.83 2.84
N ARG A 28 4.00 -13.69 2.98
CA ARG A 28 3.43 -12.41 2.58
C ARG A 28 2.90 -12.47 1.15
N VAL A 29 1.75 -11.87 0.92
CA VAL A 29 1.14 -11.85 -0.41
C VAL A 29 0.73 -10.44 -0.81
N CYS A 30 0.74 -10.18 -2.11
CA CYS A 30 0.37 -8.86 -2.61
C CYS A 30 -1.01 -8.51 -2.06
N GLU A 31 -1.09 -7.33 -1.45
CA GLU A 31 -2.35 -6.85 -0.88
C GLU A 31 -3.48 -6.93 -1.89
N THR A 32 -3.15 -6.68 -3.15
CA THR A 32 -4.14 -6.73 -4.23
C THR A 32 -4.92 -8.04 -4.20
N ASP A 33 -6.19 -7.97 -4.57
CA ASP A 33 -7.04 -9.16 -4.60
C ASP A 33 -6.70 -10.05 -5.78
N GLY A 34 -6.36 -9.44 -6.90
CA GLY A 34 -6.00 -10.20 -8.09
C GLY A 34 -4.51 -10.40 -8.23
N CYS A 35 -3.83 -10.53 -7.09
CA CYS A 35 -2.38 -10.73 -7.09
C CYS A 35 -1.93 -11.48 -5.84
N SER A 36 -1.52 -12.73 -6.03
CA SER A 36 -1.07 -13.56 -4.92
C SER A 36 0.43 -13.81 -4.99
N SER A 37 1.18 -12.75 -5.28
CA SER A 37 2.63 -12.85 -5.39
C SER A 37 3.30 -12.48 -4.07
N GLU A 38 4.55 -12.89 -3.91
CA GLU A 38 5.31 -12.59 -2.69
C GLU A 38 5.39 -11.08 -2.46
N ALA A 39 4.81 -10.63 -1.35
CA ALA A 39 4.82 -9.22 -1.01
C ALA A 39 6.07 -8.85 -0.23
N LYS A 40 6.93 -8.06 -0.86
CA LYS A 40 8.17 -7.63 -0.21
C LYS A 40 8.15 -6.12 0.04
N LEU A 41 7.46 -5.39 -0.82
CA LEU A 41 7.38 -3.93 -0.68
C LEU A 41 6.18 -3.54 0.17
N GLN A 42 6.10 -2.27 0.53
CA GLN A 42 5.01 -1.77 1.35
C GLN A 42 4.54 -0.39 0.87
N CYS A 43 3.38 0.02 1.33
CA CYS A 43 2.84 1.32 0.93
C CYS A 43 3.32 2.37 1.95
N PRO A 44 3.96 3.42 1.42
CA PRO A 44 4.48 4.52 2.23
C PRO A 44 3.37 5.37 2.83
N THR A 45 2.43 5.79 2.00
CA THR A 45 1.31 6.61 2.44
C THR A 45 0.48 5.89 3.50
N CYS A 46 0.56 4.57 3.48
CA CYS A 46 -0.19 3.75 4.44
C CYS A 46 0.46 3.81 5.82
N ILE A 47 1.78 3.79 5.85
CA ILE A 47 2.52 3.83 7.11
C ILE A 47 2.20 5.11 7.88
N LYS A 48 2.04 6.21 7.16
CA LYS A 48 1.74 7.50 7.78
C LYS A 48 0.23 7.62 8.06
N LEU A 49 -0.58 7.16 7.12
CA LEU A 49 -2.03 7.20 7.27
C LEU A 49 -2.48 6.39 8.47
N GLY A 50 -1.87 5.22 8.65
CA GLY A 50 -2.22 4.36 9.76
C GLY A 50 -3.06 3.18 9.34
N ILE A 51 -2.76 2.63 8.16
CA ILE A 51 -3.50 1.48 7.64
C ILE A 51 -2.65 0.22 7.68
N GLN A 52 -3.29 -0.91 7.98
CA GLN A 52 -2.59 -2.19 8.06
C GLN A 52 -2.92 -3.05 6.85
N GLY A 53 -1.95 -3.84 6.40
CA GLY A 53 -2.15 -4.71 5.26
C GLY A 53 -1.92 -3.99 3.94
N SER A 54 -0.73 -3.42 3.77
CA SER A 54 -0.39 -2.71 2.55
C SER A 54 0.98 -3.12 2.03
N TYR A 55 1.11 -4.39 1.66
CA TYR A 55 2.37 -4.91 1.15
C TYR A 55 2.25 -5.31 -0.32
N PHE A 56 3.16 -4.78 -1.14
CA PHE A 56 3.14 -5.07 -2.57
C PHE A 56 4.21 -6.10 -2.91
N CYS A 57 4.12 -6.67 -4.12
CA CYS A 57 5.07 -7.66 -4.57
C CYS A 57 6.16 -7.03 -5.44
N SER A 58 5.80 -5.96 -6.14
CA SER A 58 6.74 -5.25 -7.00
C SER A 58 6.21 -3.87 -7.37
N GLN A 59 7.12 -2.99 -7.78
CA GLN A 59 6.74 -1.63 -8.16
C GLN A 59 5.84 -1.64 -9.40
N GLU A 60 6.24 -2.42 -10.41
CA GLU A 60 5.47 -2.52 -11.63
C GLU A 60 4.01 -2.82 -11.35
N CYS A 61 3.78 -3.78 -10.46
CA CYS A 61 2.43 -4.18 -10.09
C CYS A 61 1.77 -3.12 -9.20
N PHE A 62 2.58 -2.48 -8.37
CA PHE A 62 2.09 -1.45 -7.45
C PHE A 62 1.47 -0.29 -8.23
N LYS A 63 2.14 0.11 -9.31
CA LYS A 63 1.67 1.21 -10.15
C LYS A 63 0.24 0.96 -10.62
N GLY A 64 -0.03 -0.29 -11.03
CA GLY A 64 -1.35 -0.64 -11.50
C GLY A 64 -2.38 -0.69 -10.38
N SER A 65 -2.13 -1.57 -9.41
CA SER A 65 -3.05 -1.73 -8.28
C SER A 65 -3.29 -0.38 -7.59
N TRP A 66 -2.27 0.47 -7.61
CA TRP A 66 -2.37 1.79 -6.99
C TRP A 66 -3.64 2.50 -7.43
N ALA A 67 -4.04 2.28 -8.68
CA ALA A 67 -5.25 2.90 -9.20
C ALA A 67 -6.43 2.68 -8.28
N THR A 68 -6.47 1.52 -7.64
CA THR A 68 -7.56 1.19 -6.73
C THR A 68 -7.12 1.32 -5.27
N HIS A 69 -5.87 0.94 -5.00
CA HIS A 69 -5.33 1.03 -3.65
C HIS A 69 -5.56 2.41 -3.05
N LYS A 70 -5.29 3.44 -3.85
CA LYS A 70 -5.47 4.82 -3.40
C LYS A 70 -6.85 5.03 -2.80
N LEU A 71 -7.84 4.33 -3.36
CA LEU A 71 -9.22 4.43 -2.87
C LEU A 71 -9.31 4.00 -1.41
N LEU A 72 -8.52 3.00 -1.04
CA LEU A 72 -8.52 2.51 0.34
C LEU A 72 -8.14 3.61 1.32
N HIS A 73 -7.18 4.44 0.92
CA HIS A 73 -6.74 5.54 1.77
C HIS A 73 -7.91 6.42 2.19
N LYS A 74 -8.86 6.59 1.27
CA LYS A 74 -10.04 7.41 1.55
C LYS A 74 -11.30 6.54 1.64
N LYS A 75 -11.30 5.62 2.60
CA LYS A 75 -12.43 4.73 2.79
C LYS A 75 -13.03 4.90 4.19
N ALA A 76 -13.61 6.07 4.43
CA ALA A 76 -14.22 6.37 5.71
C ALA A 76 -15.28 7.45 5.59
N LYS A 77 -15.87 7.85 6.71
CA LYS A 77 -16.90 8.87 6.72
C LYS A 77 -16.28 10.28 6.75
N ASP A 78 -16.72 11.12 5.84
CA ASP A 78 -16.20 12.49 5.77
C ASP A 78 -17.36 13.49 5.68
N GLU A 79 -17.02 14.78 5.80
CA GLU A 79 -18.02 15.83 5.75
C GLU A 79 -18.20 16.34 4.32
N LYS A 80 -17.09 16.50 3.61
CA LYS A 80 -17.12 16.98 2.23
C LYS A 80 -16.47 15.97 1.30
N ALA A 1 -0.21 24.24 -9.53
CA ALA A 1 0.91 25.17 -9.36
C ALA A 1 1.80 24.74 -8.21
N GLU A 2 1.98 23.43 -8.07
CA GLU A 2 2.82 22.89 -7.00
C GLU A 2 2.36 23.38 -5.64
N GLU A 3 1.04 23.47 -5.47
CA GLU A 3 0.47 23.93 -4.21
C GLU A 3 0.21 22.75 -3.27
N GLU A 4 -0.39 21.70 -3.81
CA GLU A 4 -0.70 20.51 -3.02
C GLU A 4 -0.32 19.24 -3.77
N TYR A 5 0.24 18.28 -3.05
CA TYR A 5 0.66 17.01 -3.65
C TYR A 5 -0.49 16.36 -4.40
N ALA A 6 -0.34 16.25 -5.71
CA ALA A 6 -1.37 15.64 -6.56
C ALA A 6 -1.27 14.11 -6.51
N GLU A 7 -2.26 13.46 -7.10
CA GLU A 7 -2.29 12.00 -7.14
C GLU A 7 -1.19 11.44 -8.04
N ASP A 8 -0.12 10.96 -7.42
CA ASP A 8 1.00 10.40 -8.17
C ASP A 8 1.29 8.98 -7.72
N CYS A 9 2.01 8.23 -8.57
CA CYS A 9 2.35 6.84 -8.27
C CYS A 9 3.84 6.69 -8.02
N PRO A 10 4.29 7.11 -6.83
CA PRO A 10 5.71 7.02 -6.45
C PRO A 10 6.18 5.59 -6.24
N GLU A 11 7.38 5.44 -5.70
CA GLU A 11 7.94 4.11 -5.46
C GLU A 11 7.62 3.65 -4.04
N LEU A 12 7.02 2.46 -3.93
CA LEU A 12 6.66 1.90 -2.63
C LEU A 12 7.89 1.74 -1.75
N VAL A 13 7.69 1.22 -0.54
CA VAL A 13 8.78 1.02 0.40
C VAL A 13 8.71 -0.37 1.02
N PRO A 14 9.88 -0.88 1.47
CA PRO A 14 9.98 -2.20 2.10
C PRO A 14 9.32 -2.25 3.47
N ILE A 15 8.82 -3.41 3.85
CA ILE A 15 8.17 -3.58 5.14
C ILE A 15 9.19 -3.83 6.24
N GLU A 16 9.15 -2.99 7.27
CA GLU A 16 10.07 -3.12 8.40
C GLU A 16 10.05 -4.53 8.96
N THR A 17 11.25 -5.11 9.12
CA THR A 17 11.36 -6.47 9.65
C THR A 17 11.63 -6.45 11.15
N LYS A 18 10.65 -6.91 11.92
CA LYS A 18 10.77 -6.96 13.38
C LYS A 18 11.75 -8.05 13.81
N ASN A 19 11.32 -9.30 13.68
CA ASN A 19 12.16 -10.44 14.06
C ASN A 19 12.16 -11.49 12.96
N GLN A 20 13.33 -11.69 12.34
CA GLN A 20 13.46 -12.67 11.28
C GLN A 20 14.64 -13.61 11.54
N GLU A 21 14.49 -14.47 12.54
CA GLU A 21 15.54 -15.42 12.91
C GLU A 21 15.41 -16.70 12.08
N MET A 22 14.36 -17.46 12.32
CA MET A 22 14.13 -18.71 11.61
C MET A 22 12.72 -18.75 11.02
N ALA A 23 11.72 -18.74 11.90
CA ALA A 23 10.33 -18.78 11.48
C ALA A 23 9.96 -17.53 10.69
N ALA A 24 10.04 -17.60 9.37
CA ALA A 24 9.71 -16.48 8.51
C ALA A 24 8.21 -16.21 8.50
N VAL A 25 7.83 -14.99 8.85
CA VAL A 25 6.42 -14.60 8.88
C VAL A 25 5.73 -14.91 7.55
N GLU A 26 4.59 -15.57 7.64
CA GLU A 26 3.83 -15.93 6.44
C GLU A 26 2.37 -15.50 6.56
N THR A 27 2.15 -14.32 7.15
CA THR A 27 0.80 -13.80 7.33
C THR A 27 0.69 -12.39 6.78
N ARG A 28 1.10 -12.20 5.53
CA ARG A 28 1.04 -10.89 4.89
C ARG A 28 0.67 -11.04 3.41
N VAL A 29 -0.56 -10.69 3.08
CA VAL A 29 -1.04 -10.77 1.71
C VAL A 29 -1.11 -9.39 1.06
N CYS A 30 -1.01 -9.36 -0.26
CA CYS A 30 -1.06 -8.09 -0.98
C CYS A 30 -2.34 -7.36 -0.58
N GLU A 31 -2.21 -6.04 -0.44
CA GLU A 31 -3.34 -5.20 -0.05
C GLU A 31 -4.54 -5.48 -0.95
N THR A 32 -4.29 -5.70 -2.22
CA THR A 32 -5.35 -5.97 -3.18
C THR A 32 -6.11 -7.24 -2.82
N ASP A 33 -7.44 -7.18 -2.92
CA ASP A 33 -8.27 -8.34 -2.60
C ASP A 33 -7.89 -9.54 -3.46
N GLY A 34 -8.09 -9.41 -4.77
CA GLY A 34 -7.77 -10.50 -5.67
C GLY A 34 -6.35 -11.00 -5.49
N CYS A 35 -5.39 -10.08 -5.53
CA CYS A 35 -3.98 -10.44 -5.38
C CYS A 35 -3.76 -11.16 -4.05
N SER A 36 -3.63 -12.49 -4.12
CA SER A 36 -3.42 -13.29 -2.92
C SER A 36 -1.96 -13.75 -2.84
N SER A 37 -1.04 -12.80 -3.03
CA SER A 37 0.38 -13.10 -2.98
C SER A 37 1.01 -12.52 -1.71
N GLU A 38 2.25 -12.92 -1.43
CA GLU A 38 2.95 -12.45 -0.24
C GLU A 38 3.27 -10.96 -0.37
N ALA A 39 3.07 -10.22 0.72
CA ALA A 39 3.34 -8.79 0.74
C ALA A 39 4.67 -8.49 1.40
N LYS A 40 5.56 -7.82 0.66
CA LYS A 40 6.87 -7.47 1.17
C LYS A 40 7.02 -5.95 1.30
N LEU A 41 6.28 -5.22 0.47
CA LEU A 41 6.33 -3.76 0.50
C LEU A 41 5.10 -3.18 1.20
N GLN A 42 5.08 -1.87 1.36
CA GLN A 42 3.96 -1.20 2.02
C GLN A 42 3.69 0.15 1.37
N CYS A 43 2.53 0.71 1.66
CA CYS A 43 2.15 2.00 1.11
C CYS A 43 2.66 3.09 2.06
N PRO A 44 3.44 4.02 1.49
CA PRO A 44 4.01 5.14 2.24
C PRO A 44 2.97 6.16 2.67
N THR A 45 2.13 6.57 1.71
CA THR A 45 1.08 7.54 1.98
C THR A 45 0.11 7.01 3.02
N CYS A 46 0.01 5.69 3.13
CA CYS A 46 -0.88 5.05 4.09
C CYS A 46 -0.39 5.25 5.51
N ILE A 47 0.91 5.08 5.71
CA ILE A 47 1.52 5.24 7.03
C ILE A 47 1.28 6.64 7.57
N LYS A 48 1.16 7.61 6.67
CA LYS A 48 0.92 8.99 7.06
C LYS A 48 -0.57 9.25 7.27
N LEU A 49 -1.36 8.97 6.25
CA LEU A 49 -2.81 9.17 6.32
C LEU A 49 -3.38 8.51 7.57
N GLY A 50 -2.79 7.39 7.98
CA GLY A 50 -3.26 6.70 9.17
C GLY A 50 -3.65 5.26 8.87
N ILE A 51 -3.96 4.98 7.61
CA ILE A 51 -4.34 3.63 7.20
C ILE A 51 -3.24 2.63 7.50
N GLN A 52 -3.47 1.79 8.51
CA GLN A 52 -2.49 0.78 8.90
C GLN A 52 -2.49 -0.39 7.91
N GLY A 53 -1.32 -1.01 7.73
CA GLY A 53 -1.21 -2.12 6.81
C GLY A 53 -0.79 -1.71 5.42
N SER A 54 -1.67 -1.90 4.45
CA SER A 54 -1.37 -1.54 3.06
C SER A 54 -0.05 -2.16 2.61
N TYR A 55 0.05 -3.47 2.73
CA TYR A 55 1.26 -4.18 2.33
C TYR A 55 1.12 -4.76 0.93
N PHE A 56 1.99 -4.32 0.02
CA PHE A 56 1.97 -4.79 -1.35
C PHE A 56 2.95 -5.94 -1.55
N CYS A 57 2.85 -6.60 -2.70
CA CYS A 57 3.73 -7.73 -3.01
C CYS A 57 4.86 -7.29 -3.93
N SER A 58 4.59 -6.30 -4.77
CA SER A 58 5.59 -5.79 -5.70
C SER A 58 5.13 -4.48 -6.34
N GLN A 59 6.08 -3.73 -6.89
CA GLN A 59 5.76 -2.45 -7.53
C GLN A 59 4.94 -2.68 -8.79
N GLU A 60 5.36 -3.64 -9.62
CA GLU A 60 4.66 -3.94 -10.86
C GLU A 60 3.17 -4.14 -10.61
N CYS A 61 2.83 -4.64 -9.43
CA CYS A 61 1.44 -4.88 -9.06
C CYS A 61 0.84 -3.65 -8.39
N PHE A 62 1.67 -2.94 -7.62
CA PHE A 62 1.22 -1.74 -6.92
C PHE A 62 0.82 -0.65 -7.90
N LYS A 63 1.65 -0.46 -8.93
CA LYS A 63 1.38 0.56 -9.95
C LYS A 63 -0.03 0.40 -10.52
N GLY A 64 -0.44 -0.84 -10.74
CA GLY A 64 -1.76 -1.10 -11.29
C GLY A 64 -2.86 -0.91 -10.25
N SER A 65 -2.76 -1.63 -9.15
CA SER A 65 -3.74 -1.54 -8.08
C SER A 65 -3.91 -0.10 -7.61
N TRP A 66 -2.84 0.68 -7.74
CA TRP A 66 -2.87 2.08 -7.33
C TRP A 66 -4.11 2.79 -7.90
N ALA A 67 -4.52 2.38 -9.09
CA ALA A 67 -5.69 2.97 -9.73
C ALA A 67 -6.88 2.99 -8.80
N THR A 68 -7.01 1.94 -7.98
CA THR A 68 -8.12 1.83 -7.03
C THR A 68 -7.65 2.13 -5.61
N HIS A 69 -6.48 1.63 -5.26
CA HIS A 69 -5.92 1.84 -3.93
C HIS A 69 -5.97 3.32 -3.55
N LYS A 70 -5.53 4.18 -4.47
CA LYS A 70 -5.52 5.61 -4.24
C LYS A 70 -6.88 6.10 -3.78
N LEU A 71 -7.94 5.47 -4.30
CA LEU A 71 -9.30 5.84 -3.95
C LEU A 71 -9.55 5.62 -2.47
N LEU A 72 -8.95 4.58 -1.90
CA LEU A 72 -9.11 4.26 -0.50
C LEU A 72 -8.65 5.43 0.38
N HIS A 73 -7.56 6.07 -0.04
CA HIS A 73 -7.01 7.20 0.71
C HIS A 73 -8.10 8.24 0.99
N LYS A 74 -9.00 8.41 0.03
CA LYS A 74 -10.10 9.37 0.17
C LYS A 74 -11.22 8.81 1.03
N LYS A 75 -10.94 8.67 2.32
CA LYS A 75 -11.92 8.14 3.27
C LYS A 75 -13.17 9.02 3.29
N ALA A 76 -12.97 10.33 3.16
CA ALA A 76 -14.08 11.27 3.17
C ALA A 76 -15.09 10.93 2.08
N LYS A 77 -16.36 10.87 2.46
CA LYS A 77 -17.44 10.55 1.52
C LYS A 77 -17.83 11.79 0.73
N ASP A 78 -18.07 11.60 -0.56
CA ASP A 78 -18.47 12.70 -1.43
C ASP A 78 -19.74 12.35 -2.21
N GLU A 79 -20.84 12.23 -1.50
CA GLU A 79 -22.12 11.90 -2.12
C GLU A 79 -22.62 13.05 -2.99
N LYS A 80 -23.75 12.84 -3.65
CA LYS A 80 -24.33 13.85 -4.52
C LYS A 80 -25.49 14.57 -3.83
#